data_8JGV
#
_entry.id   8JGV
#
_cell.length_a   1.00
_cell.length_b   1.00
_cell.length_c   1.00
_cell.angle_alpha   90.00
_cell.angle_beta   90.00
_cell.angle_gamma   90.00
#
_symmetry.space_group_name_H-M   'P 1'
#
loop_
_entity.id
_entity.type
_entity.pdbx_description
1 polymer 'H(+)/Cl(-) exchange transporter 3'
2 non-polymer "ADENOSINE-5'-TRIPHOSPHATE"
#
_entity_poly.entity_id   1
_entity_poly.type   'polypeptide(L)'
_entity_poly.pdbx_seq_one_letter_code
;MESEQLFHRGYYRNSYNSITSASSDEELLDGAGAIMDFQTSEDDNLLDGDTAAGTHYTMTNGGSINSSTHLLDLLDEPIP
GVGTYDDFHTIDWVREKCKDRERHRRINSKKKESAWEMTKSLYDAWSGWLVVTLTGLASGALAGLIDIAADWMTDLKEGI
CLSALWYNHEQCCWGSNETTFEERDKCPQWKTWAELIIGQAEGPGSYIMNYIMYIFWALSFAFLAVSLVKVFAPYACGSG
IPEIKTILSGFIIRGYLGKWTLMIKTITLVLAVASGLSLGKEGPLVHVACCCGNIFSYLFPKYSTNEAKKREVLSAASAA
GVSVAFGAPIGGVLFSLEEVSYYFPLKTLWRSFFAALVAAFVLRSINPFGNSRLVLFYVEYHTPWYLFELFPFILLGVFG
GLWGAFFIRANIAWCRRRKSTKFGKYPVLEVIIVAAITAVIAFPNPYTRLNTSELIKELFTDCGPLESSSLCDYRNDMNA
SKIVDDIPDRPAGVGVYSAIWQLCLALIFKIIMTVFTFGIKVPSGLFIPSMAIGAIAGRIVGIAVEQLAYYHHDWFIFKE
WCEVGADCITPGLYAMVGAAACLGGVTRMTVSLVVIVFELTGGLEYTVPLMAAVMTSKWVGDAFGREGIYEAHIRLNGYP
FLDAKEEFTHTTLAADVMRPRRSDPPLAVLTQDNMTVDDIENMINETSYNGFPVIMSKESQRLVGFALRRDLTIAIESAR
KKQEGIVGSSRVCFAQHTPSLPAESPRPLKLRSILDMSPFTVTDHTPMEIVVDIFRKLGLRQCLVTHNGRLLGIITKKDI
LRHMAQTANQDPASIMFN
;
_entity_poly.pdbx_strand_id   A,B
#
loop_
_chem_comp.id
_chem_comp.type
_chem_comp.name
_chem_comp.formula
ATP non-polymer ADENOSINE-5'-TRIPHOSPHATE 'C10 H16 N5 O13 P3'
#
# COMPACT_ATOMS: atom_id res chain seq x y z
N THR A 84 15.39 24.71 -13.04
CA THR A 84 14.99 24.66 -11.64
C THR A 84 13.66 25.40 -11.46
N TYR A 85 13.24 25.57 -10.20
CA TYR A 85 11.97 26.20 -9.89
C TYR A 85 12.15 27.31 -8.87
N ASP A 86 11.22 28.26 -8.88
CA ASP A 86 11.24 29.37 -7.96
C ASP A 86 10.52 28.99 -6.66
N ASP A 87 10.70 29.82 -5.64
CA ASP A 87 10.11 29.55 -4.34
C ASP A 87 8.59 29.50 -4.43
N PHE A 88 7.99 28.59 -3.67
CA PHE A 88 6.54 28.48 -3.57
C PHE A 88 5.90 28.19 -4.93
N HIS A 89 6.63 27.52 -5.81
CA HIS A 89 6.14 27.17 -7.13
C HIS A 89 6.04 25.66 -7.26
N THR A 90 5.06 25.22 -8.05
CA THR A 90 4.75 23.81 -8.18
C THR A 90 5.79 23.12 -9.07
N ILE A 91 5.78 21.79 -9.04
CA ILE A 91 6.68 20.96 -9.82
C ILE A 91 5.88 20.33 -10.96
N ASP A 92 6.34 20.51 -12.19
CA ASP A 92 5.73 19.88 -13.34
C ASP A 92 6.36 18.51 -13.49
N TRP A 93 5.58 17.47 -13.19
CA TRP A 93 6.16 16.13 -13.07
C TRP A 93 6.65 15.60 -14.40
N VAL A 94 5.95 15.93 -15.49
CA VAL A 94 6.32 15.38 -16.80
C VAL A 94 7.65 15.95 -17.27
N ARG A 95 7.89 17.25 -17.06
CA ARG A 95 9.16 17.82 -17.48
C ARG A 95 10.32 17.21 -16.71
N GLU A 96 10.13 16.99 -15.41
CA GLU A 96 11.16 16.36 -14.59
C GLU A 96 11.41 14.93 -15.06
N LYS A 97 10.34 14.19 -15.38
CA LYS A 97 10.52 12.83 -15.88
C LYS A 97 11.29 12.83 -17.18
N CYS A 98 10.95 13.74 -18.10
CA CYS A 98 11.67 13.83 -19.36
C CYS A 98 13.14 14.13 -19.11
N LYS A 99 13.43 15.14 -18.30
CA LYS A 99 14.82 15.48 -17.98
C LYS A 99 15.56 14.28 -17.42
N ASP A 100 14.91 13.54 -16.52
CA ASP A 100 15.52 12.33 -15.98
C ASP A 100 15.81 11.34 -17.10
N ARG A 101 14.93 11.26 -18.10
CA ARG A 101 15.17 10.35 -19.21
C ARG A 101 16.37 10.77 -20.04
N GLU A 102 16.52 12.07 -20.33
CA GLU A 102 17.72 12.50 -21.05
C GLU A 102 18.97 12.25 -20.21
N ARG A 103 18.88 12.45 -18.90
CA ARG A 103 20.04 12.15 -18.05
C ARG A 103 20.40 10.67 -18.14
N HIS A 104 19.39 9.79 -18.13
CA HIS A 104 19.65 8.36 -18.28
C HIS A 104 20.31 8.06 -19.62
N ARG A 105 19.83 8.70 -20.69
CA ARG A 105 20.40 8.48 -22.01
C ARG A 105 21.86 8.92 -22.05
N ARG A 106 22.15 10.09 -21.50
CA ARG A 106 23.53 10.57 -21.48
C ARG A 106 24.42 9.66 -20.65
N ILE A 107 23.92 9.17 -19.52
CA ILE A 107 24.70 8.26 -18.69
C ILE A 107 24.99 6.98 -19.46
N ASN A 108 24.01 6.45 -20.16
CA ASN A 108 24.24 5.25 -20.96
C ASN A 108 25.26 5.50 -22.06
N SER A 109 25.22 6.70 -22.67
CA SER A 109 26.21 7.04 -23.68
C SER A 109 27.62 7.05 -23.09
N LYS A 110 27.77 7.69 -21.92
CA LYS A 110 29.09 7.69 -21.26
C LYS A 110 29.49 6.29 -20.79
N LYS A 111 28.52 5.41 -20.57
CA LYS A 111 28.81 4.09 -20.01
C LYS A 111 29.72 3.28 -20.93
N LYS A 112 29.44 3.29 -22.23
CA LYS A 112 30.23 2.50 -23.17
C LYS A 112 31.65 3.02 -23.33
N GLU A 113 31.95 4.22 -22.82
CA GLU A 113 33.26 4.80 -23.05
C GLU A 113 34.37 3.94 -22.45
N SER A 114 34.17 3.43 -21.23
CA SER A 114 35.20 2.64 -20.58
C SER A 114 34.55 1.78 -19.49
N ALA A 115 35.32 0.78 -19.03
CA ALA A 115 34.85 -0.05 -17.94
C ALA A 115 34.68 0.77 -16.66
N TRP A 116 35.58 1.71 -16.41
CA TRP A 116 35.42 2.60 -15.27
C TRP A 116 34.13 3.39 -15.39
N GLU A 117 33.75 3.76 -16.62
CA GLU A 117 32.47 4.42 -16.83
C GLU A 117 31.30 3.46 -16.58
N MET A 118 31.48 2.17 -16.87
CA MET A 118 30.47 1.19 -16.49
C MET A 118 30.31 1.14 -14.96
N THR A 119 31.42 1.17 -14.24
CA THR A 119 31.36 1.20 -12.79
C THR A 119 30.67 2.47 -12.30
N LYS A 120 30.95 3.60 -12.94
CA LYS A 120 30.31 4.85 -12.56
C LYS A 120 28.81 4.80 -12.82
N SER A 121 28.40 4.20 -13.94
CA SER A 121 26.98 4.05 -14.21
C SER A 121 26.31 3.14 -13.18
N LEU A 122 27.00 2.07 -12.78
CA LEU A 122 26.46 1.22 -11.72
C LEU A 122 26.32 1.98 -10.42
N TYR A 123 27.30 2.83 -10.10
CA TYR A 123 27.19 3.67 -8.91
C TYR A 123 26.01 4.62 -9.02
N ASP A 124 25.80 5.19 -10.20
CA ASP A 124 24.66 6.08 -10.41
C ASP A 124 23.35 5.34 -10.22
N ALA A 125 23.29 4.08 -10.65
CA ALA A 125 22.11 3.26 -10.40
C ALA A 125 21.90 3.04 -8.92
N TRP A 126 22.98 2.69 -8.20
CA TRP A 126 22.88 2.44 -6.77
C TRP A 126 22.55 3.71 -5.98
N SER A 127 22.79 4.88 -6.58
CA SER A 127 22.55 6.15 -5.91
C SER A 127 21.26 6.16 -5.09
N GLY A 128 20.18 5.63 -5.65
CA GLY A 128 18.91 5.65 -4.92
C GLY A 128 18.95 4.84 -3.65
N TRP A 129 19.49 3.63 -3.73
CA TRP A 129 19.64 2.80 -2.55
C TRP A 129 20.54 3.47 -1.53
N LEU A 130 21.62 4.10 -1.99
CA LEU A 130 22.54 4.77 -1.06
C LEU A 130 21.87 5.94 -0.36
N VAL A 131 21.11 6.75 -1.09
CA VAL A 131 20.47 7.91 -0.49
C VAL A 131 19.41 7.47 0.52
N VAL A 132 18.61 6.46 0.18
CA VAL A 132 17.62 5.99 1.13
C VAL A 132 18.30 5.34 2.34
N THR A 133 19.44 4.67 2.13
CA THR A 133 20.18 4.09 3.24
C THR A 133 20.67 5.17 4.19
N LEU A 134 21.27 6.23 3.65
CA LEU A 134 21.73 7.33 4.50
C LEU A 134 20.56 7.97 5.22
N THR A 135 19.44 8.15 4.53
CA THR A 135 18.25 8.71 5.16
C THR A 135 17.79 7.84 6.32
N GLY A 136 17.78 6.53 6.14
CA GLY A 136 17.37 5.64 7.22
C GLY A 136 18.32 5.71 8.41
N LEU A 137 19.62 5.70 8.14
CA LEU A 137 20.59 5.78 9.24
C LEU A 137 20.40 7.09 10.00
N ALA A 138 20.26 8.19 9.28
CA ALA A 138 20.10 9.50 9.92
C ALA A 138 18.81 9.56 10.72
N SER A 139 17.70 9.06 10.15
CA SER A 139 16.44 9.07 10.87
C SER A 139 16.51 8.24 12.14
N GLY A 140 17.15 7.07 12.07
CA GLY A 140 17.32 6.27 13.26
C GLY A 140 18.11 6.99 14.33
N ALA A 141 19.25 7.57 13.93
CA ALA A 141 20.10 8.27 14.89
C ALA A 141 19.35 9.44 15.51
N LEU A 142 18.66 10.23 14.70
CA LEU A 142 18.00 11.42 15.21
C LEU A 142 16.79 11.07 16.07
N ALA A 143 16.03 10.05 15.69
CA ALA A 143 14.93 9.62 16.53
C ALA A 143 15.44 9.13 17.88
N GLY A 144 16.54 8.36 17.88
CA GLY A 144 17.10 7.92 19.15
C GLY A 144 17.57 9.07 20.01
N LEU A 145 18.30 10.01 19.42
CA LEU A 145 18.78 11.16 20.18
C LEU A 145 17.62 11.97 20.72
N ILE A 146 16.58 12.17 19.91
CA ILE A 146 15.43 12.95 20.35
C ILE A 146 14.72 12.23 21.49
N ASP A 147 14.57 10.91 21.40
CA ASP A 147 13.94 10.19 22.49
C ASP A 147 14.73 10.35 23.78
N ILE A 148 16.06 10.16 23.71
CA ILE A 148 16.88 10.25 24.91
C ILE A 148 16.77 11.64 25.52
N ALA A 149 16.97 12.68 24.70
CA ALA A 149 16.97 14.04 25.21
C ALA A 149 15.60 14.43 25.74
N ALA A 150 14.53 14.07 25.02
CA ALA A 150 13.18 14.41 25.45
C ALA A 150 12.83 13.75 26.76
N ASP A 151 13.19 12.46 26.91
CA ASP A 151 12.94 11.79 28.19
C ASP A 151 13.72 12.46 29.31
N TRP A 152 14.98 12.78 29.06
CA TRP A 152 15.80 13.41 30.09
C TRP A 152 15.18 14.73 30.53
N MET A 153 14.82 15.59 29.59
CA MET A 153 14.29 16.90 29.96
C MET A 153 12.86 16.85 30.46
N THR A 154 12.10 15.82 30.10
CA THR A 154 10.77 15.64 30.69
C THR A 154 10.90 15.27 32.16
N ASP A 155 11.76 14.29 32.46
CA ASP A 155 11.98 13.92 33.85
C ASP A 155 12.68 15.03 34.64
N LEU A 156 13.40 15.92 33.96
CA LEU A 156 14.02 17.05 34.66
C LEU A 156 12.99 17.93 35.33
N LYS A 157 11.72 17.84 34.95
CA LYS A 157 10.69 18.64 35.58
C LYS A 157 10.36 18.18 36.98
N GLU A 158 10.63 16.92 37.32
CA GLU A 158 10.37 16.43 38.67
C GLU A 158 11.61 16.35 39.55
N GLY A 159 12.81 16.39 38.98
CA GLY A 159 14.00 16.37 39.80
C GLY A 159 15.22 16.01 38.97
N ILE A 160 16.30 15.70 39.68
CA ILE A 160 17.58 15.34 39.06
C ILE A 160 18.16 14.13 39.78
N CYS A 161 19.07 13.45 39.10
CA CYS A 161 19.78 12.30 39.66
C CYS A 161 21.12 12.74 40.20
N LEU A 162 21.45 12.30 41.41
CA LEU A 162 22.70 12.70 42.05
C LEU A 162 23.87 11.87 41.57
N SER A 163 23.67 10.54 41.44
CA SER A 163 24.77 9.68 41.00
C SER A 163 25.31 10.12 39.65
N ALA A 164 24.48 10.03 38.61
CA ALA A 164 24.83 10.47 37.26
C ALA A 164 23.77 11.46 36.81
N LEU A 165 24.14 12.74 36.74
CA LEU A 165 23.17 13.77 36.40
C LEU A 165 22.55 13.55 35.03
N TRP A 166 23.25 12.86 34.13
CA TRP A 166 22.78 12.62 32.78
C TRP A 166 21.84 11.43 32.66
N TYR A 167 21.23 11.00 33.77
CA TYR A 167 20.25 9.93 33.76
C TYR A 167 18.87 10.49 34.09
N ASN A 168 17.85 9.96 33.43
CA ASN A 168 16.48 10.34 33.74
C ASN A 168 15.99 9.52 34.93
N HIS A 169 14.70 9.69 35.28
CA HIS A 169 14.18 9.05 36.49
C HIS A 169 14.35 7.54 36.42
N GLU A 170 13.87 6.92 35.34
CA GLU A 170 13.98 5.46 35.22
C GLU A 170 15.43 5.03 35.16
N GLN A 171 16.26 5.76 34.41
CA GLN A 171 17.66 5.35 34.26
C GLN A 171 18.37 5.28 35.60
N CYS A 172 17.91 6.04 36.59
CA CYS A 172 18.51 5.99 37.92
C CYS A 172 17.76 5.11 38.90
N CYS A 173 16.49 4.82 38.65
CA CYS A 173 15.75 3.95 39.55
C CYS A 173 16.38 2.55 39.59
N TRP A 174 16.70 1.98 38.43
CA TRP A 174 17.29 0.66 38.37
C TRP A 174 18.81 0.69 38.25
N GLY A 175 19.42 1.87 38.19
CA GLY A 175 20.85 1.97 38.01
C GLY A 175 21.60 2.13 39.32
N LYS A 186 12.20 3.50 47.13
CA LYS A 186 12.73 4.68 47.80
C LYS A 186 13.51 5.56 46.83
N CYS A 187 14.39 4.93 46.05
CA CYS A 187 15.17 5.62 45.03
C CYS A 187 15.93 6.80 45.64
N PRO A 188 16.91 6.52 46.50
CA PRO A 188 17.66 7.63 47.12
C PRO A 188 18.40 8.50 46.12
N GLN A 189 18.83 7.93 44.99
CA GLN A 189 19.61 8.70 44.04
C GLN A 189 18.80 9.87 43.48
N TRP A 190 17.60 9.61 42.99
CA TRP A 190 16.75 10.67 42.45
C TRP A 190 16.32 11.62 43.56
N LYS A 191 16.38 12.91 43.27
CA LYS A 191 15.98 13.94 44.23
C LYS A 191 15.13 14.96 43.52
N THR A 192 13.92 15.19 44.04
CA THR A 192 12.99 16.13 43.44
C THR A 192 13.39 17.56 43.81
N TRP A 193 12.75 18.52 43.14
CA TRP A 193 13.07 19.93 43.41
C TRP A 193 12.59 20.35 44.79
N ALA A 194 11.50 19.76 45.28
CA ALA A 194 11.11 20.00 46.66
C ALA A 194 12.17 19.49 47.62
N GLU A 195 12.77 18.33 47.31
CA GLU A 195 13.85 17.82 48.13
C GLU A 195 15.08 18.73 48.07
N LEU A 196 15.41 19.24 46.88
CA LEU A 196 16.62 20.03 46.74
C LEU A 196 16.47 21.40 47.38
N ILE A 197 15.27 21.98 47.31
CA ILE A 197 15.05 23.34 47.77
C ILE A 197 14.53 23.34 49.20
N ILE A 198 13.39 22.71 49.43
CA ILE A 198 12.79 22.72 50.76
C ILE A 198 13.47 21.69 51.67
N GLY A 199 13.99 20.60 51.09
CA GLY A 199 14.69 19.61 51.87
C GLY A 199 13.84 18.48 52.41
N GLN A 200 12.52 18.56 52.30
CA GLN A 200 11.63 17.51 52.79
C GLN A 200 10.82 16.98 51.61
N ALA A 201 10.86 15.66 51.41
CA ALA A 201 10.27 15.08 50.22
C ALA A 201 8.75 15.26 50.18
N GLU A 202 8.08 15.04 51.31
CA GLU A 202 6.63 15.07 51.37
C GLU A 202 6.16 16.14 52.34
N GLY A 203 4.89 16.51 52.22
CA GLY A 203 4.29 17.55 53.02
C GLY A 203 3.71 18.63 52.14
N PRO A 204 2.85 19.48 52.70
CA PRO A 204 2.29 20.57 51.88
C PRO A 204 3.36 21.44 51.25
N GLY A 205 4.43 21.74 52.00
CA GLY A 205 5.50 22.54 51.44
C GLY A 205 6.15 21.88 50.24
N SER A 206 6.43 20.58 50.35
CA SER A 206 7.04 19.87 49.23
C SER A 206 6.13 19.83 48.03
N TYR A 207 4.83 19.58 48.24
CA TYR A 207 3.91 19.53 47.12
C TYR A 207 3.81 20.88 46.44
N ILE A 208 3.73 21.96 47.21
CA ILE A 208 3.65 23.29 46.61
C ILE A 208 4.93 23.61 45.85
N MET A 209 6.09 23.29 46.42
CA MET A 209 7.34 23.56 45.72
C MET A 209 7.46 22.75 44.43
N ASN A 210 7.04 21.48 44.45
CA ASN A 210 7.06 20.68 43.23
C ASN A 210 6.10 21.24 42.20
N TYR A 211 4.91 21.67 42.63
CA TYR A 211 3.95 22.30 41.73
C TYR A 211 4.56 23.52 41.05
N ILE A 212 5.17 24.41 41.85
CA ILE A 212 5.77 25.62 41.32
C ILE A 212 6.91 25.29 40.37
N MET A 213 7.76 24.34 40.73
CA MET A 213 8.92 24.03 39.90
C MET A 213 8.52 23.33 38.62
N TYR A 214 7.52 22.45 38.68
CA TYR A 214 6.99 21.82 37.47
C TYR A 214 6.45 22.89 36.52
N ILE A 215 5.66 23.83 37.05
CA ILE A 215 5.14 24.89 36.20
C ILE A 215 6.29 25.72 35.62
N PHE A 216 7.28 26.05 36.46
CA PHE A 216 8.38 26.89 36.00
C PHE A 216 9.17 26.21 34.89
N TRP A 217 9.44 24.91 35.02
CA TRP A 217 10.20 24.21 34.00
C TRP A 217 9.38 24.01 32.73
N ALA A 218 8.07 23.78 32.86
CA ALA A 218 7.23 23.74 31.67
C ALA A 218 7.27 25.07 30.92
N LEU A 219 7.16 26.18 31.66
CA LEU A 219 7.27 27.48 31.04
C LEU A 219 8.64 27.68 30.39
N SER A 220 9.71 27.24 31.06
CA SER A 220 11.06 27.44 30.52
C SER A 220 11.24 26.68 29.21
N PHE A 221 10.85 25.40 29.19
CA PHE A 221 10.98 24.61 27.98
C PHE A 221 10.11 25.16 26.86
N ALA A 222 8.87 25.54 27.17
CA ALA A 222 8.00 26.11 26.15
C ALA A 222 8.59 27.42 25.61
N PHE A 223 9.12 28.26 26.52
CA PHE A 223 9.72 29.52 26.10
C PHE A 223 10.90 29.27 25.17
N LEU A 224 11.78 28.35 25.54
CA LEU A 224 12.94 28.09 24.71
C LEU A 224 12.52 27.54 23.35
N ALA A 225 11.56 26.62 23.32
CA ALA A 225 11.13 26.06 22.05
C ALA A 225 10.54 27.14 21.15
N VAL A 226 9.58 27.91 21.67
CA VAL A 226 8.92 28.92 20.84
C VAL A 226 9.92 29.98 20.40
N SER A 227 10.82 30.40 21.29
CA SER A 227 11.78 31.43 20.96
C SER A 227 12.76 30.95 19.89
N LEU A 228 13.29 29.74 20.03
CA LEU A 228 14.20 29.22 19.03
C LEU A 228 13.51 29.08 17.68
N VAL A 229 12.27 28.56 17.67
CA VAL A 229 11.55 28.45 16.40
C VAL A 229 11.34 29.84 15.79
N LYS A 230 10.90 30.79 16.60
CA LYS A 230 10.57 32.12 16.08
C LYS A 230 11.80 32.81 15.52
N VAL A 231 12.96 32.60 16.14
CA VAL A 231 14.16 33.32 15.74
C VAL A 231 14.86 32.61 14.59
N PHE A 232 15.20 31.33 14.77
CA PHE A 232 16.14 30.66 13.88
C PHE A 232 15.47 29.87 12.76
N ALA A 233 14.25 29.37 12.96
CA ALA A 233 13.60 28.58 11.92
C ALA A 233 12.10 28.53 12.13
N PRO A 234 11.34 29.51 11.62
CA PRO A 234 9.89 29.48 11.82
C PRO A 234 9.21 28.28 11.20
N TYR A 235 9.85 27.59 10.25
CA TYR A 235 9.26 26.42 9.61
C TYR A 235 9.23 25.21 10.53
N ALA A 236 9.89 25.25 11.67
CA ALA A 236 9.96 24.10 12.57
C ALA A 236 8.71 23.94 13.42
N CYS A 237 7.76 24.87 13.34
CA CYS A 237 6.54 24.75 14.11
C CYS A 237 5.63 23.67 13.52
N GLY A 238 4.60 23.32 14.29
CA GLY A 238 3.62 22.35 13.85
C GLY A 238 4.19 20.96 13.63
N SER A 239 3.33 19.97 13.41
CA SER A 239 3.81 18.63 13.13
C SER A 239 4.60 18.61 11.83
N GLY A 240 4.13 19.33 10.82
CA GLY A 240 4.80 19.44 9.56
C GLY A 240 4.24 18.54 8.48
N ILE A 241 3.52 17.48 8.85
CA ILE A 241 2.96 16.57 7.85
C ILE A 241 2.06 17.30 6.87
N PRO A 242 1.23 18.26 7.29
CA PRO A 242 0.41 18.97 6.29
C PRO A 242 1.23 19.60 5.19
N GLU A 243 2.48 19.96 5.47
CA GLU A 243 3.33 20.60 4.47
C GLU A 243 4.15 19.60 3.66
N ILE A 244 4.58 18.49 4.25
CA ILE A 244 5.22 17.46 3.42
C ILE A 244 4.20 16.81 2.51
N LYS A 245 2.91 16.82 2.89
CA LYS A 245 1.88 16.39 1.97
C LYS A 245 1.88 17.25 0.71
N THR A 246 2.04 18.56 0.89
CA THR A 246 2.06 19.48 -0.24
C THR A 246 3.38 19.41 -1.00
N ILE A 247 4.48 19.16 -0.30
CA ILE A 247 5.79 19.07 -0.94
C ILE A 247 5.88 17.81 -1.79
N LEU A 248 5.30 16.71 -1.32
CA LEU A 248 5.24 15.48 -2.09
C LEU A 248 4.20 15.55 -3.19
N SER A 249 3.28 16.51 -3.13
CA SER A 249 2.34 16.75 -4.22
C SER A 249 3.00 17.47 -5.39
N GLY A 250 4.21 17.99 -5.22
CA GLY A 250 4.89 18.75 -6.24
C GLY A 250 5.13 20.20 -5.88
N PHE A 251 4.63 20.67 -4.75
CA PHE A 251 4.87 22.04 -4.34
C PHE A 251 6.30 22.19 -3.84
N ILE A 252 6.74 23.44 -3.71
CA ILE A 252 8.08 23.76 -3.26
C ILE A 252 8.00 24.76 -2.13
N ILE A 253 8.68 24.45 -1.03
CA ILE A 253 8.87 25.37 0.08
C ILE A 253 10.37 25.36 0.36
N ARG A 254 11.04 26.47 0.04
CA ARG A 254 12.48 26.41 -0.18
C ARG A 254 13.23 25.99 1.07
N GLY A 255 12.98 26.66 2.20
CA GLY A 255 13.70 26.35 3.41
C GLY A 255 13.06 25.34 4.31
N TYR A 256 11.94 24.74 3.90
CA TYR A 256 11.14 23.93 4.81
C TYR A 256 11.89 22.69 5.27
N LEU A 257 12.63 22.04 4.38
CA LEU A 257 13.35 20.81 4.71
C LEU A 257 14.86 21.01 4.63
N GLY A 258 15.34 22.17 5.08
CA GLY A 258 16.75 22.50 5.07
C GLY A 258 17.44 22.04 6.33
N LYS A 259 18.69 22.48 6.47
CA LYS A 259 19.48 22.13 7.66
C LYS A 259 19.04 22.92 8.88
N TRP A 260 18.74 24.20 8.71
CA TRP A 260 18.31 25.02 9.84
C TRP A 260 16.97 24.53 10.39
N THR A 261 16.02 24.21 9.51
CA THR A 261 14.76 23.66 9.97
C THR A 261 14.97 22.33 10.67
N LEU A 262 15.86 21.50 10.14
CA LEU A 262 16.15 20.21 10.79
C LEU A 262 16.69 20.41 12.19
N MET A 263 17.73 21.24 12.33
CA MET A 263 18.35 21.47 13.63
C MET A 263 17.36 22.05 14.63
N ILE A 264 16.69 23.13 14.23
CA ILE A 264 15.81 23.81 15.17
C ILE A 264 14.60 22.95 15.49
N LYS A 265 14.10 22.18 14.51
CA LYS A 265 12.98 21.30 14.82
C LYS A 265 13.40 20.21 15.79
N THR A 266 14.58 19.63 15.62
CA THR A 266 15.03 18.63 16.59
C THR A 266 15.10 19.24 18.00
N ILE A 267 15.79 20.37 18.14
CA ILE A 267 15.98 20.96 19.46
C ILE A 267 14.63 21.36 20.05
N THR A 268 13.84 22.12 19.29
CA THR A 268 12.58 22.64 19.80
C THR A 268 11.53 21.55 19.97
N LEU A 269 11.68 20.42 19.27
CA LEU A 269 10.79 19.30 19.47
C LEU A 269 11.09 18.60 20.78
N VAL A 270 12.38 18.42 21.10
CA VAL A 270 12.75 17.94 22.42
C VAL A 270 12.21 18.87 23.50
N LEU A 271 12.40 20.18 23.29
CA LEU A 271 11.95 21.16 24.29
C LEU A 271 10.44 21.12 24.47
N ALA A 272 9.69 21.11 23.37
CA ALA A 272 8.24 21.09 23.43
C ALA A 272 7.73 19.81 24.08
N VAL A 273 8.35 18.67 23.75
CA VAL A 273 7.95 17.41 24.38
C VAL A 273 8.17 17.50 25.88
N ALA A 274 9.34 18.00 26.29
CA ALA A 274 9.64 18.11 27.71
C ALA A 274 8.86 19.22 28.40
N SER A 275 8.25 20.13 27.65
CA SER A 275 7.50 21.23 28.24
C SER A 275 6.17 20.78 28.81
N GLY A 276 5.76 19.54 28.57
CA GLY A 276 4.48 19.07 29.04
C GLY A 276 3.30 19.47 28.19
N LEU A 277 3.54 20.07 27.03
CA LEU A 277 2.45 20.46 26.16
C LEU A 277 1.74 19.22 25.61
N SER A 278 0.50 19.42 25.19
CA SER A 278 -0.28 18.35 24.56
C SER A 278 0.23 18.19 23.14
N LEU A 279 1.26 17.36 22.98
CA LEU A 279 1.85 17.11 21.67
C LEU A 279 2.76 15.89 21.79
N GLY A 280 3.39 15.54 20.68
CA GLY A 280 4.30 14.41 20.63
C GLY A 280 5.28 14.60 19.49
N LYS A 281 6.33 13.81 19.52
CA LYS A 281 7.39 13.88 18.51
C LYS A 281 7.22 12.85 17.39
N GLU A 282 6.28 11.92 17.53
CA GLU A 282 6.13 10.87 16.54
C GLU A 282 5.78 11.43 15.17
N GLY A 283 4.84 12.37 15.12
CA GLY A 283 4.47 13.01 13.88
C GLY A 283 5.62 13.82 13.30
N PRO A 284 6.21 14.69 14.12
CA PRO A 284 7.33 15.51 13.64
C PRO A 284 8.53 14.71 13.17
N LEU A 285 8.71 13.47 13.59
CA LEU A 285 9.81 12.69 13.02
C LEU A 285 9.63 12.45 11.53
N VAL A 286 8.41 12.53 11.00
CA VAL A 286 8.23 12.49 9.56
C VAL A 286 8.90 13.70 8.90
N HIS A 287 8.68 14.87 9.47
CA HIS A 287 9.34 16.07 8.96
C HIS A 287 10.85 15.96 9.11
N VAL A 288 11.32 15.43 10.22
CA VAL A 288 12.76 15.28 10.43
C VAL A 288 13.36 14.31 9.43
N ALA A 289 12.67 13.19 9.16
CA ALA A 289 13.15 12.23 8.18
C ALA A 289 13.18 12.84 6.79
N CYS A 290 12.17 13.64 6.44
CA CYS A 290 12.18 14.32 5.16
C CYS A 290 13.30 15.35 5.09
N CYS A 291 13.60 16.01 6.21
CA CYS A 291 14.75 16.91 6.25
C CYS A 291 16.03 16.16 5.95
N CYS A 292 16.21 15.01 6.58
CA CYS A 292 17.40 14.20 6.31
C CYS A 292 17.45 13.77 4.86
N GLY A 293 16.30 13.35 4.30
CA GLY A 293 16.29 12.92 2.91
C GLY A 293 16.64 14.02 1.95
N ASN A 294 16.08 15.21 2.15
CA ASN A 294 16.41 16.35 1.31
C ASN A 294 17.88 16.72 1.45
N ILE A 295 18.40 16.70 2.67
CA ILE A 295 19.80 17.04 2.89
C ILE A 295 20.71 16.06 2.15
N PHE A 296 20.40 14.76 2.24
CA PHE A 296 21.25 13.75 1.61
C PHE A 296 21.06 13.68 0.10
N SER A 297 19.93 14.16 -0.41
CA SER A 297 19.74 14.14 -1.86
C SER A 297 20.85 14.90 -2.58
N TYR A 298 21.38 15.96 -1.97
CA TYR A 298 22.40 16.77 -2.62
C TYR A 298 23.69 16.01 -2.85
N LEU A 299 23.95 14.96 -2.07
CA LEU A 299 25.18 14.20 -2.27
C LEU A 299 25.19 13.44 -3.58
N PHE A 300 24.05 13.34 -4.26
CA PHE A 300 23.91 12.56 -5.48
C PHE A 300 23.37 13.44 -6.60
N PRO A 301 23.92 13.35 -7.81
CA PRO A 301 23.46 14.24 -8.88
C PRO A 301 22.12 13.84 -9.46
N LYS A 302 21.83 12.53 -9.53
CA LYS A 302 20.55 12.09 -10.08
C LYS A 302 19.37 12.56 -9.25
N TYR A 303 19.59 12.90 -7.98
CA TYR A 303 18.53 13.34 -7.09
C TYR A 303 18.66 14.79 -6.67
N SER A 304 19.84 15.39 -6.84
CA SER A 304 20.02 16.78 -6.44
C SER A 304 19.27 17.73 -7.38
N THR A 305 19.41 17.54 -8.68
CA THR A 305 18.86 18.45 -9.67
C THR A 305 17.49 18.03 -10.18
N ASN A 306 16.96 16.91 -9.70
CA ASN A 306 15.68 16.40 -10.15
C ASN A 306 14.68 16.48 -9.03
N GLU A 307 13.55 17.14 -9.28
CA GLU A 307 12.55 17.33 -8.23
C GLU A 307 11.62 16.12 -8.11
N ALA A 308 11.45 15.35 -9.18
CA ALA A 308 10.66 14.13 -9.09
C ALA A 308 11.41 13.05 -8.33
N LYS A 309 12.70 12.87 -8.63
CA LYS A 309 13.50 11.94 -7.87
C LYS A 309 13.61 12.38 -6.42
N LYS A 310 13.71 13.70 -6.20
CA LYS A 310 13.72 14.21 -4.84
C LYS A 310 12.42 13.90 -4.12
N ARG A 311 11.29 14.02 -4.82
CA ARG A 311 10.02 13.65 -4.22
C ARG A 311 9.96 12.17 -3.87
N GLU A 312 10.51 11.32 -4.73
CA GLU A 312 10.54 9.90 -4.42
C GLU A 312 11.41 9.62 -3.19
N VAL A 313 12.57 10.27 -3.10
CA VAL A 313 13.43 10.13 -1.94
C VAL A 313 12.72 10.62 -0.69
N LEU A 314 11.92 11.67 -0.81
CA LEU A 314 11.18 12.19 0.32
C LEU A 314 10.05 11.25 0.73
N SER A 315 9.43 10.56 -0.23
CA SER A 315 8.45 9.54 0.12
C SER A 315 9.10 8.43 0.93
N ALA A 316 10.26 7.95 0.47
CA ALA A 316 10.97 6.93 1.23
C ALA A 316 11.39 7.46 2.60
N ALA A 317 11.77 8.74 2.66
CA ALA A 317 12.17 9.33 3.93
C ALA A 317 10.99 9.44 4.90
N SER A 318 9.81 9.76 4.39
CA SER A 318 8.62 9.76 5.24
C SER A 318 8.33 8.37 5.76
N ALA A 319 8.50 7.36 4.91
CA ALA A 319 8.36 5.99 5.36
C ALA A 319 9.36 5.68 6.47
N ALA A 320 10.62 6.11 6.31
CA ALA A 320 11.62 5.88 7.34
C ALA A 320 11.29 6.61 8.63
N GLY A 321 10.80 7.85 8.51
CA GLY A 321 10.43 8.59 9.71
C GLY A 321 9.31 7.93 10.49
N VAL A 322 8.27 7.45 9.80
CA VAL A 322 7.22 6.72 10.48
C VAL A 322 7.77 5.43 11.08
N SER A 323 8.62 4.73 10.33
CA SER A 323 9.18 3.48 10.81
C SER A 323 9.94 3.67 12.10
N VAL A 324 10.75 4.73 12.19
CA VAL A 324 11.54 4.96 13.38
C VAL A 324 10.72 5.62 14.48
N ALA A 325 9.61 6.28 14.14
CA ALA A 325 8.77 6.90 15.15
C ALA A 325 7.96 5.85 15.90
N PHE A 326 7.44 4.85 15.18
CA PHE A 326 6.61 3.83 15.80
C PHE A 326 7.27 2.46 15.81
N GLY A 327 8.48 2.32 15.28
CA GLY A 327 9.04 1.00 15.10
C GLY A 327 8.20 0.15 14.18
N ALA A 328 7.65 0.76 13.14
CA ALA A 328 6.67 0.12 12.27
C ALA A 328 7.13 0.25 10.82
N PRO A 329 8.10 -0.57 10.40
CA PRO A 329 8.61 -0.43 9.04
C PRO A 329 7.52 -0.52 7.97
N ILE A 330 6.77 -1.61 7.98
CA ILE A 330 5.69 -1.77 7.00
C ILE A 330 4.65 -0.69 7.19
N GLY A 331 4.32 -0.38 8.46
CA GLY A 331 3.39 0.68 8.73
C GLY A 331 3.84 2.01 8.17
N GLY A 332 5.14 2.29 8.26
CA GLY A 332 5.66 3.50 7.66
C GLY A 332 5.57 3.49 6.15
N VAL A 333 5.86 2.35 5.53
CA VAL A 333 5.71 2.25 4.08
C VAL A 333 4.28 2.56 3.68
N LEU A 334 3.31 2.01 4.41
CA LEU A 334 1.91 2.24 4.06
C LEU A 334 1.45 3.65 4.42
N PHE A 335 2.03 4.25 5.45
CA PHE A 335 1.74 5.64 5.76
C PHE A 335 2.20 6.56 4.65
N SER A 336 3.41 6.33 4.13
CA SER A 336 3.88 7.08 2.97
C SER A 336 3.03 6.78 1.74
N LEU A 337 2.54 5.55 1.62
CA LEU A 337 1.64 5.20 0.52
C LEU A 337 0.36 6.02 0.59
N GLU A 338 -0.22 6.16 1.78
CA GLU A 338 -1.59 6.61 1.94
C GLU A 338 -1.70 8.06 2.35
N GLU A 339 -0.82 8.55 3.21
CA GLU A 339 -0.95 9.89 3.78
C GLU A 339 -0.14 10.94 3.03
N VAL A 340 1.18 10.77 2.99
CA VAL A 340 2.08 11.86 2.62
C VAL A 340 2.36 11.87 1.12
N SER A 341 3.01 10.82 0.63
CA SER A 341 3.45 10.79 -0.74
C SER A 341 2.28 10.64 -1.70
N TYR A 342 2.53 10.99 -2.96
CA TYR A 342 1.48 11.27 -3.93
C TYR A 342 1.51 10.35 -5.14
N TYR A 343 2.70 9.87 -5.53
CA TYR A 343 2.88 9.01 -6.69
C TYR A 343 3.70 7.79 -6.30
N PHE A 344 3.40 6.64 -6.92
CA PHE A 344 4.03 5.37 -6.57
C PHE A 344 4.19 4.50 -7.81
N PRO A 345 5.14 4.81 -8.66
CA PRO A 345 5.35 3.93 -9.83
C PRO A 345 6.11 2.67 -9.47
N LEU A 346 5.78 2.09 -8.32
CA LEU A 346 6.32 0.81 -7.86
C LEU A 346 7.81 0.89 -7.54
N LYS A 347 8.46 2.00 -7.87
CA LYS A 347 9.84 2.23 -7.48
C LYS A 347 9.91 2.93 -6.14
N THR A 348 9.06 3.93 -5.95
CA THR A 348 8.95 4.54 -4.63
C THR A 348 8.55 3.51 -3.60
N LEU A 349 7.72 2.55 -4.00
CA LEU A 349 7.31 1.52 -3.05
C LEU A 349 8.51 0.67 -2.61
N TRP A 350 9.34 0.25 -3.56
CA TRP A 350 10.50 -0.57 -3.21
C TRP A 350 11.51 0.23 -2.40
N ARG A 351 11.70 1.50 -2.75
CA ARG A 351 12.67 2.31 -2.03
C ARG A 351 12.15 2.75 -0.67
N SER A 352 10.84 2.93 -0.51
CA SER A 352 10.26 3.10 0.82
C SER A 352 10.42 1.83 1.62
N PHE A 353 10.26 0.67 0.98
CA PHE A 353 10.49 -0.60 1.66
C PHE A 353 11.92 -0.66 2.20
N PHE A 354 12.90 -0.32 1.34
CA PHE A 354 14.29 -0.35 1.79
C PHE A 354 14.58 0.71 2.85
N ALA A 355 14.03 1.92 2.70
CA ALA A 355 14.28 2.97 3.68
C ALA A 355 13.67 2.64 5.04
N ALA A 356 12.45 2.11 5.04
CA ALA A 356 11.85 1.67 6.29
C ALA A 356 12.64 0.52 6.89
N LEU A 357 13.13 -0.39 6.05
CA LEU A 357 13.95 -1.48 6.56
C LEU A 357 15.21 -0.94 7.22
N VAL A 358 15.88 0.02 6.59
CA VAL A 358 17.11 0.57 7.13
C VAL A 358 16.83 1.30 8.44
N ALA A 359 15.75 2.07 8.49
CA ALA A 359 15.42 2.78 9.73
C ALA A 359 15.11 1.80 10.85
N ALA A 360 14.34 0.76 10.56
CA ALA A 360 14.00 -0.22 11.58
C ALA A 360 15.24 -0.98 12.04
N PHE A 361 16.13 -1.31 11.12
CA PHE A 361 17.36 -2.00 11.48
C PHE A 361 18.25 -1.12 12.35
N VAL A 362 18.35 0.18 12.03
CA VAL A 362 19.13 1.08 12.86
C VAL A 362 18.51 1.19 14.25
N LEU A 363 17.18 1.29 14.31
CA LEU A 363 16.52 1.38 15.60
C LEU A 363 16.72 0.11 16.41
N ARG A 364 16.79 -1.04 15.76
CA ARG A 364 17.03 -2.29 16.48
C ARG A 364 18.48 -2.40 16.94
N SER A 365 19.44 -2.06 16.07
CA SER A 365 20.85 -2.16 16.44
C SER A 365 21.18 -1.21 17.58
N ILE A 366 20.70 0.03 17.50
CA ILE A 366 21.02 1.06 18.48
C ILE A 366 19.98 0.96 19.59
N ASN A 367 20.31 0.22 20.65
CA ASN A 367 19.49 0.12 21.84
C ASN A 367 20.39 0.47 23.02
N PRO A 368 20.65 1.77 23.25
CA PRO A 368 21.69 2.14 24.20
C PRO A 368 21.50 1.59 25.59
N PHE A 369 20.25 1.47 26.06
CA PHE A 369 19.96 0.98 27.40
C PHE A 369 19.15 -0.31 27.38
N GLY A 370 19.12 -0.99 26.25
CA GLY A 370 18.43 -2.27 26.15
C GLY A 370 16.92 -2.18 26.36
N ASN A 371 16.27 -1.18 25.78
CA ASN A 371 14.83 -1.01 25.91
C ASN A 371 14.14 -1.78 24.80
N SER A 372 13.81 -3.05 25.09
CA SER A 372 13.19 -3.91 24.08
C SER A 372 11.89 -3.33 23.55
N ARG A 373 11.21 -2.50 24.34
CA ARG A 373 9.98 -1.85 23.88
C ARG A 373 10.24 -1.14 22.56
N LEU A 374 9.52 -1.55 21.52
CA LEU A 374 9.78 -1.02 20.19
C LEU A 374 9.72 0.51 20.20
N VAL A 375 8.82 1.06 21.00
CA VAL A 375 8.89 2.46 21.42
C VAL A 375 8.36 2.51 22.85
N LEU A 376 8.64 3.62 23.53
CA LEU A 376 8.36 3.73 24.96
C LEU A 376 6.91 3.38 25.30
N PHE A 377 6.04 3.31 24.29
CA PHE A 377 4.66 2.89 24.49
C PHE A 377 4.33 1.66 23.65
N TYR A 378 5.22 0.67 23.70
CA TYR A 378 4.96 -0.67 23.23
C TYR A 378 4.33 -1.53 24.33
N VAL A 379 3.51 -2.49 23.91
CA VAL A 379 2.99 -3.51 24.81
C VAL A 379 2.76 -4.80 24.02
N GLU A 380 3.42 -5.89 24.42
CA GLU A 380 3.21 -7.17 23.75
C GLU A 380 1.76 -7.63 23.91
N TYR A 381 1.30 -8.41 22.93
CA TYR A 381 -0.03 -9.01 22.99
C TYR A 381 -0.05 -10.33 22.23
N HIS A 382 -0.46 -11.40 22.91
CA HIS A 382 -0.67 -12.69 22.27
C HIS A 382 -1.92 -13.41 22.79
N THR A 383 -2.75 -12.75 23.59
CA THR A 383 -3.97 -13.37 24.07
C THR A 383 -5.05 -13.35 22.99
N PRO A 384 -6.08 -14.19 23.12
CA PRO A 384 -7.17 -14.18 22.16
C PRO A 384 -8.32 -13.27 22.57
N TRP A 385 -9.19 -12.98 21.61
CA TRP A 385 -10.38 -12.18 21.83
C TRP A 385 -11.60 -12.94 21.30
N TYR A 386 -12.75 -12.68 21.92
CA TYR A 386 -13.98 -13.37 21.56
C TYR A 386 -14.87 -12.46 20.72
N LEU A 387 -15.72 -13.09 19.89
CA LEU A 387 -16.48 -12.34 18.90
C LEU A 387 -17.30 -11.23 19.54
N PHE A 388 -17.88 -11.48 20.72
CA PHE A 388 -18.70 -10.46 21.35
C PHE A 388 -17.90 -9.19 21.61
N GLU A 389 -16.59 -9.33 21.90
CA GLU A 389 -15.76 -8.15 22.15
C GLU A 389 -15.72 -7.22 20.95
N LEU A 390 -15.99 -7.72 19.74
CA LEU A 390 -15.99 -6.86 18.57
C LEU A 390 -17.16 -5.89 18.57
N PHE A 391 -18.13 -6.04 19.48
CA PHE A 391 -19.22 -5.08 19.57
C PHE A 391 -18.75 -3.81 20.25
N PRO A 392 -18.17 -3.87 21.47
CA PRO A 392 -17.63 -2.64 22.07
C PRO A 392 -16.54 -1.99 21.24
N PHE A 393 -15.67 -2.78 20.61
CA PHE A 393 -14.63 -2.21 19.76
C PHE A 393 -15.23 -1.28 18.73
N ILE A 394 -16.26 -1.73 18.02
CA ILE A 394 -16.90 -0.88 17.03
C ILE A 394 -17.34 0.42 17.67
N LEU A 395 -17.93 0.36 18.86
CA LEU A 395 -18.37 1.58 19.52
C LEU A 395 -17.20 2.52 19.78
N LEU A 396 -16.03 1.97 20.12
CA LEU A 396 -14.86 2.82 20.29
C LEU A 396 -14.60 3.61 19.01
N GLY A 397 -14.67 2.94 17.86
CA GLY A 397 -14.55 3.65 16.61
C GLY A 397 -15.48 4.85 16.54
N VAL A 398 -16.73 4.66 16.97
CA VAL A 398 -17.68 5.76 16.96
C VAL A 398 -17.09 6.95 17.73
N PHE A 399 -16.64 6.70 18.96
CA PHE A 399 -16.04 7.77 19.74
C PHE A 399 -14.91 8.42 18.96
N GLY A 400 -14.04 7.60 18.37
CA GLY A 400 -12.96 8.16 17.58
C GLY A 400 -13.50 9.03 16.46
N GLY A 401 -14.47 8.51 15.71
CA GLY A 401 -15.09 9.31 14.67
C GLY A 401 -15.76 10.55 15.22
N LEU A 402 -16.32 10.44 16.42
CA LEU A 402 -16.94 11.60 17.07
C LEU A 402 -15.92 12.49 17.74
N TRP A 403 -14.70 12.02 17.95
CA TRP A 403 -13.66 12.92 18.46
C TRP A 403 -12.94 13.58 17.29
N GLY A 404 -12.36 12.79 16.39
CA GLY A 404 -11.78 13.32 15.19
C GLY A 404 -12.68 14.37 14.58
N ALA A 405 -13.93 14.00 14.32
CA ALA A 405 -14.87 14.94 13.70
C ALA A 405 -14.97 16.22 14.51
N PHE A 406 -15.11 16.11 15.83
CA PHE A 406 -15.14 17.30 16.68
C PHE A 406 -13.83 18.06 16.59
N PHE A 407 -12.70 17.35 16.67
CA PHE A 407 -11.41 18.02 16.67
C PHE A 407 -11.21 18.84 15.40
N ILE A 408 -11.43 18.22 14.24
CA ILE A 408 -11.30 18.95 12.98
C ILE A 408 -12.27 20.11 12.94
N ARG A 409 -13.41 20.01 13.64
CA ARG A 409 -14.35 21.11 13.67
C ARG A 409 -13.94 22.17 14.68
N ALA A 410 -13.23 21.80 15.75
CA ALA A 410 -12.88 22.74 16.80
C ALA A 410 -11.50 23.33 16.61
N ASN A 411 -10.47 22.48 16.48
CA ASN A 411 -9.11 23.00 16.35
C ASN A 411 -8.98 23.86 15.10
N ILE A 412 -9.52 23.40 13.97
CA ILE A 412 -9.47 24.19 12.75
C ILE A 412 -10.20 25.51 12.94
N ALA A 413 -11.18 25.54 13.83
CA ALA A 413 -11.85 26.80 14.15
C ALA A 413 -10.99 27.67 15.05
N TRP A 414 -10.21 27.07 15.94
CA TRP A 414 -9.31 27.85 16.78
C TRP A 414 -8.16 28.43 15.97
N CYS A 415 -7.50 27.59 15.17
CA CYS A 415 -6.36 28.06 14.41
C CYS A 415 -6.74 29.20 13.47
N ARG A 416 -7.98 29.20 12.96
CA ARG A 416 -8.42 30.33 12.16
C ARG A 416 -8.45 31.61 13.00
N ARG A 417 -9.06 31.54 14.18
CA ARG A 417 -9.14 32.72 15.04
C ARG A 417 -7.76 33.29 15.31
N ARG A 418 -6.82 32.45 15.72
CA ARG A 418 -5.45 32.91 15.93
C ARG A 418 -4.91 33.57 14.68
N LYS A 419 -5.14 32.97 13.52
CA LYS A 419 -4.61 33.50 12.27
C LYS A 419 -5.29 34.80 11.87
N SER A 420 -6.41 35.16 12.48
CA SER A 420 -7.19 36.34 12.12
C SER A 420 -7.69 37.06 13.36
N THR A 421 -6.81 37.23 14.34
CA THR A 421 -7.14 37.95 15.56
C THR A 421 -5.83 38.41 16.20
N LYS A 422 -5.95 39.17 17.29
CA LYS A 422 -4.75 39.64 17.99
C LYS A 422 -3.85 38.48 18.38
N PHE A 423 -4.43 37.31 18.64
CA PHE A 423 -3.66 36.19 19.16
C PHE A 423 -2.49 35.86 18.24
N GLY A 424 -2.72 35.93 16.93
CA GLY A 424 -1.70 35.56 15.97
C GLY A 424 -0.51 36.50 15.91
N LYS A 425 -0.59 37.63 16.61
CA LYS A 425 0.52 38.58 16.66
C LYS A 425 1.53 38.25 17.74
N TYR A 426 1.22 37.31 18.63
CA TYR A 426 2.05 36.99 19.80
C TYR A 426 2.28 35.49 19.85
N PRO A 427 3.22 34.97 19.06
CA PRO A 427 3.54 33.54 19.16
C PRO A 427 4.10 33.16 20.52
N VAL A 428 5.13 33.87 20.97
CA VAL A 428 5.82 33.50 22.21
C VAL A 428 4.86 33.57 23.39
N LEU A 429 4.09 34.65 23.48
CA LEU A 429 3.18 34.80 24.61
C LEU A 429 2.13 33.71 24.61
N GLU A 430 1.62 33.34 23.43
CA GLU A 430 0.62 32.29 23.37
C GLU A 430 1.19 30.95 23.80
N VAL A 431 2.39 30.62 23.34
CA VAL A 431 2.98 29.35 23.76
C VAL A 431 3.23 29.36 25.27
N ILE A 432 3.63 30.52 25.81
CA ILE A 432 3.87 30.61 27.25
C ILE A 432 2.58 30.36 28.02
N ILE A 433 1.49 31.01 27.59
CA ILE A 433 0.22 30.86 28.30
C ILE A 433 -0.29 29.43 28.18
N VAL A 434 -0.18 28.84 26.98
CA VAL A 434 -0.63 27.47 26.80
C VAL A 434 0.16 26.51 27.69
N ALA A 435 1.49 26.68 27.72
CA ALA A 435 2.31 25.82 28.56
C ALA A 435 1.99 26.02 30.02
N ALA A 436 1.77 27.27 30.45
CA ALA A 436 1.46 27.53 31.85
C ALA A 436 0.13 26.89 32.24
N ILE A 437 -0.89 27.04 31.41
CA ILE A 437 -2.19 26.46 31.74
C ILE A 437 -2.12 24.94 31.74
N THR A 438 -1.44 24.36 30.75
CA THR A 438 -1.29 22.92 30.70
C THR A 438 -0.59 22.41 31.95
N ALA A 439 0.50 23.08 32.36
CA ALA A 439 1.21 22.66 33.56
C ALA A 439 0.33 22.79 34.80
N VAL A 440 -0.38 23.92 34.92
CA VAL A 440 -1.18 24.17 36.11
C VAL A 440 -2.27 23.11 36.24
N ILE A 441 -2.96 22.81 35.14
CA ILE A 441 -4.11 21.90 35.19
C ILE A 441 -3.69 20.44 35.02
N ALA A 442 -2.43 20.16 34.71
CA ALA A 442 -1.96 18.80 34.55
C ALA A 442 -1.15 18.29 35.74
N PHE A 443 -0.53 19.17 36.51
CA PHE A 443 0.23 18.67 37.66
C PHE A 443 -0.62 17.89 38.65
N PRO A 444 -1.84 18.33 39.00
CA PRO A 444 -2.64 17.55 39.97
C PRO A 444 -2.89 16.11 39.54
N ASN A 445 -3.54 15.90 38.41
CA ASN A 445 -3.91 14.54 38.01
C ASN A 445 -2.67 13.76 37.58
N PRO A 446 -2.37 12.61 38.18
CA PRO A 446 -1.14 11.89 37.81
C PRO A 446 -1.08 11.51 36.34
N TYR A 447 -2.21 11.13 35.73
CA TYR A 447 -2.18 10.71 34.33
C TYR A 447 -1.79 11.85 33.41
N THR A 448 -2.34 13.04 33.65
CA THR A 448 -1.92 14.20 32.85
C THR A 448 -0.51 14.63 33.20
N ARG A 449 -0.09 14.45 34.45
CA ARG A 449 1.29 14.77 34.82
C ARG A 449 2.26 13.89 34.05
N LEU A 450 1.94 12.61 33.90
CA LEU A 450 2.79 11.72 33.11
C LEU A 450 2.94 12.24 31.69
N ASN A 451 4.15 12.15 31.16
CA ASN A 451 4.36 12.45 29.74
C ASN A 451 3.57 11.46 28.89
N THR A 452 2.98 11.97 27.81
CA THR A 452 1.94 11.23 27.12
C THR A 452 2.40 9.84 26.67
N SER A 453 3.68 9.70 26.30
CA SER A 453 4.15 8.39 25.86
C SER A 453 4.08 7.38 27.00
N GLU A 454 4.51 7.76 28.20
CA GLU A 454 4.40 6.85 29.33
C GLU A 454 2.95 6.61 29.72
N LEU A 455 2.09 7.61 29.57
CA LEU A 455 0.67 7.38 29.83
C LEU A 455 0.09 6.36 28.88
N ILE A 456 0.46 6.43 27.59
CA ILE A 456 -0.03 5.46 26.63
C ILE A 456 0.56 4.09 26.91
N LYS A 457 1.83 4.04 27.33
CA LYS A 457 2.41 2.76 27.73
C LYS A 457 1.62 2.15 28.88
N GLU A 458 1.27 2.96 29.88
CA GLU A 458 0.51 2.46 31.02
C GLU A 458 -0.88 1.99 30.59
N LEU A 459 -1.55 2.77 29.75
CA LEU A 459 -2.90 2.42 29.34
C LEU A 459 -2.90 1.16 28.46
N PHE A 460 -1.85 0.96 27.67
CA PHE A 460 -1.75 -0.25 26.86
C PHE A 460 -1.39 -1.47 27.69
N THR A 461 -0.62 -1.29 28.76
CA THR A 461 -0.15 -2.43 29.53
C THR A 461 -1.27 -3.02 30.36
N ASP A 462 -1.50 -4.33 30.21
CA ASP A 462 -2.52 -5.02 30.98
C ASP A 462 -2.04 -5.21 32.42
N CYS A 463 -3.01 -5.23 33.34
CA CYS A 463 -2.69 -5.26 34.76
C CYS A 463 -1.92 -6.52 35.12
N GLY A 464 -0.95 -6.36 36.03
CA GLY A 464 -0.21 -7.47 36.57
C GLY A 464 -0.38 -7.55 38.07
N PRO A 465 -0.28 -8.76 38.63
CA PRO A 465 -0.58 -8.91 40.07
C PRO A 465 0.30 -8.05 40.96
N LEU A 466 1.58 -7.89 40.61
CA LEU A 466 2.47 -7.08 41.44
C LEU A 466 2.10 -5.60 41.37
N GLU A 467 1.65 -5.13 40.21
CA GLU A 467 1.31 -3.72 40.06
C GLU A 467 0.13 -3.35 40.94
N SER A 468 0.21 -2.17 41.56
CA SER A 468 -0.85 -1.66 42.42
C SER A 468 -1.13 -0.19 42.14
N SER A 469 -0.93 0.25 40.90
CA SER A 469 -1.18 1.63 40.54
C SER A 469 -2.67 1.91 40.54
N SER A 470 -3.02 3.20 40.65
CA SER A 470 -4.42 3.59 40.63
C SER A 470 -5.11 3.09 39.37
N LEU A 471 -4.36 2.95 38.27
CA LEU A 471 -4.95 2.46 37.02
C LEU A 471 -5.45 1.03 37.17
N CYS A 472 -4.68 0.18 37.85
CA CYS A 472 -5.02 -1.22 38.03
C CYS A 472 -5.24 -1.54 39.51
N ASP A 473 -5.94 -0.65 40.21
CA ASP A 473 -6.15 -0.79 41.65
C ASP A 473 -7.49 -1.50 41.87
N TYR A 474 -7.41 -2.80 42.15
CA TYR A 474 -8.58 -3.62 42.44
C TYR A 474 -8.55 -4.06 43.89
N ARG A 475 -9.73 -4.26 44.46
CA ARG A 475 -9.86 -4.68 45.86
C ARG A 475 -9.14 -6.00 46.09
N ALA A 492 -14.15 -5.12 43.67
CA ALA A 492 -13.80 -3.72 43.46
C ALA A 492 -14.44 -2.85 44.54
N GLY A 493 -14.30 -1.54 44.39
CA GLY A 493 -14.84 -0.63 45.37
C GLY A 493 -14.68 0.81 44.93
N VAL A 494 -14.53 1.69 45.92
CA VAL A 494 -14.41 3.11 45.63
C VAL A 494 -13.15 3.41 44.83
N GLY A 495 -12.10 2.59 44.98
CA GLY A 495 -10.87 2.84 44.26
C GLY A 495 -11.05 2.78 42.76
N VAL A 496 -11.79 1.79 42.27
CA VAL A 496 -12.01 1.65 40.83
C VAL A 496 -12.79 2.85 40.29
N TYR A 497 -13.83 3.28 41.01
CA TYR A 497 -14.59 4.44 40.57
C TYR A 497 -13.72 5.69 40.56
N SER A 498 -12.88 5.86 41.57
CA SER A 498 -12.00 7.02 41.61
C SER A 498 -11.00 6.99 40.46
N ALA A 499 -10.47 5.82 40.14
CA ALA A 499 -9.56 5.70 39.00
C ALA A 499 -10.28 6.04 37.70
N ILE A 500 -11.51 5.57 37.54
CA ILE A 500 -12.27 5.89 36.33
C ILE A 500 -12.53 7.39 36.25
N TRP A 501 -12.79 8.02 37.39
CA TRP A 501 -12.99 9.47 37.40
C TRP A 501 -11.71 10.20 37.01
N GLN A 502 -10.56 9.74 37.51
CA GLN A 502 -9.29 10.34 37.11
C GLN A 502 -9.08 10.20 35.61
N LEU A 503 -9.39 9.02 35.06
CA LEU A 503 -9.22 8.83 33.63
C LEU A 503 -10.16 9.73 32.83
N CYS A 504 -11.39 9.92 33.31
CA CYS A 504 -12.30 10.84 32.64
C CYS A 504 -11.76 12.25 32.66
N LEU A 505 -11.21 12.69 33.79
CA LEU A 505 -10.63 14.02 33.87
C LEU A 505 -9.46 14.16 32.91
N ALA A 506 -8.60 13.15 32.83
CA ALA A 506 -7.51 13.18 31.87
C ALA A 506 -8.03 13.26 30.45
N LEU A 507 -9.08 12.51 30.14
CA LEU A 507 -9.70 12.56 28.82
C LEU A 507 -10.15 13.98 28.48
N ILE A 508 -10.92 14.60 29.38
CA ILE A 508 -11.44 15.94 29.12
C ILE A 508 -10.30 16.92 28.96
N PHE A 509 -9.29 16.84 29.84
CA PHE A 509 -8.19 17.79 29.81
C PHE A 509 -7.41 17.67 28.51
N LYS A 510 -7.07 16.45 28.10
CA LYS A 510 -6.34 16.30 26.85
C LYS A 510 -7.16 16.78 25.67
N ILE A 511 -8.45 16.45 25.63
CA ILE A 511 -9.29 16.95 24.53
C ILE A 511 -9.18 18.47 24.44
N ILE A 512 -9.55 19.14 25.53
CA ILE A 512 -9.61 20.60 25.51
C ILE A 512 -8.24 21.19 25.17
N MET A 513 -7.18 20.65 25.77
CA MET A 513 -5.87 21.28 25.61
C MET A 513 -5.29 21.02 24.23
N THR A 514 -5.39 19.78 23.73
CA THR A 514 -4.91 19.50 22.38
C THR A 514 -5.66 20.32 21.35
N VAL A 515 -6.93 20.65 21.61
CA VAL A 515 -7.64 21.55 20.71
C VAL A 515 -6.93 22.90 20.64
N PHE A 516 -6.53 23.42 21.80
CA PHE A 516 -5.89 24.73 21.87
C PHE A 516 -4.39 24.68 21.62
N THR A 517 -3.80 23.49 21.51
CA THR A 517 -2.37 23.32 21.58
C THR A 517 -1.74 22.74 20.32
N PHE A 518 -2.53 22.30 19.33
CA PHE A 518 -1.92 21.67 18.17
C PHE A 518 -1.20 22.70 17.29
N GLY A 519 -1.84 23.82 17.01
CA GLY A 519 -1.30 24.75 16.05
C GLY A 519 -0.28 25.75 16.55
N ILE A 520 -0.01 25.78 17.86
CA ILE A 520 0.89 26.81 18.38
C ILE A 520 2.27 26.65 17.74
N LYS A 521 3.06 27.71 17.83
CA LYS A 521 4.30 27.81 17.06
C LYS A 521 5.47 27.07 17.72
N VAL A 522 5.27 25.80 18.04
CA VAL A 522 6.37 24.91 18.42
C VAL A 522 6.12 23.54 17.85
N PRO A 523 7.19 22.77 17.61
CA PRO A 523 7.01 21.45 16.99
C PRO A 523 5.98 20.62 17.74
N SER A 524 4.84 20.39 17.11
CA SER A 524 3.68 19.81 17.79
C SER A 524 3.13 18.67 16.95
N GLY A 525 3.12 17.47 17.51
CA GLY A 525 2.52 16.32 16.88
C GLY A 525 1.10 16.10 17.36
N LEU A 526 0.36 15.31 16.58
CA LEU A 526 -0.99 14.93 16.91
C LEU A 526 -1.19 13.43 16.99
N PHE A 527 -0.19 12.64 16.62
CA PHE A 527 -0.31 11.19 16.77
C PHE A 527 -0.48 10.81 18.23
N ILE A 528 0.33 11.42 19.10
CA ILE A 528 0.39 11.01 20.51
C ILE A 528 -0.77 11.58 21.31
N PRO A 529 -1.14 12.87 21.16
CA PRO A 529 -2.32 13.34 21.90
C PRO A 529 -3.60 12.63 21.52
N SER A 530 -3.84 12.45 20.22
CA SER A 530 -5.02 11.72 19.78
C SER A 530 -4.95 10.25 20.21
N MET A 531 -3.75 9.66 20.13
CA MET A 531 -3.58 8.29 20.57
C MET A 531 -3.85 8.15 22.06
N ALA A 532 -3.45 9.13 22.86
CA ALA A 532 -3.68 9.07 24.30
C ALA A 532 -5.13 9.28 24.64
N ILE A 533 -5.81 10.17 23.92
CA ILE A 533 -7.25 10.32 24.10
C ILE A 533 -7.96 9.00 23.79
N GLY A 534 -7.57 8.38 22.67
CA GLY A 534 -8.16 7.10 22.32
C GLY A 534 -7.85 6.02 23.33
N ALA A 535 -6.64 6.02 23.88
CA ALA A 535 -6.26 5.00 24.84
C ALA A 535 -6.97 5.20 26.18
N ILE A 536 -7.19 6.45 26.59
CA ILE A 536 -7.98 6.70 27.80
C ILE A 536 -9.41 6.21 27.58
N ALA A 537 -9.99 6.53 26.42
CA ALA A 537 -11.33 6.04 26.13
C ALA A 537 -11.37 4.51 26.15
N GLY A 538 -10.40 3.88 25.50
CA GLY A 538 -10.38 2.42 25.43
C GLY A 538 -10.17 1.78 26.78
N ARG A 539 -9.36 2.39 27.64
CA ARG A 539 -9.15 1.83 28.96
C ARG A 539 -10.38 2.01 29.84
N ILE A 540 -11.05 3.17 29.76
CA ILE A 540 -12.29 3.32 30.51
C ILE A 540 -13.29 2.26 30.06
N VAL A 541 -13.44 2.08 28.76
CA VAL A 541 -14.38 1.09 28.25
C VAL A 541 -13.96 -0.31 28.67
N GLY A 542 -12.66 -0.59 28.65
CA GLY A 542 -12.20 -1.91 29.04
C GLY A 542 -12.47 -2.21 30.50
N ILE A 543 -12.23 -1.25 31.38
CA ILE A 543 -12.54 -1.44 32.80
C ILE A 543 -14.04 -1.64 32.98
N ALA A 544 -14.85 -0.84 32.28
CA ALA A 544 -16.30 -1.00 32.40
C ALA A 544 -16.72 -2.39 31.95
N VAL A 545 -16.17 -2.86 30.85
CA VAL A 545 -16.55 -4.17 30.32
C VAL A 545 -16.08 -5.28 31.25
N GLU A 546 -14.91 -5.13 31.85
CA GLU A 546 -14.44 -6.16 32.78
C GLU A 546 -15.30 -6.20 34.04
N GLN A 547 -15.69 -5.04 34.57
CA GLN A 547 -16.63 -5.01 35.68
C GLN A 547 -17.92 -5.72 35.30
N LEU A 548 -18.48 -5.35 34.15
CA LEU A 548 -19.68 -6.03 33.67
C LEU A 548 -19.45 -7.53 33.55
N ALA A 549 -18.23 -7.93 33.19
CA ALA A 549 -17.96 -9.34 32.90
C ALA A 549 -17.97 -10.17 34.19
N TYR A 550 -17.26 -9.72 35.23
CA TYR A 550 -17.21 -10.56 36.42
C TYR A 550 -18.27 -10.21 37.46
N TYR A 551 -19.04 -9.14 37.24
CA TYR A 551 -20.22 -8.90 38.08
C TYR A 551 -21.45 -9.60 37.50
N HIS A 552 -21.52 -9.73 36.17
CA HIS A 552 -22.67 -10.33 35.52
C HIS A 552 -22.25 -11.57 34.75
N HIS A 553 -21.41 -12.40 35.37
CA HIS A 553 -20.90 -13.58 34.70
C HIS A 553 -22.00 -14.56 34.32
N ASP A 554 -23.19 -14.44 34.91
CA ASP A 554 -24.28 -15.35 34.60
C ASP A 554 -24.83 -15.18 33.20
N TRP A 555 -24.54 -14.06 32.53
CA TRP A 555 -25.01 -13.87 31.17
C TRP A 555 -24.28 -14.81 30.21
N PHE A 556 -24.97 -15.17 29.13
CA PHE A 556 -24.46 -16.20 28.23
C PHE A 556 -23.17 -15.77 27.53
N ILE A 557 -23.03 -14.48 27.23
CA ILE A 557 -21.82 -14.02 26.54
C ILE A 557 -20.58 -14.27 27.39
N PHE A 558 -20.67 -14.00 28.69
CA PHE A 558 -19.55 -14.30 29.58
C PHE A 558 -19.59 -15.73 30.06
N LYS A 559 -20.78 -16.32 30.17
CA LYS A 559 -20.90 -17.68 30.68
C LYS A 559 -20.24 -18.69 29.73
N GLU A 560 -20.46 -18.52 28.42
CA GLU A 560 -19.95 -19.51 27.46
C GLU A 560 -18.45 -19.33 27.23
N TRP A 561 -18.05 -18.17 26.72
CA TRP A 561 -16.65 -17.91 26.44
C TRP A 561 -15.86 -17.75 27.74
N ASP A 567 -8.76 -13.56 34.16
CA ASP A 567 -9.75 -12.61 33.63
C ASP A 567 -10.14 -12.98 32.21
N CYS A 568 -11.31 -12.51 31.79
CA CYS A 568 -11.84 -12.79 30.46
C CYS A 568 -11.54 -11.69 29.46
N ILE A 569 -11.22 -10.49 29.90
CA ILE A 569 -11.07 -9.34 29.02
C ILE A 569 -9.84 -8.54 29.44
N THR A 570 -9.10 -8.06 28.44
CA THR A 570 -7.90 -7.26 28.68
C THR A 570 -8.17 -5.81 28.34
N PRO A 571 -8.25 -4.91 29.32
CA PRO A 571 -8.46 -3.49 28.98
C PRO A 571 -7.34 -2.88 28.15
N GLY A 572 -6.15 -3.48 28.13
CA GLY A 572 -5.09 -2.98 27.27
C GLY A 572 -5.44 -3.10 25.80
N LEU A 573 -6.09 -4.19 25.42
CA LEU A 573 -6.56 -4.32 24.03
C LEU A 573 -7.60 -3.27 23.70
N TYR A 574 -8.52 -2.99 24.63
CA TYR A 574 -9.49 -1.94 24.40
C TYR A 574 -8.81 -0.59 24.27
N ALA A 575 -7.75 -0.36 25.04
CA ALA A 575 -7.00 0.89 24.90
C ALA A 575 -6.32 0.98 23.54
N MET A 576 -5.72 -0.11 23.09
CA MET A 576 -5.20 -0.14 21.72
C MET A 576 -6.27 0.23 20.71
N VAL A 577 -7.44 -0.39 20.84
CA VAL A 577 -8.49 -0.22 19.85
C VAL A 577 -9.01 1.22 19.89
N GLY A 578 -9.11 1.80 21.09
CA GLY A 578 -9.53 3.19 21.19
C GLY A 578 -8.50 4.15 20.63
N ALA A 579 -7.22 3.87 20.85
CA ALA A 579 -6.17 4.67 20.23
C ALA A 579 -6.30 4.65 18.71
N ALA A 580 -6.47 3.45 18.14
CA ALA A 580 -6.65 3.34 16.71
C ALA A 580 -7.92 4.06 16.27
N ALA A 581 -8.98 3.97 17.08
CA ALA A 581 -10.24 4.62 16.74
C ALA A 581 -10.07 6.13 16.61
N CYS A 582 -9.50 6.76 17.63
CA CYS A 582 -9.34 8.22 17.60
C CYS A 582 -8.33 8.63 16.55
N LEU A 583 -7.25 7.86 16.39
CA LEU A 583 -6.23 8.20 15.42
C LEU A 583 -6.79 8.14 14.00
N GLY A 584 -7.64 7.15 13.71
CA GLY A 584 -8.28 7.08 12.41
C GLY A 584 -9.40 8.08 12.24
N GLY A 585 -10.09 8.44 13.31
CA GLY A 585 -11.12 9.46 13.21
C GLY A 585 -10.53 10.81 12.88
N VAL A 586 -9.41 11.17 13.50
CA VAL A 586 -8.81 12.48 13.25
C VAL A 586 -8.00 12.47 11.96
N THR A 587 -7.24 11.41 11.71
CA THR A 587 -6.40 11.35 10.52
C THR A 587 -7.12 10.77 9.31
N ARG A 588 -8.07 9.86 9.52
CA ARG A 588 -8.75 9.16 8.43
C ARG A 588 -7.80 8.26 7.65
N MET A 589 -6.97 7.52 8.39
CA MET A 589 -6.06 6.53 7.82
C MET A 589 -6.55 5.14 8.20
N THR A 590 -6.55 4.22 7.24
CA THR A 590 -7.14 2.91 7.44
C THR A 590 -6.10 1.78 7.51
N VAL A 591 -5.35 1.57 6.44
CA VAL A 591 -4.41 0.45 6.44
C VAL A 591 -3.11 0.83 7.13
N SER A 592 -2.61 2.04 6.83
CA SER A 592 -1.41 2.52 7.50
C SER A 592 -1.62 2.59 9.00
N LEU A 593 -2.78 3.07 9.45
CA LEU A 593 -3.01 3.22 10.86
C LEU A 593 -3.04 1.86 11.58
N VAL A 594 -3.72 0.88 11.00
CA VAL A 594 -3.78 -0.44 11.63
C VAL A 594 -2.40 -1.07 11.66
N VAL A 595 -1.66 -0.98 10.56
CA VAL A 595 -0.32 -1.56 10.53
C VAL A 595 0.57 -0.86 11.55
N ILE A 596 0.47 0.46 11.65
CA ILE A 596 1.24 1.18 12.65
C ILE A 596 0.87 0.72 14.05
N VAL A 597 -0.42 0.50 14.31
CA VAL A 597 -0.84 0.17 15.67
C VAL A 597 -0.30 -1.20 16.07
N PHE A 598 -0.45 -2.21 15.21
CA PHE A 598 0.05 -3.52 15.65
C PHE A 598 1.54 -3.72 15.41
N GLU A 599 2.20 -2.86 14.64
CA GLU A 599 3.66 -2.83 14.64
C GLU A 599 4.20 -2.16 15.90
N LEU A 600 3.51 -1.10 16.33
CA LEU A 600 3.85 -0.41 17.56
C LEU A 600 3.70 -1.33 18.76
N THR A 601 2.59 -2.06 18.82
CA THR A 601 2.27 -2.90 19.97
C THR A 601 2.67 -4.35 19.79
N GLY A 602 2.94 -4.79 18.56
CA GLY A 602 3.31 -6.17 18.31
C GLY A 602 2.15 -7.14 18.34
N GLY A 603 0.94 -6.67 18.60
CA GLY A 603 -0.22 -7.52 18.67
C GLY A 603 -0.85 -7.79 17.33
N LEU A 604 -0.23 -8.66 16.54
CA LEU A 604 -0.83 -9.11 15.27
C LEU A 604 -1.75 -10.30 15.49
N GLU A 605 -2.62 -10.16 16.48
CA GLU A 605 -3.71 -11.10 16.70
C GLU A 605 -5.02 -10.36 16.90
N TYR A 606 -4.98 -9.03 16.94
CA TYR A 606 -6.15 -8.22 17.19
C TYR A 606 -6.48 -7.37 15.97
N THR A 607 -5.93 -7.74 14.81
CA THR A 607 -6.03 -6.91 13.62
C THR A 607 -7.48 -6.68 13.21
N VAL A 608 -8.31 -7.71 13.24
CA VAL A 608 -9.72 -7.54 12.89
C VAL A 608 -10.39 -6.52 13.80
N PRO A 609 -10.22 -6.56 15.12
CA PRO A 609 -10.76 -5.49 15.96
C PRO A 609 -10.25 -4.12 15.58
N LEU A 610 -8.96 -4.01 15.25
CA LEU A 610 -8.41 -2.73 14.85
C LEU A 610 -9.04 -2.24 13.56
N MET A 611 -9.26 -3.14 12.60
CA MET A 611 -9.90 -2.76 11.34
C MET A 611 -11.33 -2.30 11.58
N ALA A 612 -12.08 -3.03 12.40
CA ALA A 612 -13.45 -2.64 12.70
C ALA A 612 -13.50 -1.27 13.35
N ALA A 613 -12.64 -1.03 14.34
CA ALA A 613 -12.61 0.26 14.99
C ALA A 613 -12.21 1.36 14.01
N VAL A 614 -11.24 1.09 13.14
CA VAL A 614 -10.73 2.12 12.26
C VAL A 614 -11.76 2.50 11.19
N MET A 615 -12.41 1.51 10.55
CA MET A 615 -13.51 1.84 9.65
C MET A 615 -14.67 2.51 10.36
N THR A 616 -15.04 2.05 11.56
CA THR A 616 -16.13 2.72 12.25
C THR A 616 -15.77 4.18 12.50
N SER A 617 -14.56 4.43 12.96
CA SER A 617 -14.12 5.80 13.23
C SER A 617 -14.09 6.64 11.97
N LYS A 618 -13.57 6.09 10.87
CA LYS A 618 -13.52 6.84 9.63
C LYS A 618 -14.92 7.17 9.11
N TRP A 619 -15.85 6.21 9.19
CA TRP A 619 -17.21 6.46 8.72
C TRP A 619 -17.90 7.51 9.57
N VAL A 620 -17.81 7.38 10.89
CA VAL A 620 -18.47 8.34 11.76
C VAL A 620 -17.84 9.71 11.58
N GLY A 621 -16.53 9.77 11.35
CA GLY A 621 -15.90 11.05 11.08
C GLY A 621 -16.37 11.66 9.77
N ASP A 622 -16.43 10.84 8.72
CA ASP A 622 -16.89 11.33 7.43
C ASP A 622 -18.34 11.78 7.47
N ALA A 623 -19.13 11.26 8.40
CA ALA A 623 -20.49 11.74 8.55
C ALA A 623 -20.55 13.23 8.84
N PHE A 624 -19.47 13.83 9.34
CA PHE A 624 -19.42 15.25 9.65
C PHE A 624 -18.43 16.01 8.77
N GLY A 625 -17.90 15.38 7.72
CA GLY A 625 -16.93 16.03 6.86
C GLY A 625 -15.79 15.11 6.51
N ARG A 626 -15.50 14.98 5.21
CA ARG A 626 -14.59 13.95 4.73
C ARG A 626 -13.13 14.30 4.95
N GLU A 627 -12.80 15.55 5.25
CA GLU A 627 -11.40 15.96 5.42
C GLU A 627 -10.86 15.50 6.76
N GLY A 628 -9.59 15.08 6.76
CA GLY A 628 -8.88 14.79 7.98
C GLY A 628 -8.29 16.03 8.58
N ILE A 629 -7.35 15.82 9.52
CA ILE A 629 -6.70 16.95 10.17
C ILE A 629 -5.56 17.49 9.31
N TYR A 630 -4.89 16.63 8.55
CA TYR A 630 -3.81 17.09 7.69
C TYR A 630 -4.34 17.79 6.44
N GLU A 631 -5.48 17.38 5.92
CA GLU A 631 -6.08 18.12 4.82
C GLU A 631 -6.74 19.41 5.27
N ALA A 632 -7.26 19.46 6.51
CA ALA A 632 -7.87 20.68 7.01
C ALA A 632 -6.84 21.71 7.46
N HIS A 633 -5.54 21.35 7.60
CA HIS A 633 -4.46 22.28 7.95
C HIS A 633 -3.60 22.66 6.75
N ILE A 634 -4.08 22.38 5.53
CA ILE A 634 -3.75 22.61 4.14
C ILE A 634 -4.85 23.51 3.57
N ARG A 635 -6.11 23.12 3.78
CA ARG A 635 -7.20 24.00 3.40
C ARG A 635 -7.21 25.26 4.27
N LEU A 636 -6.94 25.11 5.57
CA LEU A 636 -6.89 26.28 6.45
C LEU A 636 -5.71 27.17 6.10
N ASN A 637 -4.53 26.58 5.87
CA ASN A 637 -3.35 27.37 5.51
C ASN A 637 -3.37 27.83 4.06
N GLY A 638 -4.34 27.37 3.27
CA GLY A 638 -4.39 27.77 1.86
C GLY A 638 -3.19 27.32 1.08
N TYR A 639 -2.72 26.11 1.31
CA TYR A 639 -1.63 25.57 0.52
C TYR A 639 -2.16 25.09 -0.83
N PRO A 640 -1.34 25.13 -1.87
CA PRO A 640 -1.82 24.69 -3.19
C PRO A 640 -1.74 23.18 -3.37
N PHE A 641 -2.70 22.49 -2.76
CA PHE A 641 -2.75 21.03 -2.75
C PHE A 641 -3.96 20.57 -3.55
N LEU A 642 -3.70 19.80 -4.61
CA LEU A 642 -4.76 19.23 -5.44
C LEU A 642 -5.13 17.87 -4.88
N ASP A 643 -6.33 17.76 -4.34
CA ASP A 643 -6.73 16.57 -3.59
C ASP A 643 -7.34 15.53 -4.52
N ALA A 644 -6.94 14.27 -4.33
CA ALA A 644 -7.53 13.18 -5.09
C ALA A 644 -8.92 12.81 -4.59
N LYS A 645 -9.15 12.89 -3.27
CA LYS A 645 -10.47 12.58 -2.73
C LYS A 645 -11.51 13.52 -3.30
N GLU A 646 -11.21 14.82 -3.32
CA GLU A 646 -12.13 15.79 -3.86
C GLU A 646 -12.28 15.61 -5.37
N GLU A 647 -13.48 15.85 -5.87
CA GLU A 647 -13.81 15.70 -7.28
C GLU A 647 -14.53 16.95 -7.77
N PHE A 648 -14.32 17.26 -9.04
CA PHE A 648 -14.88 18.47 -9.65
C PHE A 648 -16.37 18.23 -9.93
N THR A 649 -17.16 18.25 -8.86
CA THR A 649 -18.59 18.03 -8.99
C THR A 649 -19.26 19.09 -9.85
N HIS A 650 -18.65 20.25 -9.99
CA HIS A 650 -19.23 21.31 -10.81
C HIS A 650 -19.26 20.89 -12.27
N THR A 651 -20.35 21.23 -12.96
CA THR A 651 -20.48 20.99 -14.39
C THR A 651 -19.92 22.21 -15.12
N THR A 652 -18.73 22.07 -15.71
CA THR A 652 -18.06 23.19 -16.35
C THR A 652 -17.19 22.66 -17.47
N LEU A 653 -16.82 23.55 -18.38
CA LEU A 653 -15.96 23.25 -19.51
C LEU A 653 -14.61 23.93 -19.31
N ALA A 654 -13.58 23.34 -19.91
CA ALA A 654 -12.23 23.90 -19.78
C ALA A 654 -12.15 25.32 -20.31
N ALA A 655 -13.05 25.71 -21.21
CA ALA A 655 -13.03 27.08 -21.73
C ALA A 655 -13.30 28.10 -20.64
N ASP A 656 -14.10 27.75 -19.63
CA ASP A 656 -14.40 28.68 -18.56
C ASP A 656 -13.19 28.84 -17.63
N VAL A 657 -12.56 27.74 -17.25
CA VAL A 657 -11.49 27.80 -16.25
C VAL A 657 -10.28 28.52 -16.80
N MET A 658 -9.90 28.22 -18.04
CA MET A 658 -8.75 28.90 -18.65
C MET A 658 -8.93 30.41 -18.56
N ARG A 659 -7.86 31.09 -18.13
CA ARG A 659 -7.95 32.49 -17.70
C ARG A 659 -7.05 33.42 -18.50
N PRO A 660 -7.11 33.37 -19.83
CA PRO A 660 -6.90 34.58 -20.65
C PRO A 660 -8.22 35.26 -20.94
N ARG A 661 -8.98 35.55 -19.90
CA ARG A 661 -10.37 35.96 -20.04
C ARG A 661 -10.49 37.29 -20.77
N ARG A 662 -11.72 37.62 -21.16
CA ARG A 662 -11.98 38.89 -21.82
C ARG A 662 -11.56 40.06 -20.94
N SER A 663 -11.68 39.92 -19.62
CA SER A 663 -11.19 40.97 -18.72
C SER A 663 -9.67 40.94 -18.62
N ASP A 664 -9.06 39.77 -18.81
CA ASP A 664 -7.62 39.65 -18.72
C ASP A 664 -6.93 40.20 -19.96
N PRO A 665 -5.65 40.52 -19.87
CA PRO A 665 -4.94 41.04 -21.05
C PRO A 665 -4.78 39.96 -22.10
N PRO A 666 -4.19 40.29 -23.25
CA PRO A 666 -3.93 39.26 -24.26
C PRO A 666 -3.00 38.18 -23.71
N LEU A 667 -3.25 36.95 -24.15
CA LEU A 667 -2.42 35.81 -23.77
C LEU A 667 -0.96 36.06 -24.14
N ALA A 668 -0.09 36.19 -23.15
CA ALA A 668 1.33 36.36 -23.44
C ALA A 668 1.84 35.14 -24.21
N VAL A 669 2.40 35.39 -25.39
CA VAL A 669 2.92 34.34 -26.26
C VAL A 669 4.18 34.84 -26.95
N LEU A 670 4.90 33.92 -27.57
CA LEU A 670 6.10 34.24 -28.33
C LEU A 670 6.02 33.60 -29.71
N THR A 671 6.45 34.34 -30.72
CA THR A 671 6.54 33.81 -32.07
C THR A 671 7.89 33.14 -32.27
N GLN A 672 7.92 32.16 -33.18
CA GLN A 672 9.08 31.29 -33.29
C GLN A 672 10.33 32.05 -33.73
N ASP A 673 10.20 32.95 -34.70
CA ASP A 673 11.37 33.56 -35.32
C ASP A 673 11.30 35.09 -35.35
N ASN A 674 10.10 35.66 -35.31
CA ASN A 674 9.98 37.11 -35.42
C ASN A 674 10.62 37.81 -34.23
N MET A 675 10.52 37.23 -33.05
CA MET A 675 11.01 37.89 -31.84
C MET A 675 12.52 38.10 -31.91
N THR A 676 12.98 39.15 -31.23
CA THR A 676 14.40 39.44 -31.08
C THR A 676 14.79 39.29 -29.61
N VAL A 677 16.09 39.29 -29.37
CA VAL A 677 16.59 39.08 -28.01
C VAL A 677 16.03 40.15 -27.08
N ASP A 678 16.04 41.41 -27.53
CA ASP A 678 15.56 42.50 -26.68
C ASP A 678 14.08 42.32 -26.36
N ASP A 679 13.28 41.92 -27.34
CA ASP A 679 11.85 41.75 -27.11
C ASP A 679 11.59 40.67 -26.06
N ILE A 680 12.27 39.53 -26.18
CA ILE A 680 12.04 38.45 -25.23
C ILE A 680 12.56 38.82 -23.85
N GLU A 681 13.67 39.56 -23.78
CA GLU A 681 14.15 40.03 -22.49
C GLU A 681 13.15 40.98 -21.84
N ASN A 682 12.55 41.88 -22.64
CA ASN A 682 11.51 42.76 -22.11
C ASN A 682 10.31 41.95 -21.62
N MET A 683 9.93 40.91 -22.36
CA MET A 683 8.84 40.05 -21.91
C MET A 683 9.20 39.37 -20.59
N ILE A 684 10.45 38.92 -20.45
CA ILE A 684 10.87 38.29 -19.20
C ILE A 684 10.75 39.27 -18.04
N ASN A 685 11.25 40.49 -18.23
CA ASN A 685 11.31 41.44 -17.12
C ASN A 685 9.94 42.00 -16.77
N GLU A 686 9.14 42.35 -17.78
CA GLU A 686 7.87 43.03 -17.54
C GLU A 686 6.75 42.08 -17.18
N THR A 687 6.95 40.78 -17.34
CA THR A 687 5.94 39.78 -17.03
C THR A 687 6.46 38.82 -15.99
N SER A 688 5.64 38.51 -14.99
CA SER A 688 6.01 37.58 -13.93
C SER A 688 5.76 36.13 -14.32
N TYR A 689 5.12 35.88 -15.45
CA TYR A 689 4.81 34.50 -15.85
C TYR A 689 6.09 33.69 -15.96
N ASN A 690 6.00 32.42 -15.57
CA ASN A 690 7.13 31.51 -15.61
C ASN A 690 7.22 30.75 -16.93
N GLY A 691 6.30 30.99 -17.86
CA GLY A 691 6.32 30.29 -19.12
C GLY A 691 5.52 31.01 -20.17
N PHE A 692 5.88 30.79 -21.43
CA PHE A 692 5.23 31.44 -22.56
C PHE A 692 4.98 30.39 -23.65
N PRO A 693 3.76 30.33 -24.21
CA PRO A 693 3.53 29.48 -25.38
C PRO A 693 4.24 30.05 -26.61
N VAL A 694 5.26 29.34 -27.09
CA VAL A 694 5.96 29.72 -28.30
C VAL A 694 5.15 29.23 -29.49
N ILE A 695 4.74 30.15 -30.35
CA ILE A 695 3.84 29.85 -31.45
C ILE A 695 4.51 30.25 -32.76
N MET A 696 3.86 29.87 -33.87
CA MET A 696 4.39 30.19 -35.19
C MET A 696 4.33 31.69 -35.44
N SER A 697 3.18 32.31 -35.22
CA SER A 697 3.00 33.73 -35.51
C SER A 697 1.85 34.25 -34.66
N LYS A 698 1.78 35.58 -34.55
CA LYS A 698 0.74 36.21 -33.76
C LYS A 698 -0.65 35.95 -34.32
N GLU A 699 -0.74 35.51 -35.57
CA GLU A 699 -2.02 35.19 -36.20
C GLU A 699 -2.23 33.69 -36.37
N SER A 700 -1.18 32.95 -36.72
CA SER A 700 -1.31 31.51 -36.88
C SER A 700 -1.70 30.84 -35.57
N GLN A 701 -1.08 31.25 -34.47
CA GLN A 701 -1.39 30.72 -33.15
C GLN A 701 -1.32 29.20 -33.14
N ARG A 702 -0.25 28.66 -33.73
CA ARG A 702 0.02 27.23 -33.73
C ARG A 702 1.04 26.93 -32.63
N LEU A 703 0.69 25.98 -31.76
CA LEU A 703 1.52 25.65 -30.60
C LEU A 703 2.81 25.01 -31.10
N VAL A 704 3.90 25.76 -31.09
CA VAL A 704 5.20 25.23 -31.46
C VAL A 704 5.90 24.64 -30.24
N GLY A 705 5.75 25.26 -29.08
CA GLY A 705 6.37 24.74 -27.88
C GLY A 705 6.07 25.61 -26.69
N PHE A 706 6.80 25.37 -25.61
CA PHE A 706 6.64 26.14 -24.38
C PHE A 706 8.01 26.57 -23.89
N ALA A 707 8.18 27.85 -23.64
CA ALA A 707 9.46 28.42 -23.21
C ALA A 707 9.35 28.81 -21.75
N LEU A 708 10.19 28.20 -20.91
CA LEU A 708 10.20 28.50 -19.49
C LEU A 708 10.93 29.81 -19.22
N ARG A 709 10.33 30.63 -18.35
CA ARG A 709 10.92 31.94 -18.05
C ARG A 709 12.31 31.80 -17.47
N ARG A 710 12.49 30.85 -16.53
CA ARG A 710 13.83 30.66 -15.96
C ARG A 710 14.81 30.20 -17.02
N ASP A 711 14.42 29.22 -17.83
CA ASP A 711 15.31 28.74 -18.88
C ASP A 711 15.61 29.85 -19.89
N LEU A 712 14.59 30.61 -20.27
CA LEU A 712 14.80 31.71 -21.19
C LEU A 712 15.79 32.73 -20.62
N THR A 713 15.58 33.12 -19.35
CA THR A 713 16.46 34.10 -18.72
C THR A 713 17.89 33.58 -18.65
N ILE A 714 18.06 32.33 -18.23
CA ILE A 714 19.41 31.78 -18.10
C ILE A 714 20.09 31.71 -19.46
N ALA A 715 19.36 31.25 -20.48
CA ALA A 715 19.95 31.16 -21.82
C ALA A 715 20.37 32.53 -22.33
N ILE A 716 19.51 33.53 -22.16
CA ILE A 716 19.85 34.87 -22.65
C ILE A 716 21.04 35.43 -21.90
N GLU A 717 21.07 35.26 -20.57
CA GLU A 717 22.19 35.76 -19.79
C GLU A 717 23.49 35.08 -20.20
N SER A 718 23.46 33.76 -20.40
CA SER A 718 24.67 33.05 -20.82
C SER A 718 25.11 33.52 -22.20
N ALA A 719 24.16 33.70 -23.12
CA ALA A 719 24.51 34.14 -24.47
C ALA A 719 25.16 35.51 -24.46
N ARG A 720 24.59 36.46 -23.70
CA ARG A 720 25.17 37.79 -23.62
C ARG A 720 26.52 37.75 -22.91
N LYS A 721 26.64 36.97 -21.85
CA LYS A 721 27.90 36.84 -21.13
C LYS A 721 28.92 36.05 -21.94
N VAL A 732 16.43 36.41 -32.38
CA VAL A 732 16.03 35.12 -31.82
C VAL A 732 15.34 34.28 -32.90
N CYS A 733 15.65 32.99 -32.91
CA CYS A 733 15.04 32.04 -33.83
C CYS A 733 14.85 30.72 -33.09
N PHE A 734 13.60 30.40 -32.73
CA PHE A 734 13.31 29.14 -32.08
C PHE A 734 13.38 27.96 -33.03
N ALA A 735 13.48 28.18 -34.33
CA ALA A 735 13.58 27.11 -35.31
C ALA A 735 15.02 26.64 -35.45
N LEU A 749 19.86 34.60 -32.05
CA LEU A 749 20.19 33.73 -30.94
C LEU A 749 19.24 32.54 -30.88
N LYS A 750 19.76 31.35 -31.14
CA LYS A 750 18.94 30.15 -31.14
C LYS A 750 18.41 29.86 -29.74
N LEU A 751 17.18 29.38 -29.66
CA LEU A 751 16.57 29.00 -28.39
C LEU A 751 15.79 27.70 -28.51
N ARG A 752 16.16 26.85 -29.47
CA ARG A 752 15.51 25.54 -29.60
C ARG A 752 15.98 24.56 -28.53
N SER A 753 17.14 24.80 -27.91
CA SER A 753 17.63 23.89 -26.88
C SER A 753 16.69 23.86 -25.68
N ILE A 754 16.18 25.02 -25.27
CA ILE A 754 15.30 25.09 -24.10
C ILE A 754 13.83 24.96 -24.46
N LEU A 755 13.47 25.14 -25.73
CA LEU A 755 12.07 25.11 -26.12
C LEU A 755 11.45 23.75 -25.80
N ASP A 756 10.26 23.78 -25.20
CA ASP A 756 9.49 22.57 -24.90
C ASP A 756 8.64 22.23 -26.12
N MET A 757 9.16 21.35 -26.97
CA MET A 757 8.46 21.01 -28.20
C MET A 757 7.15 20.26 -27.95
N SER A 758 6.93 19.77 -26.72
CA SER A 758 5.77 18.93 -26.41
C SER A 758 5.02 19.51 -25.22
N PRO A 759 4.29 20.61 -25.44
CA PRO A 759 3.40 21.12 -24.38
C PRO A 759 2.09 20.37 -24.34
N PHE A 760 1.65 19.93 -23.16
CA PHE A 760 0.39 19.22 -23.06
C PHE A 760 -0.75 20.16 -23.42
N THR A 761 -1.68 19.68 -24.24
CA THR A 761 -2.77 20.49 -24.76
C THR A 761 -4.09 19.77 -24.53
N VAL A 762 -5.17 20.54 -24.49
CA VAL A 762 -6.50 20.01 -24.30
C VAL A 762 -7.48 20.87 -25.09
N THR A 763 -8.53 20.24 -25.60
CA THR A 763 -9.52 20.95 -26.41
C THR A 763 -10.29 21.94 -25.55
N ASP A 764 -10.60 23.10 -26.15
CA ASP A 764 -11.35 24.13 -25.44
C ASP A 764 -12.72 23.65 -25.00
N HIS A 765 -13.28 22.65 -25.68
CA HIS A 765 -14.56 22.07 -25.30
C HIS A 765 -14.41 20.89 -24.36
N THR A 766 -13.20 20.56 -23.95
CA THR A 766 -12.99 19.44 -23.04
C THR A 766 -13.63 19.76 -21.70
N PRO A 767 -14.40 18.84 -21.11
CA PRO A 767 -14.95 19.11 -19.78
C PRO A 767 -13.82 19.28 -18.77
N MET A 768 -14.04 20.21 -17.83
CA MET A 768 -12.96 20.57 -16.91
C MET A 768 -12.54 19.40 -16.04
N GLU A 769 -13.48 18.54 -15.63
CA GLU A 769 -13.13 17.44 -14.74
C GLU A 769 -12.07 16.55 -15.39
N ILE A 770 -12.12 16.41 -16.71
CA ILE A 770 -11.09 15.66 -17.42
C ILE A 770 -9.74 16.34 -17.24
N VAL A 771 -9.70 17.67 -17.37
CA VAL A 771 -8.43 18.38 -17.19
C VAL A 771 -7.93 18.23 -15.76
N VAL A 772 -8.84 18.23 -14.79
CA VAL A 772 -8.46 18.00 -13.40
C VAL A 772 -7.81 16.64 -13.26
N ASP A 773 -8.40 15.63 -13.90
CA ASP A 773 -7.79 14.30 -13.87
C ASP A 773 -6.42 14.29 -14.53
N ILE A 774 -6.28 15.00 -15.65
CA ILE A 774 -4.98 15.06 -16.32
C ILE A 774 -3.93 15.62 -15.35
N PHE A 775 -4.25 16.75 -14.72
CA PHE A 775 -3.31 17.37 -13.79
C PHE A 775 -3.00 16.43 -12.63
N ARG A 776 -4.03 15.77 -12.09
CA ARG A 776 -3.83 14.97 -10.88
C ARG A 776 -3.03 13.71 -11.17
N LYS A 777 -3.38 13.00 -12.24
CA LYS A 777 -2.70 11.74 -12.55
C LYS A 777 -1.31 11.99 -13.10
N LEU A 778 -1.15 12.99 -13.96
CA LEU A 778 0.15 13.26 -14.57
C LEU A 778 0.98 14.27 -13.78
N GLY A 779 0.36 15.08 -12.94
CA GLY A 779 1.08 16.08 -12.19
C GLY A 779 1.71 17.14 -13.07
N LEU A 780 0.94 17.65 -14.04
CA LEU A 780 1.41 18.73 -14.88
C LEU A 780 1.26 20.06 -14.16
N ARG A 781 1.97 21.07 -14.66
CA ARG A 781 1.86 22.42 -14.16
C ARG A 781 1.03 23.34 -15.05
N GLN A 782 1.03 23.11 -16.36
CA GLN A 782 0.22 23.89 -17.28
C GLN A 782 -0.25 23.03 -18.42
N CYS A 783 -1.45 23.33 -18.92
CA CYS A 783 -2.07 22.60 -20.03
C CYS A 783 -2.66 23.62 -21.01
N LEU A 784 -1.95 23.83 -22.12
CA LEU A 784 -2.27 24.91 -23.04
C LEU A 784 -3.50 24.55 -23.84
N VAL A 785 -4.67 25.03 -23.40
CA VAL A 785 -5.90 24.72 -24.11
C VAL A 785 -5.84 25.25 -25.54
N THR A 786 -6.52 24.56 -26.45
CA THR A 786 -6.55 24.91 -27.85
C THR A 786 -7.98 24.87 -28.37
N HIS A 787 -8.20 25.56 -29.48
CA HIS A 787 -9.52 25.66 -30.10
C HIS A 787 -9.36 25.37 -31.59
N ASN A 788 -9.74 24.16 -32.00
CA ASN A 788 -9.62 23.74 -33.40
C ASN A 788 -8.18 23.91 -33.89
N GLY A 789 -7.23 23.65 -33.00
CA GLY A 789 -5.83 23.81 -33.32
C GLY A 789 -5.30 25.21 -33.16
N ARG A 790 -6.16 26.19 -32.89
CA ARG A 790 -5.75 27.58 -32.68
C ARG A 790 -5.52 27.79 -31.19
N LEU A 791 -4.30 28.11 -30.81
CA LEU A 791 -3.96 28.30 -29.41
C LEU A 791 -4.96 29.25 -28.75
N LEU A 792 -5.68 28.75 -27.76
CA LEU A 792 -6.74 29.51 -27.12
C LEU A 792 -6.33 30.12 -25.79
N GLY A 793 -5.37 29.51 -25.07
CA GLY A 793 -4.97 30.06 -23.79
C GLY A 793 -4.03 29.20 -22.99
N ILE A 794 -4.31 29.09 -21.68
CA ILE A 794 -3.45 28.32 -20.78
C ILE A 794 -4.24 28.03 -19.51
N ILE A 795 -3.92 26.91 -18.87
CA ILE A 795 -4.41 26.57 -17.55
C ILE A 795 -3.21 26.09 -16.73
N THR A 796 -3.19 26.44 -15.46
CA THR A 796 -2.13 26.01 -14.56
C THR A 796 -2.74 25.34 -13.35
N LYS A 797 -1.92 24.55 -12.65
CA LYS A 797 -2.39 23.93 -11.41
C LYS A 797 -3.01 24.98 -10.50
N LYS A 798 -2.38 26.14 -10.39
CA LYS A 798 -2.92 27.21 -9.56
C LYS A 798 -4.27 27.69 -10.08
N ASP A 799 -4.47 27.71 -11.40
CA ASP A 799 -5.77 28.11 -11.92
C ASP A 799 -6.87 27.18 -11.45
N ILE A 800 -6.62 25.88 -11.55
CA ILE A 800 -7.61 24.89 -11.11
C ILE A 800 -7.85 25.05 -9.62
N LEU A 801 -6.79 25.23 -8.84
CA LEU A 801 -6.94 25.34 -7.40
C LEU A 801 -7.72 26.59 -7.03
N ARG A 802 -7.45 27.72 -7.70
CA ARG A 802 -8.21 28.93 -7.45
C ARG A 802 -9.68 28.72 -7.78
N HIS A 803 -9.97 28.08 -8.90
CA HIS A 803 -11.36 27.84 -9.28
C HIS A 803 -12.07 26.95 -8.28
N MET A 804 -11.39 25.89 -7.81
CA MET A 804 -12.01 24.94 -6.89
C MET A 804 -12.33 25.55 -5.53
N ALA A 805 -11.79 26.73 -5.24
CA ALA A 805 -12.12 27.41 -3.99
C ALA A 805 -13.54 27.93 -4.01
N THR B 84 -21.30 -0.82 -23.74
CA THR B 84 -20.59 -2.01 -23.25
C THR B 84 -19.38 -2.29 -24.13
N TYR B 85 -18.72 -3.42 -23.90
CA TYR B 85 -17.51 -3.78 -24.63
C TYR B 85 -17.63 -5.18 -25.19
N ASP B 86 -16.87 -5.43 -26.25
CA ASP B 86 -16.84 -6.74 -26.90
C ASP B 86 -15.81 -7.63 -26.21
N ASP B 87 -15.87 -8.92 -26.53
CA ASP B 87 -14.97 -9.89 -25.92
C ASP B 87 -13.52 -9.57 -26.26
N PHE B 88 -12.64 -9.79 -25.28
CA PHE B 88 -11.20 -9.62 -25.47
C PHE B 88 -10.85 -8.19 -25.87
N HIS B 89 -11.65 -7.23 -25.44
CA HIS B 89 -11.42 -5.82 -25.74
C HIS B 89 -11.13 -5.06 -24.45
N THR B 90 -10.31 -4.03 -24.57
CA THR B 90 -9.85 -3.28 -23.43
C THR B 90 -10.94 -2.34 -22.92
N ILE B 91 -10.71 -1.80 -21.73
CA ILE B 91 -11.64 -0.89 -21.08
C ILE B 91 -11.04 0.51 -21.13
N ASP B 92 -11.78 1.47 -21.66
CA ASP B 92 -11.34 2.86 -21.67
C ASP B 92 -11.79 3.47 -20.35
N TRP B 93 -10.84 3.74 -19.47
CA TRP B 93 -11.18 4.11 -18.09
C TRP B 93 -11.89 5.46 -18.03
N VAL B 94 -11.51 6.39 -18.90
CA VAL B 94 -12.08 7.73 -18.84
C VAL B 94 -13.56 7.73 -19.22
N ARG B 95 -13.92 6.97 -20.26
CA ARG B 95 -15.32 6.92 -20.67
C ARG B 95 -16.18 6.32 -19.57
N GLU B 96 -15.69 5.26 -18.92
CA GLU B 96 -16.41 4.66 -17.81
C GLU B 96 -16.54 5.62 -16.64
N LYS B 97 -15.47 6.36 -16.34
CA LYS B 97 -15.52 7.32 -15.25
C LYS B 97 -16.55 8.41 -15.53
N CYS B 98 -16.57 8.91 -16.77
CA CYS B 98 -17.56 9.91 -17.15
C CYS B 98 -18.97 9.35 -17.02
N LYS B 99 -19.21 8.15 -17.57
CA LYS B 99 -20.52 7.53 -17.45
C LYS B 99 -20.94 7.41 -15.99
N ASP B 100 -20.00 7.06 -15.12
CA ASP B 100 -20.30 6.99 -13.71
C ASP B 100 -20.70 8.36 -13.18
N ARG B 101 -20.06 9.42 -13.71
CA ARG B 101 -20.45 10.77 -13.30
C ARG B 101 -21.87 11.12 -13.73
N GLU B 102 -22.26 10.79 -14.97
CA GLU B 102 -23.65 11.06 -15.35
C GLU B 102 -24.62 10.23 -14.52
N ARG B 103 -24.26 8.99 -14.20
CA ARG B 103 -25.14 8.20 -13.35
C ARG B 103 -25.29 8.85 -11.98
N HIS B 104 -24.19 9.35 -11.41
CA HIS B 104 -24.26 10.04 -10.13
C HIS B 104 -25.15 11.27 -10.22
N ARG B 105 -25.01 12.04 -11.31
CA ARG B 105 -25.82 13.24 -11.47
C ARG B 105 -27.30 12.90 -11.56
N ARG B 106 -27.64 11.86 -12.35
CA ARG B 106 -29.03 11.45 -12.47
C ARG B 106 -29.58 10.96 -11.13
N ILE B 107 -28.77 10.22 -10.37
CA ILE B 107 -29.20 9.75 -9.07
C ILE B 107 -29.47 10.93 -8.14
N ASN B 108 -28.59 11.93 -8.16
CA ASN B 108 -28.81 13.11 -7.33
C ASN B 108 -30.08 13.84 -7.76
N SER B 109 -30.35 13.90 -9.06
CA SER B 109 -31.58 14.53 -9.54
C SER B 109 -32.80 13.79 -9.01
N LYS B 110 -32.79 12.46 -9.08
CA LYS B 110 -33.91 11.68 -8.54
C LYS B 110 -33.99 11.79 -7.02
N LYS B 111 -32.86 12.09 -6.36
CA LYS B 111 -32.84 12.10 -4.90
C LYS B 111 -33.79 13.13 -4.33
N LYS B 112 -33.82 14.34 -4.89
CA LYS B 112 -34.67 15.40 -4.36
C LYS B 112 -36.15 15.13 -4.58
N GLU B 113 -36.50 14.12 -5.39
CA GLU B 113 -37.90 13.89 -5.71
C GLU B 113 -38.71 13.56 -4.46
N SER B 114 -38.17 12.71 -3.59
CA SER B 114 -38.90 12.28 -2.40
C SER B 114 -37.92 11.77 -1.36
N ALA B 115 -38.40 11.67 -0.12
CA ALA B 115 -37.58 11.10 0.94
C ALA B 115 -37.25 9.64 0.66
N TRP B 116 -38.20 8.89 0.11
CA TRP B 116 -37.93 7.52 -0.30
C TRP B 116 -36.81 7.49 -1.34
N GLU B 117 -36.77 8.49 -2.22
CA GLU B 117 -35.67 8.58 -3.17
C GLU B 117 -34.36 8.92 -2.47
N MET B 118 -34.42 9.70 -1.39
CA MET B 118 -33.20 9.91 -0.59
C MET B 118 -32.71 8.59 -0.01
N THR B 119 -33.64 7.77 0.50
CA THR B 119 -33.25 6.45 1.01
C THR B 119 -32.66 5.58 -0.10
N LYS B 120 -33.25 5.65 -1.30
CA LYS B 120 -32.72 4.88 -2.41
C LYS B 120 -31.32 5.35 -2.80
N SER B 121 -31.09 6.66 -2.77
CA SER B 121 -29.75 7.18 -3.05
C SER B 121 -28.75 6.74 -2.00
N LEU B 122 -29.17 6.71 -0.73
CA LEU B 122 -28.30 6.20 0.32
C LEU B 122 -27.98 4.72 0.09
N TYR B 123 -28.97 3.94 -0.33
CA TYR B 123 -28.73 2.54 -0.65
C TYR B 123 -27.75 2.41 -1.82
N ASP B 124 -27.90 3.27 -2.82
CA ASP B 124 -26.97 3.25 -3.95
C ASP B 124 -25.55 3.58 -3.51
N ALA B 125 -25.42 4.50 -2.55
CA ALA B 125 -24.10 4.79 -1.99
C ALA B 125 -23.54 3.58 -1.27
N TRP B 126 -24.37 2.92 -0.44
CA TRP B 126 -23.91 1.75 0.30
C TRP B 126 -23.61 0.57 -0.60
N SER B 127 -24.14 0.58 -1.83
CA SER B 127 -23.94 -0.52 -2.77
C SER B 127 -22.52 -1.07 -2.75
N GLY B 128 -21.52 -0.19 -2.73
CA GLY B 128 -20.14 -0.67 -2.75
C GLY B 128 -19.79 -1.48 -1.53
N TRP B 129 -20.15 -0.98 -0.35
CA TRP B 129 -19.91 -1.71 0.87
C TRP B 129 -20.65 -3.04 0.87
N LEU B 130 -21.88 -3.04 0.36
CA LEU B 130 -22.66 -4.28 0.32
C LEU B 130 -22.03 -5.30 -0.61
N VAL B 131 -21.58 -4.88 -1.79
CA VAL B 131 -20.98 -5.82 -2.75
C VAL B 131 -19.68 -6.38 -2.19
N VAL B 132 -18.83 -5.54 -1.60
CA VAL B 132 -17.60 -6.06 -1.03
C VAL B 132 -17.90 -6.96 0.16
N THR B 133 -18.95 -6.66 0.94
CA THR B 133 -19.33 -7.52 2.05
C THR B 133 -19.74 -8.90 1.54
N LEU B 134 -20.59 -8.94 0.52
CA LEU B 134 -21.01 -10.23 -0.04
C LEU B 134 -19.81 -10.98 -0.60
N THR B 135 -18.91 -10.27 -1.27
CA THR B 135 -17.71 -10.89 -1.80
C THR B 135 -16.88 -11.51 -0.68
N GLY B 136 -16.73 -10.80 0.43
CA GLY B 136 -15.96 -11.33 1.55
C GLY B 136 -16.62 -12.57 2.15
N LEU B 137 -17.94 -12.51 2.35
CA LEU B 137 -18.64 -13.67 2.90
C LEU B 137 -18.48 -14.87 1.99
N ALA B 138 -18.66 -14.66 0.69
CA ALA B 138 -18.55 -15.77 -0.27
C ALA B 138 -17.13 -16.32 -0.31
N SER B 139 -16.13 -15.45 -0.32
CA SER B 139 -14.75 -15.91 -0.35
C SER B 139 -14.42 -16.71 0.91
N GLY B 140 -14.87 -16.25 2.07
CA GLY B 140 -14.66 -17.02 3.29
C GLY B 140 -15.31 -18.39 3.22
N ALA B 141 -16.57 -18.43 2.80
CA ALA B 141 -17.27 -19.71 2.72
C ALA B 141 -16.58 -20.66 1.75
N LEU B 142 -16.21 -20.15 0.57
CA LEU B 142 -15.63 -21.01 -0.45
C LEU B 142 -14.23 -21.47 -0.08
N ALA B 143 -13.43 -20.58 0.52
CA ALA B 143 -12.11 -21.00 0.99
C ALA B 143 -12.24 -22.07 2.06
N GLY B 144 -13.19 -21.92 2.99
CA GLY B 144 -13.38 -22.95 3.99
C GLY B 144 -13.82 -24.28 3.40
N LEU B 145 -14.79 -24.25 2.49
CA LEU B 145 -15.24 -25.47 1.85
C LEU B 145 -14.12 -26.13 1.08
N ILE B 146 -13.32 -25.33 0.35
CA ILE B 146 -12.23 -25.89 -0.43
C ILE B 146 -11.19 -26.50 0.48
N ASP B 147 -10.88 -25.86 1.60
CA ASP B 147 -9.92 -26.44 2.53
C ASP B 147 -10.43 -27.77 3.06
N ILE B 148 -11.69 -27.82 3.50
CA ILE B 148 -12.23 -29.06 4.05
C ILE B 148 -12.19 -30.17 3.01
N ALA B 149 -12.72 -29.89 1.81
CA ALA B 149 -12.80 -30.92 0.79
C ALA B 149 -11.41 -31.36 0.34
N ALA B 150 -10.49 -30.41 0.16
CA ALA B 150 -9.15 -30.75 -0.30
C ALA B 150 -8.42 -31.59 0.74
N ASP B 151 -8.54 -31.26 2.02
CA ASP B 151 -7.92 -32.07 3.05
C ASP B 151 -8.51 -33.47 3.08
N TRP B 152 -9.84 -33.56 2.97
CA TRP B 152 -10.48 -34.87 2.97
C TRP B 152 -9.99 -35.72 1.81
N MET B 153 -9.95 -35.15 0.61
CA MET B 153 -9.58 -35.92 -0.56
C MET B 153 -8.09 -36.20 -0.62
N THR B 154 -7.27 -35.34 -0.03
CA THR B 154 -5.83 -35.62 0.07
C THR B 154 -5.58 -36.79 1.00
N ASP B 155 -6.21 -36.79 2.17
CA ASP B 155 -6.06 -37.91 3.09
C ASP B 155 -6.72 -39.18 2.57
N LEU B 156 -7.68 -39.04 1.65
CA LEU B 156 -8.30 -40.22 1.05
C LEU B 156 -7.28 -41.05 0.28
N LYS B 157 -6.11 -40.48 -0.05
CA LYS B 157 -5.10 -41.23 -0.77
C LYS B 157 -4.40 -42.26 0.09
N GLU B 158 -4.41 -42.08 1.42
CA GLU B 158 -3.78 -43.04 2.32
C GLU B 158 -4.77 -43.98 3.00
N GLY B 159 -6.06 -43.66 3.01
CA GLY B 159 -7.03 -44.56 3.61
C GLY B 159 -8.33 -43.84 3.89
N ILE B 160 -9.18 -44.51 4.67
CA ILE B 160 -10.49 -43.99 5.04
C ILE B 160 -10.72 -44.21 6.53
N CYS B 161 -11.65 -43.44 7.08
CA CYS B 161 -12.04 -43.57 8.48
C CYS B 161 -13.29 -44.43 8.59
N LEU B 162 -13.26 -45.39 9.52
CA LEU B 162 -14.38 -46.31 9.68
C LEU B 162 -15.50 -45.69 10.52
N SER B 163 -15.15 -45.00 11.61
CA SER B 163 -16.17 -44.40 12.46
C SER B 163 -17.05 -43.45 11.67
N ALA B 164 -16.48 -42.36 11.16
CA ALA B 164 -17.18 -41.39 10.33
C ALA B 164 -16.40 -41.24 9.04
N LEU B 165 -16.96 -41.75 7.94
CA LEU B 165 -16.24 -41.75 6.67
C LEU B 165 -15.93 -40.34 6.20
N TRP B 166 -16.70 -39.34 6.65
CA TRP B 166 -16.51 -37.96 6.24
C TRP B 166 -15.45 -37.23 7.05
N TYR B 167 -14.56 -37.95 7.73
CA TYR B 167 -13.47 -37.35 8.47
C TYR B 167 -12.14 -37.69 7.79
N ASN B 168 -11.22 -36.73 7.78
CA ASN B 168 -9.89 -36.96 7.26
C ASN B 168 -9.03 -37.63 8.33
N HIS B 169 -7.75 -37.81 8.03
CA HIS B 169 -6.88 -38.56 8.95
C HIS B 169 -6.84 -37.89 10.31
N GLU B 170 -6.53 -36.60 10.36
CA GLU B 170 -6.45 -35.90 11.64
C GLU B 170 -7.80 -35.88 12.33
N GLN B 171 -8.87 -35.62 11.57
CA GLN B 171 -10.20 -35.52 12.19
C GLN B 171 -10.57 -36.79 12.93
N CYS B 172 -10.02 -37.94 12.52
CA CYS B 172 -10.30 -39.19 13.20
C CYS B 172 -9.23 -39.60 14.20
N CYS B 173 -8.02 -39.07 14.08
CA CYS B 173 -6.98 -39.40 15.05
C CYS B 173 -7.38 -38.96 16.44
N TRP B 174 -7.86 -37.72 16.59
CA TRP B 174 -8.26 -37.19 17.89
C TRP B 174 -9.76 -37.33 18.16
N GLY B 175 -10.52 -37.84 17.21
CA GLY B 175 -11.97 -37.94 17.36
C GLY B 175 -12.42 -39.29 17.88
N LYS B 186 -1.82 -45.51 17.55
CA LYS B 186 -2.34 -46.68 16.86
C LYS B 186 -3.45 -46.29 15.88
N CYS B 187 -4.37 -45.45 16.34
CA CYS B 187 -5.44 -44.94 15.50
C CYS B 187 -6.22 -46.09 14.85
N PRO B 188 -6.93 -46.89 15.64
CA PRO B 188 -7.67 -48.01 15.06
C PRO B 188 -8.74 -47.58 14.06
N GLN B 189 -9.32 -46.39 14.23
CA GLN B 189 -10.39 -45.97 13.35
C GLN B 189 -9.91 -45.85 11.91
N TRP B 190 -8.82 -45.11 11.69
CA TRP B 190 -8.27 -44.96 10.35
C TRP B 190 -7.75 -46.28 9.82
N LYS B 191 -8.05 -46.57 8.56
CA LYS B 191 -7.61 -47.81 7.92
C LYS B 191 -7.09 -47.47 6.54
N THR B 192 -5.84 -47.86 6.27
CA THR B 192 -5.21 -47.59 4.99
C THR B 192 -5.72 -48.57 3.93
N TRP B 193 -5.38 -48.28 2.68
CA TRP B 193 -5.83 -49.15 1.59
C TRP B 193 -5.14 -50.50 1.63
N ALA B 194 -3.89 -50.54 2.08
CA ALA B 194 -3.24 -51.83 2.30
C ALA B 194 -3.99 -52.63 3.37
N GLU B 195 -4.46 -51.95 4.41
CA GLU B 195 -5.25 -52.63 5.43
C GLU B 195 -6.57 -53.12 4.87
N LEU B 196 -7.24 -52.30 4.04
CA LEU B 196 -8.56 -52.69 3.54
C LEU B 196 -8.46 -53.81 2.52
N ILE B 197 -7.42 -53.81 1.69
CA ILE B 197 -7.29 -54.77 0.60
C ILE B 197 -6.43 -55.95 1.05
N ILE B 198 -5.17 -55.67 1.41
CA ILE B 198 -4.27 -56.74 1.79
C ILE B 198 -4.55 -57.23 3.20
N GLY B 199 -5.11 -56.39 4.06
CA GLY B 199 -5.38 -56.78 5.43
C GLY B 199 -4.22 -56.67 6.38
N GLN B 200 -3.05 -56.23 5.91
CA GLN B 200 -1.86 -56.12 6.72
C GLN B 200 -1.44 -54.65 6.78
N ALA B 201 -1.28 -54.13 8.00
CA ALA B 201 -0.87 -52.74 8.15
C ALA B 201 0.54 -52.51 7.63
N GLU B 202 1.47 -53.42 7.95
CA GLU B 202 2.87 -53.29 7.59
C GLU B 202 3.36 -54.56 6.89
N GLY B 203 4.45 -54.40 6.15
CA GLY B 203 5.04 -55.49 5.40
C GLY B 203 5.26 -55.09 3.96
N PRO B 204 6.13 -55.81 3.25
CA PRO B 204 6.37 -55.45 1.84
C PRO B 204 5.11 -55.43 1.01
N GLY B 205 4.22 -56.40 1.21
CA GLY B 205 2.98 -56.41 0.45
C GLY B 205 2.14 -55.18 0.75
N SER B 206 2.03 -54.83 2.03
CA SER B 206 1.25 -53.65 2.40
C SER B 206 1.85 -52.38 1.82
N TYR B 207 3.19 -52.26 1.86
CA TYR B 207 3.82 -51.06 1.31
C TYR B 207 3.61 -50.96 -0.19
N ILE B 208 3.74 -52.08 -0.90
CA ILE B 208 3.50 -52.05 -2.34
C ILE B 208 2.04 -51.70 -2.64
N MET B 209 1.11 -52.27 -1.88
CA MET B 209 -0.30 -51.94 -2.09
C MET B 209 -0.58 -50.47 -1.83
N ASN B 210 0.01 -49.90 -0.78
CA ASN B 210 -0.17 -48.48 -0.52
C ASN B 210 0.45 -47.63 -1.64
N TYR B 211 1.63 -48.03 -2.12
CA TYR B 211 2.23 -47.37 -3.28
C TYR B 211 1.26 -47.35 -4.46
N ILE B 212 0.73 -48.52 -4.81
CA ILE B 212 -0.15 -48.62 -5.97
C ILE B 212 -1.41 -47.80 -5.78
N MET B 213 -2.00 -47.85 -4.58
CA MET B 213 -3.25 -47.14 -4.35
C MET B 213 -3.05 -45.63 -4.30
N TYR B 214 -1.93 -45.18 -3.71
CA TYR B 214 -1.61 -43.76 -3.72
C TYR B 214 -1.44 -43.26 -5.15
N ILE B 215 -0.70 -44.01 -5.97
CA ILE B 215 -0.53 -43.61 -7.36
C ILE B 215 -1.87 -43.61 -8.08
N PHE B 216 -2.69 -44.63 -7.84
CA PHE B 216 -3.97 -44.73 -8.53
C PHE B 216 -4.87 -43.56 -8.17
N TRP B 217 -4.93 -43.19 -6.89
CA TRP B 217 -5.79 -42.09 -6.48
C TRP B 217 -5.25 -40.75 -6.97
N ALA B 218 -3.93 -40.58 -7.01
CA ALA B 218 -3.38 -39.37 -7.60
C ALA B 218 -3.76 -39.26 -9.07
N LEU B 219 -3.65 -40.37 -9.81
CA LEU B 219 -4.09 -40.37 -11.20
C LEU B 219 -5.56 -40.06 -11.32
N SER B 220 -6.39 -40.64 -10.45
CA SER B 220 -7.83 -40.44 -10.54
C SER B 220 -8.19 -38.98 -10.31
N PHE B 221 -7.64 -38.37 -9.26
CA PHE B 221 -7.93 -36.97 -8.98
C PHE B 221 -7.42 -36.06 -10.08
N ALA B 222 -6.21 -36.31 -10.58
CA ALA B 222 -5.69 -35.50 -11.68
C ALA B 222 -6.56 -35.66 -12.92
N PHE B 223 -6.98 -36.89 -13.21
CA PHE B 223 -7.83 -37.14 -14.36
C PHE B 223 -9.13 -36.36 -14.24
N LEU B 224 -9.78 -36.45 -13.07
CA LEU B 224 -11.04 -35.76 -12.90
C LEU B 224 -10.86 -34.25 -13.03
N ALA B 225 -9.81 -33.70 -12.42
CA ALA B 225 -9.60 -32.27 -12.50
C ALA B 225 -9.39 -31.82 -13.95
N VAL B 226 -8.45 -32.47 -14.65
CA VAL B 226 -8.15 -32.06 -16.02
C VAL B 226 -9.36 -32.25 -16.91
N SER B 227 -10.09 -33.35 -16.74
CA SER B 227 -11.24 -33.62 -17.59
C SER B 227 -12.35 -32.60 -17.35
N LEU B 228 -12.65 -32.30 -16.09
CA LEU B 228 -13.68 -31.31 -15.80
C LEU B 228 -13.29 -29.95 -16.35
N VAL B 229 -12.03 -29.55 -16.17
CA VAL B 229 -11.60 -28.25 -16.71
C VAL B 229 -11.73 -28.25 -18.23
N LYS B 230 -11.26 -29.32 -18.88
CA LYS B 230 -11.25 -29.36 -20.33
C LYS B 230 -12.67 -29.31 -20.90
N VAL B 231 -13.61 -29.95 -20.21
CA VAL B 231 -14.97 -30.07 -20.74
C VAL B 231 -15.79 -28.84 -20.39
N PHE B 232 -15.90 -28.52 -19.11
CA PHE B 232 -16.90 -27.58 -18.63
C PHE B 232 -16.39 -26.14 -18.50
N ALA B 233 -15.09 -25.94 -18.25
CA ALA B 233 -14.59 -24.59 -18.08
C ALA B 233 -13.09 -24.53 -18.29
N PRO B 234 -12.61 -24.37 -19.53
CA PRO B 234 -11.15 -24.33 -19.74
C PRO B 234 -10.47 -23.17 -19.06
N TYR B 235 -11.20 -22.13 -18.66
CA TYR B 235 -10.60 -20.99 -17.99
C TYR B 235 -10.19 -21.29 -16.55
N ALA B 236 -10.59 -22.43 -16.00
CA ALA B 236 -10.29 -22.77 -14.62
C ALA B 236 -8.87 -23.28 -14.43
N CYS B 237 -8.10 -23.47 -15.50
CA CYS B 237 -6.74 -23.93 -15.37
C CYS B 237 -5.84 -22.82 -14.83
N GLY B 238 -4.63 -23.22 -14.45
CA GLY B 238 -3.64 -22.27 -13.96
C GLY B 238 -4.04 -21.58 -12.68
N SER B 239 -3.10 -20.85 -12.07
CA SER B 239 -3.44 -20.10 -10.86
C SER B 239 -4.49 -19.05 -11.15
N GLY B 240 -4.37 -18.38 -12.30
CA GLY B 240 -5.32 -17.39 -12.72
C GLY B 240 -4.89 -15.96 -12.44
N ILE B 241 -3.96 -15.75 -11.52
CA ILE B 241 -3.50 -14.39 -11.21
C ILE B 241 -2.97 -13.69 -12.44
N PRO B 242 -2.20 -14.33 -13.33
CA PRO B 242 -1.73 -13.60 -14.52
C PRO B 242 -2.86 -13.00 -15.33
N GLU B 243 -4.06 -13.59 -15.28
CA GLU B 243 -5.18 -13.09 -16.04
C GLU B 243 -6.01 -12.06 -15.28
N ILE B 244 -6.14 -12.19 -13.95
CA ILE B 244 -6.79 -11.12 -13.21
C ILE B 244 -5.91 -9.87 -13.20
N LYS B 245 -4.60 -10.04 -13.35
CA LYS B 245 -3.74 -8.87 -13.53
C LYS B 245 -4.14 -8.11 -14.79
N THR B 246 -4.45 -8.84 -15.86
CA THR B 246 -4.85 -8.21 -17.11
C THR B 246 -6.28 -7.69 -17.05
N ILE B 247 -7.15 -8.37 -16.31
CA ILE B 247 -8.54 -7.95 -16.19
C ILE B 247 -8.63 -6.67 -15.36
N LEU B 248 -7.81 -6.56 -14.31
CA LEU B 248 -7.74 -5.34 -13.52
C LEU B 248 -7.00 -4.23 -14.24
N SER B 249 -6.24 -4.55 -15.28
CA SER B 249 -5.61 -3.54 -16.12
C SER B 249 -6.61 -2.88 -17.06
N GLY B 250 -7.81 -3.43 -17.20
CA GLY B 250 -8.81 -2.93 -18.12
C GLY B 250 -9.17 -3.89 -19.23
N PHE B 251 -8.50 -5.03 -19.33
CA PHE B 251 -8.84 -6.00 -20.35
C PHE B 251 -10.13 -6.72 -19.99
N ILE B 252 -10.70 -7.43 -20.96
CA ILE B 252 -11.94 -8.15 -20.77
C ILE B 252 -11.75 -9.58 -21.26
N ILE B 253 -12.12 -10.52 -20.41
CA ILE B 253 -12.19 -11.94 -20.77
C ILE B 253 -13.57 -12.40 -20.32
N ARG B 254 -14.45 -12.67 -21.28
CA ARG B 254 -15.87 -12.66 -20.99
C ARG B 254 -16.27 -13.72 -19.96
N GLY B 255 -15.87 -14.97 -20.20
CA GLY B 255 -16.26 -16.03 -19.30
C GLY B 255 -15.29 -16.33 -18.19
N TYR B 256 -14.21 -15.53 -18.05
CA TYR B 256 -13.13 -15.90 -17.16
C TYR B 256 -13.57 -15.91 -15.69
N LEU B 257 -14.39 -14.95 -15.28
CA LEU B 257 -14.84 -14.83 -13.91
C LEU B 257 -16.34 -15.07 -13.79
N GLY B 258 -16.84 -16.03 -14.57
CA GLY B 258 -18.25 -16.37 -14.56
C GLY B 258 -18.58 -17.39 -13.50
N LYS B 259 -19.82 -17.89 -13.56
CA LYS B 259 -20.26 -18.90 -12.61
C LYS B 259 -19.68 -20.27 -12.95
N TRP B 260 -19.61 -20.61 -14.24
CA TRP B 260 -19.07 -21.90 -14.62
C TRP B 260 -17.60 -22.00 -14.28
N THR B 261 -16.83 -20.94 -14.54
CA THR B 261 -15.43 -20.95 -14.16
C THR B 261 -15.28 -21.05 -12.65
N LEU B 262 -16.14 -20.36 -11.89
CA LEU B 262 -16.08 -20.45 -10.44
C LEU B 262 -16.32 -21.88 -9.96
N MET B 263 -17.42 -22.48 -10.42
CA MET B 263 -17.77 -23.84 -9.98
C MET B 263 -16.67 -24.82 -10.35
N ILE B 264 -16.27 -24.83 -11.62
CA ILE B 264 -15.31 -25.82 -12.07
C ILE B 264 -13.94 -25.58 -11.43
N LYS B 265 -13.57 -24.31 -11.24
CA LYS B 265 -12.29 -24.06 -10.58
C LYS B 265 -12.32 -24.54 -9.14
N THR B 266 -13.41 -24.32 -8.42
CA THR B 266 -13.48 -24.84 -7.06
C THR B 266 -13.33 -26.36 -7.05
N ILE B 267 -14.14 -27.07 -7.86
CA ILE B 267 -14.11 -28.52 -7.84
C ILE B 267 -12.74 -29.03 -8.27
N THR B 268 -12.26 -28.55 -9.42
CA THR B 268 -11.00 -29.03 -9.98
C THR B 268 -9.81 -28.58 -9.16
N LEU B 269 -9.96 -27.52 -8.37
CA LEU B 269 -8.90 -27.10 -7.47
C LEU B 269 -8.79 -28.05 -6.28
N VAL B 270 -9.94 -28.45 -5.72
CA VAL B 270 -9.92 -29.50 -4.71
C VAL B 270 -9.29 -30.77 -5.28
N LEU B 271 -9.69 -31.13 -6.50
CA LEU B 271 -9.18 -32.36 -7.10
C LEU B 271 -7.67 -32.28 -7.34
N ALA B 272 -7.20 -31.16 -7.88
CA ALA B 272 -5.78 -31.01 -8.15
C ALA B 272 -4.96 -30.98 -6.87
N VAL B 273 -5.46 -30.30 -5.83
CA VAL B 273 -4.76 -30.28 -4.55
C VAL B 273 -4.65 -31.70 -4.00
N ALA B 274 -5.75 -32.45 -4.05
CA ALA B 274 -5.74 -33.82 -3.53
C ALA B 274 -4.99 -34.78 -4.45
N SER B 275 -4.73 -34.40 -5.70
CA SER B 275 -4.03 -35.28 -6.62
C SER B 275 -2.55 -35.42 -6.30
N GLY B 276 -2.03 -34.63 -5.37
CA GLY B 276 -0.62 -34.68 -5.04
C GLY B 276 0.27 -33.89 -5.98
N LEU B 277 -0.32 -33.14 -6.91
CA LEU B 277 0.49 -32.36 -7.83
C LEU B 277 1.23 -31.26 -7.08
N SER B 278 2.31 -30.77 -7.70
CA SER B 278 3.07 -29.66 -7.16
C SER B 278 2.28 -28.39 -7.44
N LEU B 279 1.38 -28.04 -6.53
CA LEU B 279 0.56 -26.85 -6.67
C LEU B 279 -0.12 -26.57 -5.34
N GLY B 280 -0.93 -25.53 -5.31
CA GLY B 280 -1.66 -25.14 -4.11
C GLY B 280 -2.88 -24.34 -4.50
N LYS B 281 -3.78 -24.18 -3.54
CA LYS B 281 -5.02 -23.45 -3.76
C LYS B 281 -4.96 -22.01 -3.30
N GLU B 282 -3.87 -21.61 -2.63
CA GLU B 282 -3.81 -20.26 -2.08
C GLU B 282 -3.85 -19.21 -3.19
N GLY B 283 -3.08 -19.42 -4.25
CA GLY B 283 -3.10 -18.50 -5.38
C GLY B 283 -4.45 -18.50 -6.07
N PRO B 284 -4.96 -19.68 -6.41
CA PRO B 284 -6.27 -19.76 -7.08
C PRO B 284 -7.42 -19.17 -6.29
N LEU B 285 -7.32 -19.07 -4.96
CA LEU B 285 -8.39 -18.39 -4.24
C LEU B 285 -8.52 -16.92 -4.64
N VAL B 286 -7.47 -16.31 -5.19
CA VAL B 286 -7.61 -14.96 -5.74
C VAL B 286 -8.58 -14.98 -6.92
N HIS B 287 -8.41 -15.95 -7.81
CA HIS B 287 -9.34 -16.10 -8.93
C HIS B 287 -10.74 -16.39 -8.44
N VAL B 288 -10.87 -17.25 -7.42
CA VAL B 288 -12.19 -17.58 -6.90
C VAL B 288 -12.85 -16.35 -6.28
N ALA B 289 -12.09 -15.55 -5.53
CA ALA B 289 -12.63 -14.34 -4.94
C ALA B 289 -13.05 -13.34 -6.01
N CYS B 290 -12.27 -13.22 -7.08
CA CYS B 290 -12.67 -12.36 -8.19
C CYS B 290 -13.92 -12.88 -8.87
N CYS B 291 -14.05 -14.21 -8.98
CA CYS B 291 -15.27 -14.78 -9.52
C CYS B 291 -16.47 -14.39 -8.67
N CYS B 292 -16.33 -14.49 -7.35
CA CYS B 292 -17.42 -14.09 -6.47
C CYS B 292 -17.74 -12.61 -6.63
N GLY B 293 -16.70 -11.77 -6.72
CA GLY B 293 -16.92 -10.35 -6.86
C GLY B 293 -17.64 -10.00 -8.14
N ASN B 294 -17.22 -10.60 -9.26
CA ASN B 294 -17.89 -10.36 -10.53
C ASN B 294 -19.33 -10.85 -10.49
N ILE B 295 -19.56 -12.02 -9.88
CA ILE B 295 -20.92 -12.55 -9.79
C ILE B 295 -21.81 -11.61 -9.00
N PHE B 296 -21.31 -11.10 -7.86
CA PHE B 296 -22.11 -10.24 -7.01
C PHE B 296 -22.26 -8.83 -7.56
N SER B 297 -21.35 -8.41 -8.44
CA SER B 297 -21.49 -7.08 -9.02
C SER B 297 -22.83 -6.90 -9.73
N TYR B 298 -23.35 -7.98 -10.33
CA TYR B 298 -24.60 -7.88 -11.08
C TYR B 298 -25.78 -7.54 -10.20
N LEU B 299 -25.72 -7.83 -8.89
CA LEU B 299 -26.84 -7.51 -8.03
C LEU B 299 -27.02 -6.02 -7.83
N PHE B 300 -26.06 -5.21 -8.26
CA PHE B 300 -26.07 -3.77 -8.05
C PHE B 300 -25.94 -3.06 -9.39
N PRO B 301 -26.73 -2.01 -9.65
CA PRO B 301 -26.64 -1.36 -10.96
C PRO B 301 -25.42 -0.47 -11.12
N LYS B 302 -24.97 0.16 -10.04
CA LYS B 302 -23.80 1.04 -10.13
C LYS B 302 -22.55 0.26 -10.51
N TYR B 303 -22.52 -1.05 -10.27
CA TYR B 303 -21.36 -1.87 -10.56
C TYR B 303 -21.61 -2.87 -11.67
N SER B 304 -22.87 -3.14 -12.02
CA SER B 304 -23.16 -4.11 -13.07
C SER B 304 -22.78 -3.56 -14.45
N THR B 305 -23.17 -2.33 -14.74
CA THR B 305 -22.99 -1.74 -16.06
C THR B 305 -21.73 -0.91 -16.18
N ASN B 306 -20.95 -0.79 -15.11
CA ASN B 306 -19.74 0.01 -15.11
C ASN B 306 -18.53 -0.89 -14.97
N GLU B 307 -17.59 -0.79 -15.91
CA GLU B 307 -16.42 -1.65 -15.90
C GLU B 307 -15.34 -1.12 -14.97
N ALA B 308 -15.29 0.18 -14.74
CA ALA B 308 -14.34 0.72 -13.78
C ALA B 308 -14.74 0.39 -12.35
N LYS B 309 -16.01 0.56 -12.02
CA LYS B 309 -16.49 0.14 -10.71
C LYS B 309 -16.34 -1.36 -10.54
N LYS B 310 -16.57 -2.12 -11.61
CA LYS B 310 -16.36 -3.56 -11.56
C LYS B 310 -14.89 -3.89 -11.28
N ARG B 311 -13.97 -3.14 -11.91
CA ARG B 311 -12.56 -3.35 -11.63
C ARG B 311 -12.22 -3.04 -10.19
N GLU B 312 -12.82 -1.99 -9.63
CA GLU B 312 -12.57 -1.68 -8.23
C GLU B 312 -13.10 -2.80 -7.31
N VAL B 313 -14.29 -3.31 -7.61
CA VAL B 313 -14.84 -4.42 -6.84
C VAL B 313 -13.96 -5.65 -6.97
N LEU B 314 -13.36 -5.85 -8.15
CA LEU B 314 -12.46 -6.99 -8.33
C LEU B 314 -11.15 -6.80 -7.59
N SER B 315 -10.67 -5.56 -7.47
CA SER B 315 -9.50 -5.31 -6.63
C SER B 315 -9.78 -5.67 -5.19
N ALA B 316 -10.93 -5.22 -4.68
CA ALA B 316 -11.31 -5.58 -3.32
C ALA B 316 -11.48 -7.09 -3.18
N ALA B 317 -12.02 -7.73 -4.22
CA ALA B 317 -12.20 -9.18 -4.18
C ALA B 317 -10.87 -9.92 -4.16
N SER B 318 -9.89 -9.43 -4.92
CA SER B 318 -8.55 -10.01 -4.86
C SER B 318 -7.96 -9.87 -3.47
N ALA B 319 -8.17 -8.70 -2.85
CA ALA B 319 -7.74 -8.52 -1.47
C ALA B 319 -8.40 -9.54 -0.56
N ALA B 320 -9.71 -9.75 -0.73
CA ALA B 320 -10.42 -10.72 0.09
C ALA B 320 -9.93 -12.14 -0.15
N GLY B 321 -9.64 -12.47 -1.40
CA GLY B 321 -9.14 -13.80 -1.70
C GLY B 321 -7.80 -14.07 -1.06
N VAL B 322 -6.89 -13.11 -1.12
CA VAL B 322 -5.61 -13.26 -0.44
C VAL B 322 -5.82 -13.33 1.07
N SER B 323 -6.72 -12.48 1.59
CA SER B 323 -6.97 -12.47 3.02
C SER B 323 -7.44 -13.82 3.52
N VAL B 324 -8.34 -14.46 2.78
CA VAL B 324 -8.88 -15.75 3.21
C VAL B 324 -7.92 -16.89 2.86
N ALA B 325 -7.03 -16.70 1.88
CA ALA B 325 -6.08 -17.74 1.54
C ALA B 325 -4.99 -17.86 2.58
N PHE B 326 -4.50 -16.72 3.09
CA PHE B 326 -3.42 -16.73 4.06
C PHE B 326 -3.85 -16.26 5.44
N GLY B 327 -5.12 -15.91 5.63
CA GLY B 327 -5.49 -15.26 6.87
C GLY B 327 -4.75 -13.96 7.06
N ALA B 328 -4.50 -13.23 5.98
CA ALA B 328 -3.66 -12.04 5.99
C ALA B 328 -4.44 -10.88 5.39
N PRO B 329 -5.37 -10.29 6.15
CA PRO B 329 -6.17 -9.19 5.60
C PRO B 329 -5.34 -8.02 5.12
N ILE B 330 -4.44 -7.47 5.96
CA ILE B 330 -3.59 -6.41 5.48
C ILE B 330 -2.71 -6.91 4.34
N GLY B 331 -2.21 -8.15 4.46
CA GLY B 331 -1.43 -8.72 3.39
C GLY B 331 -2.20 -8.79 2.09
N GLY B 332 -3.49 -9.13 2.15
CA GLY B 332 -4.30 -9.15 0.96
C GLY B 332 -4.52 -7.77 0.38
N VAL B 333 -4.76 -6.78 1.25
CA VAL B 333 -4.91 -5.41 0.77
C VAL B 333 -3.66 -4.97 0.02
N LEU B 334 -2.49 -5.27 0.58
CA LEU B 334 -1.25 -4.86 -0.06
C LEU B 334 -0.94 -5.69 -1.30
N PHE B 335 -1.36 -6.95 -1.32
CA PHE B 335 -1.19 -7.78 -2.52
C PHE B 335 -2.03 -7.22 -3.67
N SER B 336 -3.27 -6.82 -3.37
CA SER B 336 -4.08 -6.17 -4.39
C SER B 336 -3.50 -4.81 -4.77
N LEU B 337 -2.88 -4.12 -3.81
CA LEU B 337 -2.21 -2.87 -4.13
C LEU B 337 -1.06 -3.07 -5.12
N GLU B 338 -0.27 -4.12 -4.92
CA GLU B 338 1.03 -4.27 -5.56
C GLU B 338 1.02 -5.23 -6.73
N GLU B 339 0.28 -6.33 -6.63
CA GLU B 339 0.34 -7.39 -7.64
C GLU B 339 -0.76 -7.27 -8.69
N VAL B 340 -2.02 -7.34 -8.26
CA VAL B 340 -3.13 -7.59 -9.18
C VAL B 340 -3.72 -6.30 -9.70
N SER B 341 -4.31 -5.51 -8.81
CA SER B 341 -5.05 -4.33 -9.20
C SER B 341 -4.11 -3.24 -9.69
N TYR B 342 -4.67 -2.30 -10.44
CA TYR B 342 -3.92 -1.39 -11.29
C TYR B 342 -4.09 0.08 -10.91
N TYR B 343 -5.25 0.45 -10.37
CA TYR B 343 -5.56 1.83 -10.00
C TYR B 343 -6.09 1.87 -8.57
N PHE B 344 -5.77 2.95 -7.84
CA PHE B 344 -6.12 3.07 -6.43
C PHE B 344 -6.42 4.52 -6.09
N PRO B 345 -7.58 5.02 -6.48
CA PRO B 345 -7.91 6.40 -6.10
C PRO B 345 -8.38 6.50 -4.65
N LEU B 346 -7.72 5.76 -3.77
CA LEU B 346 -7.95 5.80 -2.33
C LEU B 346 -9.33 5.28 -1.94
N LYS B 347 -10.19 5.00 -2.92
CA LYS B 347 -11.47 4.37 -2.65
C LYS B 347 -11.35 2.87 -2.76
N THR B 348 -10.63 2.39 -3.78
CA THR B 348 -10.32 0.97 -3.84
C THR B 348 -9.53 0.54 -2.62
N LEU B 349 -8.69 1.41 -2.08
CA LEU B 349 -7.94 1.05 -0.88
C LEU B 349 -8.87 0.83 0.30
N TRP B 350 -9.83 1.73 0.51
CA TRP B 350 -10.75 1.60 1.62
C TRP B 350 -11.67 0.40 1.43
N ARG B 351 -12.10 0.15 0.19
CA ARG B 351 -12.99 -0.98 -0.04
C ARG B 351 -12.25 -2.31 -0.02
N SER B 352 -10.98 -2.34 -0.41
CA SER B 352 -10.16 -3.51 -0.19
C SER B 352 -9.94 -3.74 1.30
N PHE B 353 -9.76 -2.65 2.05
CA PHE B 353 -9.68 -2.74 3.51
C PHE B 353 -10.93 -3.41 4.07
N PHE B 354 -12.10 -2.94 3.66
CA PHE B 354 -13.34 -3.52 4.16
C PHE B 354 -13.53 -4.96 3.68
N ALA B 355 -13.21 -5.26 2.43
CA ALA B 355 -13.39 -6.61 1.91
C ALA B 355 -12.45 -7.60 2.59
N ALA B 356 -11.20 -7.21 2.80
CA ALA B 356 -10.27 -8.06 3.54
C ALA B 356 -10.74 -8.22 4.98
N LEU B 357 -11.27 -7.16 5.58
CA LEU B 357 -11.80 -7.28 6.93
C LEU B 357 -12.95 -8.28 6.98
N VAL B 358 -13.86 -8.22 6.01
CA VAL B 358 -15.00 -9.12 6.01
C VAL B 358 -14.55 -10.55 5.80
N ALA B 359 -13.60 -10.77 4.88
CA ALA B 359 -13.11 -12.11 4.64
C ALA B 359 -12.43 -12.68 5.88
N ALA B 360 -11.59 -11.86 6.53
CA ALA B 360 -10.90 -12.32 7.73
C ALA B 360 -11.89 -12.60 8.86
N PHE B 361 -12.91 -11.76 9.00
CA PHE B 361 -13.92 -11.98 10.03
C PHE B 361 -14.72 -13.26 9.76
N VAL B 362 -15.06 -13.52 8.51
CA VAL B 362 -15.75 -14.77 8.18
C VAL B 362 -14.86 -15.96 8.48
N LEU B 363 -13.58 -15.87 8.12
CA LEU B 363 -12.67 -16.96 8.38
C LEU B 363 -12.49 -17.19 9.88
N ARG B 364 -12.54 -16.13 10.68
CA ARG B 364 -12.44 -16.30 12.12
C ARG B 364 -13.72 -16.87 12.73
N SER B 365 -14.88 -16.37 12.30
CA SER B 365 -16.14 -16.85 12.84
C SER B 365 -16.34 -18.33 12.50
N ILE B 366 -16.08 -18.70 11.25
CA ILE B 366 -16.32 -20.05 10.77
C ILE B 366 -15.05 -20.86 11.05
N ASN B 367 -15.04 -21.55 12.19
CA ASN B 367 -13.96 -22.46 12.55
C ASN B 367 -14.62 -23.80 12.89
N PRO B 368 -15.00 -24.57 11.87
CA PRO B 368 -15.86 -25.74 12.12
C PRO B 368 -15.28 -26.73 13.11
N PHE B 369 -13.96 -26.93 13.12
CA PHE B 369 -13.32 -27.88 14.00
C PHE B 369 -12.35 -27.20 14.98
N GLY B 370 -12.48 -25.90 15.15
CA GLY B 370 -11.64 -25.17 16.10
C GLY B 370 -10.16 -25.18 15.78
N ASN B 371 -9.81 -24.99 14.52
CA ASN B 371 -8.40 -24.97 14.09
C ASN B 371 -7.88 -23.55 14.21
N SER B 372 -7.30 -23.22 15.38
CA SER B 372 -6.81 -21.88 15.62
C SER B 372 -5.76 -21.45 14.61
N ARG B 373 -5.04 -22.41 14.02
CA ARG B 373 -4.06 -22.09 12.98
C ARG B 373 -4.70 -21.25 11.90
N LEU B 374 -4.19 -20.02 11.72
CA LEU B 374 -4.79 -19.09 10.79
C LEU B 374 -4.96 -19.73 9.42
N VAL B 375 -3.99 -20.55 9.02
CA VAL B 375 -4.17 -21.52 7.95
C VAL B 375 -3.35 -22.75 8.33
N LEU B 376 -3.64 -23.87 7.66
CA LEU B 376 -3.07 -25.15 8.04
C LEU B 376 -1.55 -25.11 8.16
N PHE B 377 -0.91 -24.05 7.65
CA PHE B 377 0.52 -23.86 7.80
C PHE B 377 0.83 -22.55 8.50
N TYR B 378 0.12 -22.30 9.60
CA TYR B 378 0.46 -21.27 10.58
C TYR B 378 1.44 -21.82 11.62
N VAL B 379 2.29 -20.92 12.13
CA VAL B 379 3.13 -21.22 13.29
C VAL B 379 3.36 -19.95 14.09
N GLU B 380 2.97 -19.95 15.36
CA GLU B 380 3.22 -18.78 16.21
C GLU B 380 4.70 -18.52 16.36
N TYR B 381 5.05 -17.25 16.59
CA TYR B 381 6.43 -16.86 16.85
C TYR B 381 6.47 -15.63 17.74
N HIS B 382 7.17 -15.74 18.87
CA HIS B 382 7.42 -14.59 19.74
C HIS B 382 8.84 -14.57 20.29
N THR B 383 9.72 -15.46 19.85
CA THR B 383 11.10 -15.46 20.31
C THR B 383 11.89 -14.34 19.63
N PRO B 384 13.04 -13.95 20.20
CA PRO B 384 13.87 -12.93 19.58
C PRO B 384 14.94 -13.53 18.67
N TRP B 385 15.53 -12.65 17.85
CA TRP B 385 16.61 -13.01 16.95
C TRP B 385 17.78 -12.05 17.17
N TYR B 386 18.98 -12.53 16.92
CA TYR B 386 20.19 -11.76 17.12
C TYR B 386 20.74 -11.24 15.79
N LEU B 387 21.46 -10.12 15.85
CA LEU B 387 21.87 -9.44 14.63
C LEU B 387 22.64 -10.36 13.69
N PHE B 388 23.50 -11.22 14.24
CA PHE B 388 24.28 -12.10 13.38
C PHE B 388 23.37 -12.97 12.52
N GLU B 389 22.20 -13.37 13.05
CA GLU B 389 21.29 -14.20 12.27
C GLU B 389 20.85 -13.52 10.99
N LEU B 390 20.92 -12.19 10.92
CA LEU B 390 20.54 -11.50 9.69
C LEU B 390 21.52 -11.74 8.56
N PHE B 391 22.67 -12.35 8.83
CA PHE B 391 23.61 -12.67 7.76
C PHE B 391 23.12 -13.88 6.98
N PRO B 392 22.85 -15.02 7.62
CA PRO B 392 22.27 -16.15 6.87
C PRO B 392 20.95 -15.84 6.22
N PHE B 393 20.08 -15.07 6.88
CA PHE B 393 18.81 -14.70 6.28
C PHE B 393 19.02 -14.07 4.91
N ILE B 394 19.94 -13.10 4.82
CA ILE B 394 20.20 -12.47 3.53
C ILE B 394 20.58 -13.53 2.51
N LEU B 395 21.42 -14.48 2.89
CA LEU B 395 21.82 -15.52 1.96
C LEU B 395 20.61 -16.31 1.48
N LEU B 396 19.64 -16.57 2.36
CA LEU B 396 18.42 -17.23 1.91
C LEU B 396 17.77 -16.44 0.77
N GLY B 397 17.69 -15.12 0.92
CA GLY B 397 17.19 -14.31 -0.16
C GLY B 397 17.90 -14.62 -1.46
N VAL B 398 19.22 -14.75 -1.41
CA VAL B 398 19.97 -15.06 -2.63
C VAL B 398 19.41 -16.33 -3.27
N PHE B 399 19.28 -17.40 -2.47
CA PHE B 399 18.72 -18.63 -2.99
C PHE B 399 17.36 -18.36 -3.63
N GLY B 400 16.50 -17.62 -2.93
CA GLY B 400 15.21 -17.29 -3.50
C GLY B 400 15.36 -16.57 -4.83
N GLY B 401 16.22 -15.55 -4.86
CA GLY B 401 16.46 -14.87 -6.12
C GLY B 401 17.06 -15.78 -7.16
N LEU B 402 17.88 -16.74 -6.73
CA LEU B 402 18.45 -17.71 -7.65
C LEU B 402 17.49 -18.83 -7.98
N TRP B 403 16.42 -19.01 -7.20
CA TRP B 403 15.41 -19.98 -7.59
C TRP B 403 14.35 -19.31 -8.47
N GLY B 404 13.72 -18.26 -7.96
CA GLY B 404 12.80 -17.49 -8.77
C GLY B 404 13.38 -17.26 -10.14
N ALA B 405 14.58 -16.67 -10.20
CA ALA B 405 15.22 -16.39 -11.47
C ALA B 405 15.31 -17.62 -12.35
N PHE B 406 15.76 -18.75 -11.77
CA PHE B 406 15.80 -20.00 -12.52
C PHE B 406 14.40 -20.43 -12.94
N PHE B 407 13.44 -20.35 -12.03
CA PHE B 407 12.09 -20.82 -12.35
C PHE B 407 11.52 -20.06 -13.53
N ILE B 408 11.55 -18.73 -13.46
CA ILE B 408 11.05 -17.92 -14.57
C ILE B 408 11.81 -18.23 -15.84
N ARG B 409 13.07 -18.67 -15.73
CA ARG B 409 13.83 -19.03 -16.91
C ARG B 409 13.51 -20.43 -17.39
N ALA B 410 13.12 -21.33 -16.49
CA ALA B 410 12.88 -22.73 -16.84
C ALA B 410 11.42 -22.99 -17.15
N ASN B 411 10.52 -22.68 -16.21
CA ASN B 411 9.11 -22.97 -16.43
C ASN B 411 8.57 -22.23 -17.64
N ILE B 412 8.91 -20.95 -17.78
CA ILE B 412 8.48 -20.18 -18.94
C ILE B 412 9.03 -20.80 -20.21
N ALA B 413 10.19 -21.46 -20.13
CA ALA B 413 10.71 -22.18 -21.28
C ALA B 413 9.95 -23.47 -21.53
N TRP B 414 9.48 -24.13 -20.48
CA TRP B 414 8.69 -25.35 -20.66
C TRP B 414 7.32 -25.02 -21.22
N CYS B 415 6.63 -24.05 -20.64
CA CYS B 415 5.28 -23.72 -21.10
C CYS B 415 5.28 -23.30 -22.56
N ARG B 416 6.35 -22.66 -23.02
CA ARG B 416 6.45 -22.35 -24.44
C ARG B 416 6.48 -23.63 -25.28
N ARG B 417 7.33 -24.58 -24.90
CA ARG B 417 7.43 -25.82 -25.65
C ARG B 417 6.08 -26.50 -25.75
N ARG B 418 5.38 -26.66 -24.62
CA ARG B 418 4.04 -27.24 -24.64
C ARG B 418 3.15 -26.48 -25.61
N LYS B 419 3.22 -25.15 -25.58
CA LYS B 419 2.35 -24.34 -26.42
C LYS B 419 2.72 -24.42 -27.89
N SER B 420 3.91 -24.95 -28.21
CA SER B 420 4.39 -25.01 -29.59
C SER B 420 5.05 -26.35 -29.87
N THR B 421 4.39 -27.43 -29.45
CA THR B 421 4.88 -28.77 -29.71
C THR B 421 3.69 -29.72 -29.59
N LYS B 422 3.93 -31.00 -29.88
CA LYS B 422 2.87 -32.00 -29.77
C LYS B 422 2.25 -32.00 -28.37
N PHE B 423 3.04 -31.66 -27.35
CA PHE B 423 2.57 -31.78 -25.98
C PHE B 423 1.29 -30.98 -25.77
N GLY B 424 1.21 -29.80 -26.38
CA GLY B 424 0.06 -28.93 -26.18
C GLY B 424 -1.23 -29.44 -26.79
N LYS B 425 -1.17 -30.52 -27.56
CA LYS B 425 -2.36 -31.11 -28.14
C LYS B 425 -3.05 -32.11 -27.21
N TYR B 426 -2.42 -32.46 -26.09
CA TYR B 426 -2.91 -33.49 -25.18
C TYR B 426 -2.90 -32.95 -23.76
N PRO B 427 -3.91 -32.15 -23.39
CA PRO B 427 -3.99 -31.71 -21.99
C PRO B 427 -4.17 -32.84 -21.00
N VAL B 428 -5.17 -33.68 -21.25
CA VAL B 428 -5.51 -34.74 -20.29
C VAL B 428 -4.34 -35.70 -20.11
N LEU B 429 -3.72 -36.12 -21.22
CA LEU B 429 -2.62 -37.06 -21.13
C LEU B 429 -1.45 -36.46 -20.37
N GLU B 430 -1.16 -35.17 -20.62
CA GLU B 430 -0.06 -34.53 -19.92
C GLU B 430 -0.33 -34.44 -18.43
N VAL B 431 -1.54 -34.06 -18.03
CA VAL B 431 -1.83 -34.00 -16.60
C VAL B 431 -1.74 -35.39 -15.99
N ILE B 432 -2.16 -36.41 -16.72
CA ILE B 432 -2.10 -37.78 -16.21
C ILE B 432 -0.64 -38.18 -15.98
N ILE B 433 0.22 -37.92 -16.97
CA ILE B 433 1.62 -38.30 -16.84
C ILE B 433 2.29 -37.52 -15.72
N VAL B 434 2.01 -36.22 -15.62
CA VAL B 434 2.61 -35.42 -14.56
C VAL B 434 2.17 -35.93 -13.19
N ALA B 435 0.88 -36.22 -13.04
CA ALA B 435 0.39 -36.73 -11.76
C ALA B 435 1.00 -38.09 -11.44
N ALA B 436 1.12 -38.96 -12.45
CA ALA B 436 1.70 -40.28 -12.22
C ALA B 436 3.15 -40.18 -11.79
N ILE B 437 3.94 -39.36 -12.47
CA ILE B 437 5.35 -39.22 -12.12
C ILE B 437 5.50 -38.59 -10.75
N THR B 438 4.71 -37.55 -10.45
CA THR B 438 4.76 -36.93 -9.14
C THR B 438 4.43 -37.94 -8.04
N ALA B 439 3.37 -38.73 -8.24
CA ALA B 439 3.02 -39.73 -7.24
C ALA B 439 4.11 -40.77 -7.08
N VAL B 440 4.65 -41.26 -8.20
CA VAL B 440 5.67 -42.32 -8.15
C VAL B 440 6.89 -41.85 -7.40
N ILE B 441 7.36 -40.64 -7.71
CA ILE B 441 8.60 -40.14 -7.11
C ILE B 441 8.38 -39.43 -5.79
N ALA B 442 7.13 -39.22 -5.38
CA ALA B 442 6.84 -38.55 -4.12
C ALA B 442 6.40 -39.50 -3.01
N PHE B 443 5.82 -40.66 -3.35
CA PHE B 443 5.43 -41.57 -2.28
C PHE B 443 6.60 -42.00 -1.41
N PRO B 444 7.78 -42.34 -1.94
CA PRO B 444 8.86 -42.79 -1.07
C PRO B 444 9.25 -41.78 0.01
N ASN B 445 9.65 -40.57 -0.38
CA ASN B 445 10.12 -39.59 0.61
C ASN B 445 8.94 -39.06 1.41
N PRO B 446 8.95 -39.17 2.75
CA PRO B 446 7.77 -38.71 3.51
C PRO B 446 7.45 -37.24 3.31
N TYR B 447 8.45 -36.38 3.16
CA TYR B 447 8.18 -34.95 3.02
C TYR B 447 7.43 -34.66 1.72
N THR B 448 7.84 -35.29 0.62
CA THR B 448 7.10 -35.13 -0.62
C THR B 448 5.75 -35.82 -0.56
N ARG B 449 5.66 -36.93 0.17
CA ARG B 449 4.36 -37.58 0.33
C ARG B 449 3.36 -36.67 1.04
N LEU B 450 3.82 -35.95 2.06
CA LEU B 450 2.95 -35.00 2.74
C LEU B 450 2.43 -33.96 1.77
N ASN B 451 1.15 -33.61 1.91
CA ASN B 451 0.60 -32.51 1.15
C ASN B 451 1.32 -31.22 1.53
N THR B 452 1.57 -30.38 0.54
CA THR B 452 2.54 -29.29 0.70
C THR B 452 2.19 -28.38 1.87
N SER B 453 0.90 -28.18 2.15
CA SER B 453 0.53 -27.30 3.27
C SER B 453 0.99 -27.89 4.59
N GLU B 454 0.78 -29.19 4.80
CA GLU B 454 1.27 -29.82 6.02
C GLU B 454 2.80 -29.85 6.07
N LEU B 455 3.45 -30.01 4.92
CA LEU B 455 4.91 -29.95 4.91
C LEU B 455 5.40 -28.57 5.34
N ILE B 456 4.75 -27.51 4.86
CA ILE B 456 5.15 -26.17 5.26
C ILE B 456 4.83 -25.93 6.73
N LYS B 457 3.72 -26.47 7.21
CA LYS B 457 3.43 -26.39 8.65
C LYS B 457 4.54 -27.04 9.45
N GLU B 458 4.98 -28.23 9.02
CA GLU B 458 6.04 -28.93 9.74
C GLU B 458 7.35 -28.15 9.69
N LEU B 459 7.70 -27.63 8.52
CA LEU B 459 8.96 -26.91 8.38
C LEU B 459 8.95 -25.61 9.18
N PHE B 460 7.79 -24.96 9.29
CA PHE B 460 7.69 -23.74 10.08
C PHE B 460 7.69 -24.02 11.57
N THR B 461 7.16 -25.17 11.99
CA THR B 461 7.05 -25.46 13.41
C THR B 461 8.40 -25.78 14.01
N ASP B 462 8.75 -25.10 15.10
CA ASP B 462 10.01 -25.35 15.78
C ASP B 462 9.91 -26.63 16.60
N CYS B 463 11.05 -27.30 16.76
CA CYS B 463 11.07 -28.61 17.39
C CYS B 463 10.58 -28.52 18.83
N GLY B 464 9.83 -29.54 19.25
CA GLY B 464 9.39 -29.68 20.62
C GLY B 464 9.90 -30.96 21.22
N PRO B 465 10.11 -30.98 22.54
CA PRO B 465 10.74 -32.16 23.16
C PRO B 465 9.96 -33.45 22.92
N LEU B 466 8.63 -33.39 22.93
CA LEU B 466 7.84 -34.59 22.71
C LEU B 466 7.96 -35.10 21.28
N GLU B 467 8.07 -34.19 20.31
CA GLU B 467 8.16 -34.59 18.92
C GLU B 467 9.44 -35.37 18.66
N SER B 468 9.33 -36.42 17.85
CA SER B 468 10.47 -37.25 17.49
C SER B 468 10.47 -37.57 16.00
N SER B 469 9.93 -36.67 15.18
CA SER B 469 9.90 -36.88 13.74
C SER B 469 11.30 -36.79 13.16
N SER B 470 11.47 -37.37 11.97
CA SER B 470 12.76 -37.32 11.30
C SER B 470 13.22 -35.88 11.12
N LEU B 471 12.28 -34.94 10.99
CA LEU B 471 12.63 -33.53 10.82
C LEU B 471 13.36 -33.00 12.05
N CYS B 472 12.89 -33.36 13.24
CA CYS B 472 13.45 -32.89 14.50
C CYS B 472 14.04 -34.05 15.30
N ASP B 473 14.74 -34.95 14.60
CA ASP B 473 15.29 -36.15 15.23
C ASP B 473 16.72 -35.87 15.66
N TYR B 474 16.90 -35.59 16.95
CA TYR B 474 18.21 -35.34 17.53
C TYR B 474 18.58 -36.46 18.49
N ARG B 475 19.87 -36.72 18.63
CA ARG B 475 20.35 -37.78 19.51
C ARG B 475 19.90 -37.54 20.94
N ALA B 492 24.08 -35.01 18.12
CA ALA B 492 23.49 -35.46 16.86
C ALA B 492 24.21 -36.70 16.35
N GLY B 493 23.86 -37.12 15.14
CA GLY B 493 24.46 -38.31 14.58
C GLY B 493 24.02 -38.54 13.15
N VAL B 494 23.95 -39.82 12.78
CA VAL B 494 23.56 -40.17 11.42
C VAL B 494 22.13 -39.76 11.13
N GLY B 495 21.28 -39.70 12.16
CA GLY B 495 19.89 -39.33 11.93
C GLY B 495 19.74 -37.94 11.37
N VAL B 496 20.50 -36.97 11.91
CA VAL B 496 20.40 -35.60 11.43
C VAL B 496 20.86 -35.50 9.98
N TYR B 497 21.96 -36.17 9.64
CA TYR B 497 22.43 -36.15 8.26
C TYR B 497 21.41 -36.79 7.32
N SER B 498 20.81 -37.90 7.75
CA SER B 498 19.80 -38.54 6.90
C SER B 498 18.58 -37.65 6.72
N ALA B 499 18.17 -36.93 7.77
CA ALA B 499 17.06 -36.00 7.65
C ALA B 499 17.41 -34.87 6.69
N ILE B 500 18.63 -34.35 6.77
CA ILE B 500 19.04 -33.29 5.85
C ILE B 500 19.06 -33.80 4.42
N TRP B 501 19.48 -35.05 4.22
CA TRP B 501 19.46 -35.65 2.89
C TRP B 501 18.03 -35.77 2.38
N GLN B 502 17.10 -36.20 3.23
CA GLN B 502 15.70 -36.27 2.84
C GLN B 502 15.18 -34.90 2.43
N LEU B 503 15.54 -33.87 3.20
CA LEU B 503 15.08 -32.52 2.87
C LEU B 503 15.68 -32.05 1.55
N CYS B 504 16.95 -32.38 1.29
CA CYS B 504 17.55 -32.03 0.00
C CYS B 504 16.83 -32.73 -1.14
N LEU B 505 16.48 -34.00 -0.98
CA LEU B 505 15.75 -34.71 -2.02
C LEU B 505 14.39 -34.07 -2.25
N ALA B 506 13.69 -33.70 -1.18
CA ALA B 506 12.40 -33.02 -1.33
C ALA B 506 12.60 -31.70 -2.07
N LEU B 507 13.64 -30.96 -1.74
CA LEU B 507 13.94 -29.71 -2.44
C LEU B 507 14.10 -29.93 -3.93
N ILE B 508 14.95 -30.88 -4.31
CA ILE B 508 15.19 -31.14 -5.73
C ILE B 508 13.91 -31.57 -6.42
N PHE B 509 13.16 -32.47 -5.79
CA PHE B 509 11.95 -33.00 -6.41
C PHE B 509 10.92 -31.90 -6.62
N LYS B 510 10.69 -31.07 -5.61
CA LYS B 510 9.72 -29.98 -5.79
C LYS B 510 10.18 -29.00 -6.85
N ILE B 511 11.47 -28.65 -6.86
CA ILE B 511 11.96 -27.75 -7.91
C ILE B 511 11.62 -28.31 -9.28
N ILE B 512 12.10 -29.52 -9.55
CA ILE B 512 11.94 -30.11 -10.88
C ILE B 512 10.47 -30.24 -11.23
N MET B 513 9.65 -30.71 -10.28
CA MET B 513 8.26 -31.01 -10.60
C MET B 513 7.44 -29.74 -10.78
N THR B 514 7.60 -28.77 -9.89
CA THR B 514 6.89 -27.51 -10.04
C THR B 514 7.26 -26.83 -11.35
N VAL B 515 8.50 -27.00 -11.81
CA VAL B 515 8.85 -26.47 -13.12
C VAL B 515 7.97 -27.08 -14.19
N PHE B 516 7.76 -28.39 -14.14
CA PHE B 516 6.98 -29.10 -15.14
C PHE B 516 5.48 -29.07 -14.86
N THR B 517 5.06 -28.55 -13.71
CA THR B 517 3.71 -28.75 -13.21
C THR B 517 2.91 -27.47 -13.03
N PHE B 518 3.52 -26.29 -13.20
CA PHE B 518 2.76 -25.07 -12.94
C PHE B 518 1.72 -24.82 -14.03
N GLY B 519 2.12 -24.94 -15.29
CA GLY B 519 1.26 -24.54 -16.38
C GLY B 519 0.24 -25.56 -16.85
N ILE B 520 0.26 -26.78 -16.32
CA ILE B 520 -0.64 -27.80 -16.84
C ILE B 520 -2.09 -27.36 -16.64
N LYS B 521 -2.99 -28.01 -17.38
CA LYS B 521 -4.37 -27.53 -17.49
C LYS B 521 -5.24 -27.97 -16.31
N VAL B 522 -4.79 -27.71 -15.10
CA VAL B 522 -5.64 -27.85 -13.92
C VAL B 522 -5.33 -26.72 -12.95
N PRO B 523 -6.31 -26.34 -12.11
CA PRO B 523 -6.08 -25.21 -11.21
C PRO B 523 -4.80 -25.39 -10.41
N SER B 524 -3.80 -24.56 -10.68
CA SER B 524 -2.46 -24.76 -10.17
C SER B 524 -1.94 -23.45 -9.61
N GLY B 525 -1.65 -23.45 -8.30
CA GLY B 525 -1.04 -22.31 -7.66
C GLY B 525 0.47 -22.44 -7.58
N LEU B 526 1.11 -21.31 -7.34
CA LEU B 526 2.55 -21.26 -7.16
C LEU B 526 2.98 -20.68 -5.83
N PHE B 527 2.05 -20.15 -5.04
CA PHE B 527 2.41 -19.67 -3.71
C PHE B 527 2.94 -20.81 -2.85
N ILE B 528 2.28 -21.95 -2.89
CA ILE B 528 2.59 -23.05 -1.97
C ILE B 528 3.80 -23.84 -2.43
N PRO B 529 3.94 -24.19 -3.72
CA PRO B 529 5.17 -24.89 -4.13
C PRO B 529 6.43 -24.06 -3.92
N SER B 530 6.40 -22.78 -4.31
CA SER B 530 7.55 -21.91 -4.08
C SER B 530 7.78 -21.70 -2.58
N MET B 531 6.69 -21.55 -1.82
CA MET B 531 6.81 -21.40 -0.39
C MET B 531 7.43 -22.64 0.25
N ALA B 532 7.09 -23.82 -0.23
CA ALA B 532 7.63 -25.06 0.32
C ALA B 532 9.08 -25.24 -0.06
N ILE B 533 9.45 -24.87 -1.29
CA ILE B 533 10.86 -24.89 -1.67
C ILE B 533 11.66 -23.96 -0.76
N GLY B 534 11.13 -22.75 -0.54
CA GLY B 534 11.80 -21.81 0.33
C GLY B 534 11.88 -22.31 1.76
N ALA B 535 10.83 -22.98 2.23
CA ALA B 535 10.83 -23.48 3.60
C ALA B 535 11.78 -24.65 3.78
N ILE B 536 11.90 -25.51 2.77
CA ILE B 536 12.90 -26.59 2.83
C ILE B 536 14.29 -25.99 2.86
N ALA B 537 14.56 -24.99 2.01
CA ALA B 537 15.86 -24.33 2.04
C ALA B 537 16.12 -23.71 3.41
N GLY B 538 15.13 -23.00 3.94
CA GLY B 538 15.30 -22.34 5.22
C GLY B 538 15.50 -23.31 6.37
N ARG B 539 14.82 -24.45 6.33
CA ARG B 539 14.98 -25.44 7.38
C ARG B 539 16.34 -26.12 7.29
N ILE B 540 16.81 -26.44 6.06
CA ILE B 540 18.14 -26.99 5.93
C ILE B 540 19.17 -26.00 6.49
N VAL B 541 19.04 -24.73 6.12
CA VAL B 541 19.98 -23.72 6.60
C VAL B 541 19.87 -23.59 8.12
N GLY B 542 18.66 -23.63 8.66
CA GLY B 542 18.48 -23.51 10.09
C GLY B 542 19.12 -24.65 10.86
N ILE B 543 18.94 -25.88 10.38
CA ILE B 543 19.58 -27.02 11.02
C ILE B 543 21.09 -26.89 10.94
N ALA B 544 21.61 -26.48 9.77
CA ALA B 544 23.05 -26.31 9.64
C ALA B 544 23.56 -25.26 10.61
N VAL B 545 22.85 -24.15 10.74
CA VAL B 545 23.29 -23.08 11.63
C VAL B 545 23.21 -23.52 13.09
N GLU B 546 22.19 -24.30 13.44
CA GLU B 546 22.10 -24.77 14.82
C GLU B 546 23.22 -25.74 15.16
N GLN B 547 23.55 -26.65 14.22
CA GLN B 547 24.71 -27.51 14.42
C GLN B 547 25.97 -26.68 14.60
N LEU B 548 26.18 -25.70 13.71
CA LEU B 548 27.31 -24.80 13.86
C LEU B 548 27.29 -24.12 15.21
N ALA B 549 26.10 -23.82 15.73
CA ALA B 549 25.98 -23.04 16.95
C ALA B 549 26.41 -23.85 18.17
N TYR B 550 25.88 -25.06 18.32
CA TYR B 550 26.22 -25.80 19.55
C TYR B 550 27.42 -26.73 19.39
N TYR B 551 27.97 -26.88 18.18
CA TYR B 551 29.24 -27.56 18.04
C TYR B 551 30.40 -26.59 18.18
N HIS B 552 30.22 -25.34 17.75
CA HIS B 552 31.27 -24.33 17.80
C HIS B 552 30.84 -23.18 18.69
N HIS B 553 30.28 -23.49 19.85
CA HIS B 553 29.81 -22.46 20.77
C HIS B 553 30.93 -21.55 21.25
N ASP B 554 32.19 -21.97 21.13
CA ASP B 554 33.30 -21.15 21.59
C ASP B 554 33.49 -19.88 20.78
N TRP B 555 32.90 -19.79 19.58
CA TRP B 555 33.03 -18.58 18.79
C TRP B 555 32.26 -17.43 19.43
N PHE B 556 32.74 -16.21 19.18
CA PHE B 556 32.19 -15.05 19.89
C PHE B 556 30.73 -14.79 19.51
N ILE B 557 30.34 -15.07 18.27
CA ILE B 557 28.96 -14.82 17.87
C ILE B 557 27.98 -15.66 18.69
N PHE B 558 28.32 -16.93 18.92
CA PHE B 558 27.48 -17.76 19.78
C PHE B 558 27.83 -17.59 21.25
N LYS B 559 29.09 -17.28 21.55
CA LYS B 559 29.51 -17.14 22.93
C LYS B 559 28.81 -15.97 23.63
N GLU B 560 28.71 -14.83 22.94
CA GLU B 560 28.14 -13.63 23.56
C GLU B 560 26.63 -13.71 23.64
N TRP B 561 25.96 -13.80 22.50
CA TRP B 561 24.50 -13.86 22.46
C TRP B 561 24.01 -15.20 22.99
N ASP B 567 17.99 -23.73 23.26
CA ASP B 567 18.67 -23.52 21.99
C ASP B 567 18.80 -22.03 21.69
N CYS B 568 19.77 -21.68 20.84
CA CYS B 568 20.02 -20.29 20.48
C CYS B 568 19.36 -19.89 19.17
N ILE B 569 18.97 -20.84 18.33
CA ILE B 569 18.46 -20.54 17.00
C ILE B 569 17.26 -21.43 16.71
N THR B 570 16.25 -20.85 16.07
CA THR B 570 15.03 -21.57 15.71
C THR B 570 15.01 -21.83 14.22
N PRO B 571 15.17 -23.07 13.76
CA PRO B 571 15.09 -23.33 12.31
C PRO B 571 13.74 -23.00 11.70
N GLY B 572 12.68 -22.90 12.50
CA GLY B 572 11.40 -22.49 11.95
C GLY B 572 11.41 -21.07 11.41
N LEU B 573 12.12 -20.17 12.10
CA LEU B 573 12.29 -18.82 11.59
C LEU B 573 13.07 -18.81 10.29
N TYR B 574 14.11 -19.62 10.20
CA TYR B 574 14.86 -19.71 8.95
C TYR B 574 13.97 -20.25 7.84
N ALA B 575 13.09 -21.20 8.15
CA ALA B 575 12.15 -21.71 7.15
C ALA B 575 11.18 -20.62 6.70
N MET B 576 10.66 -19.84 7.64
CA MET B 576 9.86 -18.68 7.26
C MET B 576 10.62 -17.77 6.31
N VAL B 577 11.86 -17.45 6.66
CA VAL B 577 12.62 -16.49 5.88
C VAL B 577 12.93 -17.06 4.50
N GLY B 578 13.20 -18.36 4.40
CA GLY B 578 13.43 -18.97 3.11
C GLY B 578 12.18 -19.02 2.26
N ALA B 579 11.02 -19.27 2.88
CA ALA B 579 9.76 -19.21 2.16
C ALA B 579 9.56 -17.83 1.58
N ALA B 580 9.77 -16.79 2.39
CA ALA B 580 9.64 -15.43 1.90
C ALA B 580 10.67 -15.15 0.81
N ALA B 581 11.88 -15.68 0.96
CA ALA B 581 12.93 -15.47 -0.03
C ALA B 581 12.51 -16.00 -1.39
N CYS B 582 12.10 -17.27 -1.45
CA CYS B 582 11.73 -17.87 -2.73
C CYS B 582 10.46 -17.25 -3.28
N LEU B 583 9.50 -16.94 -2.41
CA LEU B 583 8.25 -16.36 -2.86
C LEU B 583 8.48 -14.98 -3.47
N GLY B 584 9.38 -14.18 -2.88
CA GLY B 584 9.72 -12.90 -3.46
C GLY B 584 10.61 -12.99 -4.66
N GLY B 585 11.46 -14.01 -4.73
CA GLY B 585 12.28 -14.20 -5.91
C GLY B 585 11.46 -14.55 -7.12
N VAL B 586 10.46 -15.41 -6.96
CA VAL B 586 9.64 -15.83 -8.08
C VAL B 586 8.58 -14.78 -8.40
N THR B 587 7.93 -14.22 -7.38
CA THR B 587 6.87 -13.25 -7.59
C THR B 587 7.38 -11.82 -7.69
N ARG B 588 8.48 -11.49 -7.01
CA ARG B 588 9.00 -10.13 -6.95
C ARG B 588 8.03 -9.20 -6.23
N MET B 589 7.50 -9.66 -5.09
CA MET B 589 6.65 -8.85 -4.23
C MET B 589 7.41 -8.56 -2.94
N THR B 590 7.33 -7.31 -2.48
CA THR B 590 8.13 -6.86 -1.35
C THR B 590 7.30 -6.61 -0.09
N VAL B 591 6.36 -5.67 -0.13
CA VAL B 591 5.64 -5.34 1.08
C VAL B 591 4.47 -6.31 1.28
N SER B 592 3.75 -6.60 0.20
CA SER B 592 2.67 -7.57 0.29
C SER B 592 3.19 -8.92 0.76
N LEU B 593 4.34 -9.34 0.24
CA LEU B 593 4.85 -10.66 0.60
C LEU B 593 5.23 -10.73 2.07
N VAL B 594 5.91 -9.71 2.59
CA VAL B 594 6.30 -9.71 4.00
C VAL B 594 5.06 -9.68 4.89
N VAL B 595 4.09 -8.83 4.54
CA VAL B 595 2.87 -8.77 5.34
C VAL B 595 2.16 -10.10 5.31
N ILE B 596 2.07 -10.73 4.13
CA ILE B 596 1.45 -12.04 4.04
C ILE B 596 2.19 -13.05 4.91
N VAL B 597 3.51 -12.99 4.92
CA VAL B 597 4.26 -14.01 5.66
C VAL B 597 4.04 -13.87 7.16
N PHE B 598 4.13 -12.66 7.70
CA PHE B 598 3.95 -12.58 9.15
C PHE B 598 2.48 -12.48 9.57
N GLU B 599 1.55 -12.26 8.65
CA GLU B 599 0.13 -12.49 8.96
C GLU B 599 -0.18 -13.97 8.96
N LEU B 600 0.40 -14.69 8.01
CA LEU B 600 0.26 -16.15 7.93
C LEU B 600 0.79 -16.82 9.18
N THR B 601 1.98 -16.41 9.61
CA THR B 601 2.66 -17.03 10.74
C THR B 601 2.45 -16.31 12.06
N GLY B 602 1.98 -15.06 12.03
CA GLY B 602 1.75 -14.32 13.25
C GLY B 602 3.02 -13.77 13.88
N GLY B 603 4.17 -14.03 13.29
CA GLY B 603 5.43 -13.56 13.84
C GLY B 603 5.77 -12.14 13.44
N LEU B 604 5.10 -11.17 14.05
CA LEU B 604 5.46 -9.76 13.83
C LEU B 604 6.57 -9.32 14.79
N GLU B 605 7.60 -10.15 14.87
CA GLU B 605 8.83 -9.79 15.55
C GLU B 605 10.03 -10.10 14.68
N TYR B 606 9.84 -10.75 13.54
CA TYR B 606 10.91 -11.12 12.65
C TYR B 606 10.82 -10.31 11.36
N THR B 607 10.10 -9.19 11.40
CA THR B 607 9.80 -8.45 10.18
C THR B 607 11.06 -8.02 9.48
N VAL B 608 12.03 -7.48 10.21
CA VAL B 608 13.28 -7.03 9.57
C VAL B 608 13.96 -8.16 8.82
N PRO B 609 14.12 -9.36 9.39
CA PRO B 609 14.66 -10.46 8.59
C PRO B 609 13.86 -10.73 7.33
N LEU B 610 12.53 -10.65 7.40
CA LEU B 610 11.71 -10.88 6.22
C LEU B 610 11.94 -9.80 5.17
N MET B 611 12.03 -8.53 5.60
CA MET B 611 12.32 -7.45 4.66
C MET B 611 13.66 -7.67 3.98
N ALA B 612 14.68 -8.03 4.77
CA ALA B 612 16.02 -8.21 4.22
C ALA B 612 16.07 -9.38 3.24
N ALA B 613 15.48 -10.51 3.61
CA ALA B 613 15.45 -11.66 2.73
C ALA B 613 14.67 -11.36 1.46
N VAL B 614 13.53 -10.67 1.58
CA VAL B 614 12.71 -10.40 0.41
C VAL B 614 13.43 -9.44 -0.54
N MET B 615 14.07 -8.39 -0.01
CA MET B 615 14.82 -7.49 -0.88
C MET B 615 16.00 -8.21 -1.53
N THR B 616 16.72 -9.02 -0.77
CA THR B 616 17.84 -9.75 -1.38
C THR B 616 17.34 -10.65 -2.49
N SER B 617 16.24 -11.36 -2.26
CA SER B 617 15.68 -12.25 -3.27
C SER B 617 15.25 -11.47 -4.51
N LYS B 618 14.59 -10.33 -4.32
CA LYS B 618 14.17 -9.53 -5.47
C LYS B 618 15.36 -9.00 -6.25
N TRP B 619 16.40 -8.54 -5.57
CA TRP B 619 17.58 -8.02 -6.27
C TRP B 619 18.28 -9.12 -7.04
N VAL B 620 18.51 -10.27 -6.41
CA VAL B 620 19.20 -11.36 -7.09
C VAL B 620 18.36 -11.87 -8.25
N GLY B 621 17.04 -11.87 -8.09
CA GLY B 621 16.18 -12.25 -9.20
C GLY B 621 16.24 -11.27 -10.34
N ASP B 622 16.20 -9.97 -10.04
CA ASP B 622 16.29 -8.94 -11.07
C ASP B 622 17.63 -8.97 -11.79
N ALA B 623 18.67 -9.48 -11.13
CA ALA B 623 19.96 -9.61 -11.81
C ALA B 623 19.87 -10.49 -13.06
N PHE B 624 18.85 -11.34 -13.16
CA PHE B 624 18.66 -12.22 -14.30
C PHE B 624 17.41 -11.88 -15.11
N GLY B 625 16.76 -10.76 -14.83
CA GLY B 625 15.54 -10.41 -15.52
C GLY B 625 14.49 -9.86 -14.58
N ARG B 626 13.94 -8.69 -14.91
CA ARG B 626 13.11 -7.97 -13.96
C ARG B 626 11.69 -8.51 -13.85
N GLU B 627 11.25 -9.36 -14.79
CA GLU B 627 9.90 -9.88 -14.78
C GLU B 627 9.74 -10.98 -13.73
N GLY B 628 8.58 -10.99 -13.07
CA GLY B 628 8.23 -12.06 -12.17
C GLY B 628 7.60 -13.22 -12.92
N ILE B 629 6.90 -14.06 -12.17
CA ILE B 629 6.23 -15.20 -12.80
C ILE B 629 4.85 -14.83 -13.33
N TYR B 630 4.17 -13.89 -12.68
CA TYR B 630 2.86 -13.46 -13.17
C TYR B 630 2.96 -12.48 -14.33
N GLU B 631 4.14 -11.95 -14.62
CA GLU B 631 4.36 -11.18 -15.83
C GLU B 631 4.91 -12.01 -16.97
N ALA B 632 5.78 -12.98 -16.69
CA ALA B 632 6.26 -13.87 -17.72
C ALA B 632 5.19 -14.83 -18.22
N HIS B 633 4.02 -14.93 -17.56
CA HIS B 633 2.89 -15.77 -18.01
C HIS B 633 1.75 -14.96 -18.61
N ILE B 634 2.02 -13.71 -18.98
CA ILE B 634 1.37 -12.60 -19.66
C ILE B 634 2.15 -12.34 -20.94
N ARG B 635 3.47 -12.22 -20.84
CA ARG B 635 4.29 -12.18 -22.04
C ARG B 635 4.24 -13.50 -22.78
N LEU B 636 4.33 -14.62 -22.05
CA LEU B 636 4.26 -15.92 -22.70
C LEU B 636 2.89 -16.15 -23.34
N ASN B 637 1.81 -15.77 -22.65
CA ASN B 637 0.47 -15.92 -23.20
C ASN B 637 0.11 -14.77 -24.14
N GLY B 638 0.95 -13.76 -24.27
CA GLY B 638 0.64 -12.66 -25.17
C GLY B 638 -0.63 -11.92 -24.80
N TYR B 639 -0.85 -11.68 -23.52
CA TYR B 639 -2.00 -10.91 -23.11
C TYR B 639 -1.71 -9.42 -23.30
N PRO B 640 -2.75 -8.61 -23.56
CA PRO B 640 -2.51 -7.18 -23.77
C PRO B 640 -2.40 -6.40 -22.46
N PHE B 641 -1.23 -6.50 -21.84
CA PHE B 641 -0.97 -5.89 -20.54
C PHE B 641 0.06 -4.79 -20.70
N LEU B 642 -0.31 -3.57 -20.33
CA LEU B 642 0.60 -2.42 -20.36
C LEU B 642 1.23 -2.30 -18.99
N ASP B 643 2.56 -2.39 -18.94
CA ASP B 643 3.27 -2.53 -17.68
C ASP B 643 3.84 -1.19 -17.23
N ALA B 644 3.70 -0.92 -15.93
CA ALA B 644 4.30 0.27 -15.35
C ALA B 644 5.81 0.12 -15.16
N LYS B 645 6.27 -1.07 -14.79
CA LYS B 645 7.70 -1.28 -14.62
C LYS B 645 8.44 -1.02 -15.91
N GLU B 646 7.92 -1.53 -17.03
CA GLU B 646 8.55 -1.32 -18.32
C GLU B 646 8.42 0.13 -18.75
N GLU B 647 9.44 0.62 -19.45
CA GLU B 647 9.46 1.98 -19.96
C GLU B 647 9.84 1.96 -21.43
N PHE B 648 9.30 2.92 -22.18
CA PHE B 648 9.54 3.02 -23.62
C PHE B 648 10.94 3.61 -23.82
N THR B 649 11.95 2.77 -23.59
CA THR B 649 13.33 3.21 -23.74
C THR B 649 13.65 3.63 -25.17
N HIS B 650 12.86 3.18 -26.14
CA HIS B 650 13.09 3.56 -27.53
C HIS B 650 12.85 5.06 -27.71
N THR B 651 13.70 5.70 -28.52
CA THR B 651 13.53 7.10 -28.87
C THR B 651 12.66 7.17 -30.12
N THR B 652 11.41 7.57 -29.95
CA THR B 652 10.45 7.59 -31.05
C THR B 652 9.43 8.68 -30.80
N LEU B 653 8.75 9.07 -31.87
CA LEU B 653 7.71 10.09 -31.84
C LEU B 653 6.35 9.45 -32.08
N ALA B 654 5.30 10.08 -31.55
CA ALA B 654 3.96 9.54 -31.71
C ALA B 654 3.56 9.41 -33.17
N ALA B 655 4.18 10.17 -34.07
CA ALA B 655 3.86 10.08 -35.48
C ALA B 655 4.20 8.70 -36.04
N ASP B 656 5.25 8.08 -35.52
CA ASP B 656 5.63 6.75 -36.00
C ASP B 656 4.66 5.69 -35.51
N VAL B 657 4.31 5.73 -34.23
CA VAL B 657 3.50 4.66 -33.65
C VAL B 657 2.09 4.66 -34.24
N MET B 658 1.50 5.84 -34.38
CA MET B 658 0.16 5.94 -34.95
C MET B 658 0.13 5.24 -36.31
N ARG B 659 -0.90 4.42 -36.53
CA ARG B 659 -0.91 3.47 -37.64
C ARG B 659 -2.09 3.67 -38.58
N PRO B 660 -2.33 4.90 -39.07
CA PRO B 660 -2.89 5.09 -40.41
C PRO B 660 -1.78 5.26 -41.44
N ARG B 661 -0.86 4.30 -41.47
CA ARG B 661 0.38 4.47 -42.20
C ARG B 661 0.14 4.59 -43.70
N ARG B 662 1.20 4.98 -44.42
CA ARG B 662 1.11 5.07 -45.87
C ARG B 662 0.72 3.74 -46.49
N SER B 663 1.15 2.63 -45.90
CA SER B 663 0.74 1.32 -46.38
C SER B 663 -0.70 1.02 -45.98
N ASP B 664 -1.17 1.59 -44.88
CA ASP B 664 -2.52 1.36 -44.41
C ASP B 664 -3.53 2.15 -45.23
N PRO B 665 -4.80 1.75 -45.21
CA PRO B 665 -5.82 2.48 -45.95
C PRO B 665 -6.05 3.85 -45.35
N PRO B 666 -6.92 4.66 -45.96
CA PRO B 666 -7.25 5.96 -45.35
C PRO B 666 -7.86 5.78 -43.97
N LEU B 667 -7.55 6.73 -43.08
CA LEU B 667 -8.10 6.74 -41.74
C LEU B 667 -9.63 6.76 -41.78
N ALA B 668 -10.27 5.69 -41.32
CA ALA B 668 -11.72 5.68 -41.27
C ALA B 668 -12.21 6.80 -40.36
N VAL B 669 -13.05 7.69 -40.90
CA VAL B 669 -13.59 8.82 -40.18
C VAL B 669 -15.03 9.05 -40.63
N LEU B 670 -15.73 9.89 -39.87
CA LEU B 670 -17.10 10.26 -40.18
C LEU B 670 -17.24 11.78 -40.15
N THR B 671 -17.98 12.32 -41.11
CA THR B 671 -18.30 13.73 -41.14
C THR B 671 -19.55 14.00 -40.31
N GLN B 672 -19.62 15.21 -39.76
CA GLN B 672 -20.64 15.50 -38.75
C GLN B 672 -22.05 15.41 -39.32
N ASP B 673 -22.27 15.92 -40.53
CA ASP B 673 -23.62 16.07 -41.06
C ASP B 673 -23.80 15.46 -42.45
N ASN B 674 -22.71 15.35 -43.22
CA ASN B 674 -22.84 14.88 -44.59
C ASN B 674 -23.29 13.42 -44.63
N MET B 675 -22.84 12.61 -43.68
CA MET B 675 -23.14 11.18 -43.70
C MET B 675 -24.64 10.94 -43.57
N THR B 676 -25.09 9.83 -44.16
CA THR B 676 -26.46 9.36 -44.06
C THR B 676 -26.49 8.05 -43.27
N VAL B 677 -27.70 7.65 -42.88
CA VAL B 677 -27.84 6.43 -42.07
C VAL B 677 -27.26 5.24 -42.80
N ASP B 678 -27.55 5.11 -44.10
CA ASP B 678 -27.06 3.97 -44.85
C ASP B 678 -25.53 3.96 -44.91
N ASP B 679 -24.92 5.14 -45.09
CA ASP B 679 -23.47 5.20 -45.17
C ASP B 679 -22.81 4.75 -43.86
N ILE B 680 -23.33 5.24 -42.73
CA ILE B 680 -22.74 4.87 -41.45
C ILE B 680 -23.00 3.40 -41.15
N GLU B 681 -24.15 2.87 -41.54
CA GLU B 681 -24.41 1.44 -41.37
C GLU B 681 -23.43 0.61 -42.19
N ASN B 682 -23.15 1.04 -43.43
CA ASN B 682 -22.17 0.36 -44.25
C ASN B 682 -20.79 0.41 -43.60
N MET B 683 -20.44 1.58 -43.03
CA MET B 683 -19.17 1.68 -42.33
C MET B 683 -19.11 0.73 -41.14
N ILE B 684 -20.22 0.61 -40.41
CA ILE B 684 -20.26 -0.31 -39.27
C ILE B 684 -20.03 -1.74 -39.74
N ASN B 685 -20.73 -2.15 -40.80
CA ASN B 685 -20.68 -3.56 -41.20
C ASN B 685 -19.36 -3.91 -41.88
N GLU B 686 -18.87 -3.03 -42.76
CA GLU B 686 -17.69 -3.34 -43.56
C GLU B 686 -16.38 -3.11 -42.82
N THR B 687 -16.42 -2.45 -41.66
CA THR B 687 -15.24 -2.17 -40.87
C THR B 687 -15.38 -2.78 -39.49
N SER B 688 -14.32 -3.43 -39.03
CA SER B 688 -14.30 -4.03 -37.70
C SER B 688 -13.94 -3.05 -36.61
N TYR B 689 -13.53 -1.84 -36.95
CA TYR B 689 -13.13 -0.86 -35.95
C TYR B 689 -14.27 -0.61 -34.97
N ASN B 690 -13.91 -0.42 -33.70
CA ASN B 690 -14.88 -0.16 -32.65
C ASN B 690 -15.15 1.32 -32.45
N GLY B 691 -14.49 2.19 -33.22
CA GLY B 691 -14.70 3.61 -33.07
C GLY B 691 -14.26 4.37 -34.30
N PHE B 692 -14.86 5.54 -34.50
CA PHE B 692 -14.58 6.39 -35.65
C PHE B 692 -14.43 7.83 -35.20
N PRO B 693 -13.38 8.53 -35.61
CA PRO B 693 -13.30 9.97 -35.35
C PRO B 693 -14.33 10.73 -36.17
N VAL B 694 -15.31 11.31 -35.49
CA VAL B 694 -16.32 12.14 -36.14
C VAL B 694 -15.73 13.53 -36.33
N ILE B 695 -15.65 13.98 -37.58
CA ILE B 695 -14.99 15.22 -37.93
C ILE B 695 -15.97 16.14 -38.64
N MET B 696 -15.54 17.39 -38.86
CA MET B 696 -16.38 18.35 -39.54
C MET B 696 -16.62 17.96 -41.00
N SER B 697 -15.53 17.67 -41.72
CA SER B 697 -15.63 17.36 -43.14
C SER B 697 -14.41 16.54 -43.55
N LYS B 698 -14.52 15.91 -44.71
CA LYS B 698 -13.43 15.07 -45.21
C LYS B 698 -12.17 15.89 -45.49
N GLU B 699 -12.29 17.21 -45.60
CA GLU B 699 -11.15 18.09 -45.82
C GLU B 699 -10.77 18.90 -44.60
N SER B 700 -11.76 19.38 -43.83
CA SER B 700 -11.45 20.14 -42.63
C SER B 700 -10.69 19.30 -41.62
N GLN B 701 -11.11 18.06 -41.42
CA GLN B 701 -10.43 17.13 -40.51
C GLN B 701 -10.28 17.74 -39.12
N ARG B 702 -11.36 18.34 -38.63
CA ARG B 702 -11.43 18.89 -37.28
C ARG B 702 -12.11 17.88 -36.38
N LEU B 703 -11.47 17.56 -35.26
CA LEU B 703 -11.97 16.54 -34.34
C LEU B 703 -13.23 17.06 -33.66
N VAL B 704 -14.39 16.60 -34.14
CA VAL B 704 -15.65 16.96 -33.50
C VAL B 704 -15.97 16.03 -32.35
N GLY B 705 -15.63 14.75 -32.48
CA GLY B 705 -15.88 13.80 -31.42
C GLY B 705 -15.46 12.41 -31.81
N PHE B 706 -15.90 11.43 -31.02
CA PHE B 706 -15.59 10.03 -31.29
C PHE B 706 -16.86 9.21 -31.18
N ALA B 707 -17.15 8.41 -32.20
CA ALA B 707 -18.36 7.61 -32.25
C ALA B 707 -18.00 6.14 -32.07
N LEU B 708 -18.53 5.53 -31.01
CA LEU B 708 -18.27 4.13 -30.74
C LEU B 708 -19.10 3.23 -31.66
N ARG B 709 -18.45 2.20 -32.19
CA ARG B 709 -19.13 1.31 -33.12
C ARG B 709 -20.33 0.64 -32.46
N ARG B 710 -20.17 0.17 -31.22
CA ARG B 710 -21.29 -0.46 -30.54
C ARG B 710 -22.42 0.54 -30.30
N ASP B 711 -22.07 1.73 -29.82
CA ASP B 711 -23.10 2.75 -29.59
C ASP B 711 -23.77 3.15 -30.90
N LEU B 712 -22.98 3.31 -31.96
CA LEU B 712 -23.54 3.65 -33.26
C LEU B 712 -24.52 2.58 -33.73
N THR B 713 -24.09 1.31 -33.64
CA THR B 713 -24.94 0.21 -34.08
C THR B 713 -26.22 0.15 -33.27
N ILE B 714 -26.12 0.28 -31.95
CA ILE B 714 -27.32 0.19 -31.11
C ILE B 714 -28.25 1.34 -31.41
N ALA B 715 -27.72 2.55 -31.56
CA ALA B 715 -28.58 3.70 -31.85
C ALA B 715 -29.28 3.54 -33.18
N ILE B 716 -28.56 3.09 -34.21
CA ILE B 716 -29.19 2.93 -35.52
C ILE B 716 -30.26 1.84 -35.47
N GLU B 717 -29.97 0.72 -34.81
CA GLU B 717 -30.95 -0.35 -34.71
C GLU B 717 -32.19 0.10 -33.97
N SER B 718 -32.02 0.85 -32.87
CA SER B 718 -33.16 1.34 -32.13
C SER B 718 -33.97 2.33 -32.97
N ALA B 719 -33.29 3.20 -33.70
CA ALA B 719 -33.99 4.19 -34.53
C ALA B 719 -34.81 3.50 -35.61
N ARG B 720 -34.22 2.52 -36.29
CA ARG B 720 -34.97 1.80 -37.33
C ARG B 720 -36.10 0.98 -36.73
N LYS B 721 -35.87 0.35 -35.59
CA LYS B 721 -36.90 -0.44 -34.92
C LYS B 721 -37.95 0.49 -34.31
N VAL B 732 -28.28 11.48 -41.38
CA VAL B 732 -27.59 11.59 -40.10
C VAL B 732 -27.05 13.00 -39.91
N CYS B 733 -27.17 13.51 -38.68
CA CYS B 733 -26.64 14.82 -38.32
C CYS B 733 -26.12 14.73 -36.89
N PHE B 734 -24.79 14.73 -36.74
CA PHE B 734 -24.18 14.71 -35.42
C PHE B 734 -24.30 16.05 -34.70
N ALA B 735 -24.73 17.10 -35.39
CA ALA B 735 -24.90 18.40 -34.76
C ALA B 735 -26.26 18.50 -34.08
N LEU B 749 -31.26 11.46 -38.87
CA LEU B 749 -31.21 10.79 -37.58
C LEU B 749 -30.09 11.37 -36.71
N LYS B 750 -30.49 12.02 -35.63
CA LYS B 750 -29.52 12.63 -34.73
C LYS B 750 -28.66 11.57 -34.05
N LEU B 751 -27.37 11.88 -33.87
CA LEU B 751 -26.46 10.99 -33.18
C LEU B 751 -25.55 11.76 -32.22
N ARG B 752 -25.99 12.92 -31.75
CA ARG B 752 -25.21 13.67 -30.77
C ARG B 752 -25.27 13.06 -29.39
N SER B 753 -26.29 12.23 -29.11
CA SER B 753 -26.41 11.61 -27.78
C SER B 753 -25.23 10.68 -27.51
N ILE B 754 -24.82 9.90 -28.50
CA ILE B 754 -23.73 8.95 -28.31
C ILE B 754 -22.36 9.54 -28.66
N LEU B 755 -22.32 10.65 -29.38
CA LEU B 755 -21.05 11.22 -29.81
C LEU B 755 -20.19 11.59 -28.61
N ASP B 756 -18.91 11.22 -28.68
CA ASP B 756 -17.93 11.56 -27.65
C ASP B 756 -17.31 12.91 -28.01
N MET B 757 -17.87 13.98 -27.43
CA MET B 757 -17.41 15.32 -27.74
C MET B 757 -16.00 15.59 -27.24
N SER B 758 -15.43 14.73 -26.40
CA SER B 758 -14.14 14.96 -25.77
C SER B 758 -13.23 13.77 -26.01
N PRO B 759 -12.74 13.60 -27.24
CA PRO B 759 -11.73 12.56 -27.49
C PRO B 759 -10.34 13.04 -27.11
N PHE B 760 -9.61 12.22 -26.35
CA PHE B 760 -8.26 12.61 -25.96
C PHE B 760 -7.38 12.70 -27.19
N THR B 761 -6.60 13.78 -27.27
CA THR B 761 -5.78 14.07 -28.44
C THR B 761 -4.35 14.36 -27.99
N VAL B 762 -3.42 14.16 -28.92
CA VAL B 762 -2.01 14.40 -28.67
C VAL B 762 -1.36 14.88 -29.95
N THR B 763 -0.38 15.76 -29.81
CA THR B 763 0.30 16.32 -30.98
C THR B 763 1.07 15.24 -31.72
N ASP B 764 1.10 15.35 -33.05
CA ASP B 764 1.82 14.39 -33.87
C ASP B 764 3.31 14.39 -33.58
N HIS B 765 3.85 15.48 -33.03
CA HIS B 765 5.25 15.56 -32.65
C HIS B 765 5.48 15.18 -31.19
N THR B 766 4.45 14.75 -30.49
CA THR B 766 4.62 14.37 -29.09
C THR B 766 5.50 13.13 -28.99
N PRO B 767 6.50 13.12 -28.11
CA PRO B 767 7.30 11.90 -27.94
C PRO B 767 6.42 10.75 -27.47
N MET B 768 6.72 9.55 -27.97
CA MET B 768 5.86 8.41 -27.69
C MET B 768 5.87 8.05 -26.21
N GLU B 769 6.98 8.32 -25.51
CA GLU B 769 7.01 8.07 -24.07
C GLU B 769 5.87 8.80 -23.38
N ILE B 770 5.61 10.05 -23.77
CA ILE B 770 4.53 10.82 -23.17
C ILE B 770 3.20 10.14 -23.41
N VAL B 771 2.97 9.65 -24.64
CA VAL B 771 1.69 9.00 -24.95
C VAL B 771 1.55 7.72 -24.15
N VAL B 772 2.64 6.96 -23.99
CA VAL B 772 2.60 5.76 -23.18
C VAL B 772 2.20 6.10 -21.75
N ASP B 773 2.78 7.18 -21.21
CA ASP B 773 2.40 7.61 -19.87
C ASP B 773 0.94 8.02 -19.80
N ILE B 774 0.44 8.72 -20.83
CA ILE B 774 -0.96 9.09 -20.84
C ILE B 774 -1.84 7.85 -20.75
N PHE B 775 -1.55 6.86 -21.60
CA PHE B 775 -2.34 5.63 -21.59
C PHE B 775 -2.26 4.92 -20.25
N ARG B 776 -1.06 4.85 -19.67
CA ARG B 776 -0.85 4.07 -18.45
C ARG B 776 -1.51 4.74 -17.26
N LYS B 777 -1.30 6.05 -17.09
CA LYS B 777 -1.85 6.75 -15.94
C LYS B 777 -3.35 6.94 -16.06
N LEU B 778 -3.84 7.29 -17.24
CA LEU B 778 -5.26 7.52 -17.43
C LEU B 778 -6.04 6.29 -17.84
N GLY B 779 -5.37 5.28 -18.39
CA GLY B 779 -6.05 4.08 -18.83
C GLY B 779 -7.00 4.34 -19.99
N LEU B 780 -6.55 5.09 -20.98
CA LEU B 780 -7.35 5.32 -22.17
C LEU B 780 -7.23 4.15 -23.12
N ARG B 781 -8.17 4.09 -24.06
CA ARG B 781 -8.16 3.08 -25.10
C ARG B 781 -7.69 3.62 -26.45
N GLN B 782 -7.96 4.89 -26.75
CA GLN B 782 -7.49 5.50 -27.98
C GLN B 782 -7.17 6.97 -27.76
N CYS B 783 -6.16 7.46 -28.48
CA CYS B 783 -5.69 8.84 -28.37
C CYS B 783 -5.50 9.38 -29.79
N LEU B 784 -6.46 10.18 -30.25
CA LEU B 784 -6.52 10.61 -31.65
C LEU B 784 -5.44 11.65 -31.89
N VAL B 785 -4.30 11.23 -32.44
CA VAL B 785 -3.22 12.17 -32.69
C VAL B 785 -3.68 13.23 -33.70
N THR B 786 -3.12 14.43 -33.57
CA THR B 786 -3.47 15.55 -34.43
C THR B 786 -2.20 16.24 -34.90
N HIS B 787 -2.32 16.96 -36.01
CA HIS B 787 -1.19 17.67 -36.63
C HIS B 787 -1.64 19.10 -36.89
N ASN B 788 -1.19 20.03 -36.04
CA ASN B 788 -1.55 21.43 -36.17
C ASN B 788 -3.07 21.60 -36.20
N GLY B 789 -3.75 20.78 -35.41
CA GLY B 789 -5.21 20.80 -35.37
C GLY B 789 -5.88 19.99 -36.45
N ARG B 790 -5.13 19.47 -37.42
CA ARG B 790 -5.68 18.65 -38.49
C ARG B 790 -5.59 17.18 -38.06
N LEU B 791 -6.74 16.54 -37.92
CA LEU B 791 -6.78 15.14 -37.49
C LEU B 791 -5.82 14.31 -38.31
N LEU B 792 -4.82 13.74 -37.63
CA LEU B 792 -3.77 12.99 -38.31
C LEU B 792 -3.97 11.49 -38.26
N GLY B 793 -4.64 10.96 -37.24
CA GLY B 793 -4.82 9.52 -37.16
C GLY B 793 -5.42 9.02 -35.86
N ILE B 794 -4.86 7.94 -35.32
CA ILE B 794 -5.37 7.33 -34.10
C ILE B 794 -4.28 6.42 -33.53
N ILE B 795 -4.29 6.28 -32.22
CA ILE B 795 -3.47 5.29 -31.51
C ILE B 795 -4.37 4.59 -30.51
N THR B 796 -4.17 3.29 -30.33
CA THR B 796 -4.93 2.51 -29.37
C THR B 796 -3.97 1.79 -28.43
N LYS B 797 -4.49 1.37 -27.29
CA LYS B 797 -3.69 0.58 -26.36
C LYS B 797 -3.03 -0.57 -27.08
N LYS B 798 -3.79 -1.25 -27.95
CA LYS B 798 -3.24 -2.36 -28.72
C LYS B 798 -2.12 -1.90 -29.64
N ASP B 799 -2.22 -0.70 -30.21
CA ASP B 799 -1.14 -0.20 -31.07
C ASP B 799 0.16 -0.08 -30.28
N ILE B 800 0.09 0.52 -29.10
CA ILE B 800 1.28 0.68 -28.28
C ILE B 800 1.82 -0.70 -27.90
N LEU B 801 0.94 -1.61 -27.52
CA LEU B 801 1.39 -2.94 -27.11
C LEU B 801 2.05 -3.68 -28.26
N ARG B 802 1.48 -3.59 -29.46
CA ARG B 802 2.09 -4.21 -30.62
C ARG B 802 3.47 -3.62 -30.89
N HIS B 803 3.59 -2.29 -30.81
CA HIS B 803 4.88 -1.66 -31.06
C HIS B 803 5.91 -2.08 -30.03
N MET B 804 5.51 -2.15 -28.76
CA MET B 804 6.45 -2.48 -27.69
C MET B 804 6.97 -3.91 -27.79
N ALA B 805 6.36 -4.75 -28.61
CA ALA B 805 6.85 -6.11 -28.81
C ALA B 805 8.14 -6.10 -29.60
PG ATP C . 3.56 29.12 -10.70
O1G ATP C . 3.65 27.66 -10.41
O2G ATP C . 3.96 29.49 -12.13
O3G ATP C . 4.35 29.99 -9.72
PB ATP C . 1.16 30.84 -11.03
O1B ATP C . 1.63 32.12 -10.45
O2B ATP C . -0.29 30.47 -10.75
O3B ATP C . 2.06 29.63 -10.56
PA ATP C . 1.78 31.79 -13.76
O1A ATP C . 2.80 32.74 -13.27
O2A ATP C . 2.20 30.96 -14.96
O3A ATP C . 1.36 30.78 -12.61
O5' ATP C . 0.42 32.52 -14.09
C5' ATP C . -0.84 32.01 -13.59
C4' ATP C . -1.95 32.95 -13.98
O4' ATP C . -1.52 33.63 -15.18
C3' ATP C . -3.17 32.16 -14.44
O3' ATP C . -4.23 33.10 -14.58
C2' ATP C . -2.78 31.76 -15.86
O2' ATP C . -3.99 31.71 -16.60
C1' ATP C . -2.11 33.05 -16.34
N9 ATP C . -1.01 32.79 -17.26
C8 ATP C . 0.08 32.00 -17.03
N7 ATP C . 0.92 31.96 -18.04
C5 ATP C . 0.34 32.77 -18.99
C6 ATP C . 0.73 33.14 -20.29
N6 ATP C . 1.85 32.72 -20.88
N1 ATP C . -0.08 33.97 -20.98
C2 ATP C . -1.21 34.40 -20.40
N3 ATP C . -1.68 34.12 -19.17
C4 ATP C . -0.86 33.30 -18.53
H5'1 ATP C . -1.00 31.12 -13.96
H5'2 ATP C . -0.80 31.95 -12.63
H4' ATP C . -2.16 33.55 -13.27
H3' ATP C . -3.39 31.42 -13.86
HO3' ATP C . -4.94 32.72 -14.31
H2' ATP C . -2.23 30.97 -15.92
HO2' ATP C . -4.33 30.93 -16.46
H1' ATP C . -2.77 33.65 -16.74
H8 ATP C . 0.23 31.54 -16.24
HN61 ATP C . 2.28 32.04 -20.57
HN62 ATP C . 2.15 33.13 -21.57
H2 ATP C . -1.73 34.98 -20.91
PG ATP D . -10.00 -3.06 -29.42
O1G ATP D . -9.81 -2.72 -27.98
O2G ATP D . -10.76 -1.99 -30.21
O3G ATP D . -10.67 -4.41 -29.65
PB ATP D . -8.01 -3.13 -31.62
O1B ATP D . -8.52 -4.25 -32.45
O2B ATP D . -6.50 -3.03 -31.50
O3B ATP D . -8.61 -3.18 -30.15
PA ATP D . -9.36 -1.18 -33.38
O1A ATP D . -10.37 -2.15 -33.82
O2A ATP D . -9.90 0.19 -33.00
O3A ATP D . -8.55 -1.72 -32.13
O5' ATP D . -8.22 -0.98 -34.46
C5' ATP D . -6.82 -1.04 -34.09
C4' ATP D . -5.97 -0.91 -35.33
O4' ATP D . -6.75 -0.19 -36.31
C3' ATP D . -4.79 -0.01 -35.08
O3' ATP D . -3.93 -0.12 -36.21
C2' ATP D . -5.43 1.38 -35.17
O2' ATP D . -4.41 2.23 -35.68
C1' ATP D . -6.36 1.17 -36.36
N9 ATP D . -7.58 1.95 -36.23
C8 ATP D . -8.48 1.91 -35.20
N7 ATP D . -9.51 2.72 -35.35
C5 ATP D . -9.27 3.32 -36.58
C6 ATP D . -9.98 4.28 -37.33
N6 ATP D . -11.13 4.83 -36.92
N1 ATP D . -9.47 4.66 -38.51
C2 ATP D . -8.32 4.12 -38.92
N3 ATP D . -7.56 3.22 -38.31
C4 ATP D . -8.08 2.86 -37.14
H5'1 ATP D . -6.62 -0.32 -33.48
H5'2 ATP D . -6.64 -1.89 -33.67
H4' ATP D . -5.70 -1.79 -35.65
H3' ATP D . -4.33 -0.18 -34.24
HO3' ATP D . -3.13 -0.11 -35.92
H2' ATP D . -5.85 1.69 -34.35
HO2' ATP D . -3.95 2.48 -35.00
H1' ATP D . -5.90 1.38 -37.20
H8 ATP D . -8.37 1.38 -34.45
HN61 ATP D . -11.37 4.76 -36.09
HN62 ATP D . -11.64 5.24 -37.48
H2 ATP D . -8.01 4.42 -39.75
#